data_5LG9
#
_entry.id   5LG9
#
_entity_poly.entity_id   1
_entity_poly.type   'polypeptide(L)'
_entity_poly.pdbx_seq_one_letter_code
;EEKGAYLVFDNASNGTLFIVWKKEKVENALMFIKPTKEVPEFKFVNRNGKNELIRNLQSDKKLFYSGICQFVKEAKDIKG
KLTLLQHFDSSFPIKVDLYFLKGSKVMPLNTGEPFVVQDIDAMSVLPKGSSSLKVKTMAKDMFVSRGNTEGASISF
;
_entity_poly.pdbx_strand_id   A
#
# COMPACT_ATOMS: atom_id res chain seq x y z
N GLU A 1 15.08 7.51 0.57
CA GLU A 1 13.62 7.72 0.61
C GLU A 1 13.24 8.95 -0.20
N GLU A 2 14.22 9.79 -0.47
CA GLU A 2 14.05 10.98 -1.26
C GLU A 2 13.41 10.64 -2.61
N LYS A 3 13.93 9.61 -3.25
CA LYS A 3 13.33 9.11 -4.48
C LYS A 3 12.42 7.92 -4.18
N GLY A 4 11.17 8.06 -4.56
CA GLY A 4 10.19 7.02 -4.28
C GLY A 4 8.80 7.61 -4.16
N ALA A 5 7.88 6.85 -3.57
CA ALA A 5 6.50 7.31 -3.40
C ALA A 5 6.10 7.36 -1.94
N TYR A 6 5.16 8.22 -1.61
CA TYR A 6 4.68 8.38 -0.24
C TYR A 6 3.15 8.38 -0.18
N LEU A 7 2.61 7.59 0.73
CA LEU A 7 1.16 7.53 0.95
C LEU A 7 0.79 8.59 1.99
N VAL A 8 -0.06 9.50 1.61
CA VAL A 8 -0.43 10.60 2.48
C VAL A 8 -1.94 10.61 2.72
N PHE A 9 -2.34 11.06 3.90
CA PHE A 9 -3.75 11.24 4.22
C PHE A 9 -4.09 12.73 4.23
N ASP A 10 -5.17 13.08 3.55
CA ASP A 10 -5.61 14.47 3.52
C ASP A 10 -7.05 14.57 4.02
N ASN A 11 -7.41 15.73 4.53
CA ASN A 11 -8.74 15.96 5.10
C ASN A 11 -9.76 16.20 4.00
N ALA A 12 -9.31 16.22 2.76
CA ALA A 12 -10.20 16.33 1.61
C ALA A 12 -11.24 15.23 1.63
N SER A 13 -12.50 15.60 1.43
CA SER A 13 -13.60 14.65 1.42
C SER A 13 -13.68 13.88 2.74
N ASN A 14 -13.18 14.52 3.81
CA ASN A 14 -13.11 13.92 5.14
C ASN A 14 -12.27 12.64 5.12
N GLY A 15 -11.28 12.60 4.24
CA GLY A 15 -10.41 11.45 4.18
C GLY A 15 -10.04 11.09 2.76
N THR A 16 -8.84 11.46 2.35
CA THR A 16 -8.33 11.09 1.04
C THR A 16 -6.91 10.55 1.15
N LEU A 17 -6.57 9.61 0.27
CA LEU A 17 -5.21 9.12 0.19
C LEU A 17 -4.51 9.72 -1.01
N PHE A 18 -3.24 9.97 -0.84
CA PHE A 18 -2.43 10.63 -1.84
C PHE A 18 -1.11 9.91 -1.99
N ILE A 19 -0.75 9.57 -3.22
CA ILE A 19 0.55 9.00 -3.49
C ILE A 19 1.40 9.99 -4.27
N VAL A 20 2.46 10.43 -3.64
CA VAL A 20 3.37 11.37 -4.23
C VAL A 20 4.49 10.66 -4.99
N TRP A 21 4.61 10.96 -6.26
CA TRP A 21 5.77 10.50 -7.02
C TRP A 21 6.76 11.65 -7.14
N LYS A 22 7.83 11.55 -6.38
CA LYS A 22 8.76 12.65 -6.26
C LYS A 22 10.19 12.16 -6.14
N LYS A 23 11.09 13.12 -6.14
CA LYS A 23 12.51 12.87 -5.94
C LYS A 23 12.95 13.67 -4.73
N GLU A 24 11.97 13.97 -3.88
CA GLU A 24 12.18 14.75 -2.67
C GLU A 24 11.67 14.00 -1.44
N LYS A 25 11.96 14.57 -0.29
CA LYS A 25 11.58 13.99 0.99
C LYS A 25 10.23 14.51 1.47
N VAL A 26 9.19 13.69 1.25
CA VAL A 26 7.84 14.01 1.71
C VAL A 26 7.63 13.49 3.12
N GLU A 27 7.03 14.32 3.98
CA GLU A 27 6.77 13.93 5.36
C GLU A 27 5.27 13.80 5.62
N ASN A 28 4.93 13.34 6.83
CA ASN A 28 3.53 13.11 7.22
C ASN A 28 2.91 11.99 6.39
N ALA A 29 3.74 11.11 5.88
CA ALA A 29 3.28 9.99 5.08
C ALA A 29 3.02 8.77 5.95
N LEU A 30 2.05 7.96 5.55
CA LEU A 30 1.66 6.77 6.29
C LEU A 30 2.38 5.56 5.72
N MET A 31 2.76 5.65 4.44
CA MET A 31 3.43 4.56 3.75
C MET A 31 4.39 5.09 2.69
N PHE A 32 5.22 4.20 2.13
CA PHE A 32 6.27 4.60 1.20
C PHE A 32 6.52 3.49 0.17
N ILE A 33 7.05 3.89 -0.98
CA ILE A 33 7.42 2.95 -2.05
C ILE A 33 8.85 3.22 -2.47
N LYS A 34 9.65 2.17 -2.56
CA LYS A 34 11.03 2.32 -2.96
C LYS A 34 11.28 1.56 -4.26
N PRO A 35 11.52 2.27 -5.37
CA PRO A 35 11.84 1.66 -6.65
C PRO A 35 13.30 1.21 -6.73
N THR A 36 13.50 -0.01 -7.20
CA THR A 36 14.84 -0.54 -7.40
C THR A 36 15.40 -0.09 -8.73
N LYS A 37 14.57 -0.17 -9.75
CA LYS A 37 14.90 0.35 -11.07
C LYS A 37 14.35 1.76 -11.23
N GLU A 38 14.70 2.40 -12.35
CA GLU A 38 14.25 3.75 -12.65
C GLU A 38 12.74 3.87 -12.53
N VAL A 39 12.30 5.02 -12.05
CA VAL A 39 10.89 5.26 -11.87
C VAL A 39 10.31 5.97 -13.09
N PRO A 40 9.16 5.49 -13.57
CA PRO A 40 8.45 6.06 -14.72
C PRO A 40 8.34 7.57 -14.63
N GLU A 41 8.88 8.25 -15.64
CA GLU A 41 8.91 9.69 -15.67
C GLU A 41 7.54 10.28 -15.92
N PHE A 42 6.72 9.56 -16.68
CA PHE A 42 5.38 10.03 -17.02
C PHE A 42 4.50 10.13 -15.79
N LYS A 43 4.84 9.31 -14.80
CA LYS A 43 4.14 9.35 -13.53
C LYS A 43 4.54 10.58 -12.75
N PHE A 44 5.75 11.07 -13.00
CA PHE A 44 6.23 12.31 -12.40
C PHE A 44 5.63 13.51 -13.13
N VAL A 45 5.70 13.48 -14.46
CA VAL A 45 5.32 14.63 -15.28
C VAL A 45 3.81 14.77 -15.40
N ASN A 46 3.10 13.69 -15.71
CA ASN A 46 1.67 13.77 -15.96
C ASN A 46 0.89 14.04 -14.68
N ARG A 47 1.32 13.41 -13.61
CA ARG A 47 0.68 13.58 -12.32
C ARG A 47 1.25 14.77 -11.57
N ASN A 48 2.35 15.31 -12.08
CA ASN A 48 3.04 16.46 -11.49
C ASN A 48 3.54 16.12 -10.08
N GLY A 49 3.56 14.82 -9.79
CA GLY A 49 3.98 14.35 -8.50
C GLY A 49 2.81 14.11 -7.56
N LYS A 50 1.64 14.65 -7.92
CA LYS A 50 0.46 14.47 -7.08
C LYS A 50 -0.52 13.48 -7.72
N ASN A 51 -1.02 12.56 -6.92
CA ASN A 51 -2.08 11.69 -7.35
C ASN A 51 -2.95 11.31 -6.17
N GLU A 52 -4.22 11.66 -6.24
CA GLU A 52 -5.17 11.31 -5.21
C GLU A 52 -5.76 9.96 -5.52
N LEU A 53 -5.53 9.02 -4.62
CA LEU A 53 -5.87 7.64 -4.82
C LEU A 53 -7.33 7.38 -4.56
N ILE A 54 -7.73 7.57 -3.32
CA ILE A 54 -9.07 7.25 -2.89
C ILE A 54 -9.57 8.32 -1.92
N ARG A 55 -10.88 8.59 -1.94
CA ARG A 55 -11.41 9.69 -1.15
C ARG A 55 -12.62 9.26 -0.33
N ASN A 56 -13.07 10.16 0.53
CA ASN A 56 -14.22 9.94 1.42
C ASN A 56 -14.01 8.74 2.34
N LEU A 57 -12.80 8.63 2.90
CA LEU A 57 -12.46 7.53 3.79
C LEU A 57 -13.32 7.59 5.07
N GLN A 58 -13.88 8.75 5.32
CA GLN A 58 -14.79 8.97 6.44
C GLN A 58 -15.89 7.92 6.51
N SER A 59 -16.50 7.65 5.36
CA SER A 59 -17.70 6.82 5.30
C SER A 59 -17.40 5.37 5.66
N ASP A 60 -16.14 5.00 5.56
CA ASP A 60 -15.75 3.62 5.77
C ASP A 60 -14.24 3.50 5.91
N LYS A 61 -13.81 2.98 7.05
CA LYS A 61 -12.39 2.87 7.35
C LYS A 61 -11.70 1.92 6.37
N LYS A 62 -12.47 1.01 5.80
CA LYS A 62 -11.94 0.01 4.89
C LYS A 62 -11.49 0.64 3.58
N LEU A 63 -12.05 1.79 3.26
CA LEU A 63 -11.62 2.55 2.09
C LEU A 63 -10.13 2.89 2.18
N PHE A 64 -9.66 3.19 3.38
CA PHE A 64 -8.23 3.42 3.58
C PHE A 64 -7.44 2.17 3.22
N TYR A 65 -8.00 1.01 3.55
CA TYR A 65 -7.34 -0.27 3.25
C TYR A 65 -7.20 -0.39 1.73
N SER A 66 -8.33 -0.25 1.05
CA SER A 66 -8.37 -0.29 -0.40
C SER A 66 -7.43 0.76 -1.01
N GLY A 67 -7.41 1.95 -0.45
CA GLY A 67 -6.50 2.97 -0.92
C GLY A 67 -5.05 2.54 -0.83
N ILE A 68 -4.75 1.76 0.21
CA ILE A 68 -3.42 1.21 0.40
C ILE A 68 -3.07 0.22 -0.71
N CYS A 69 -4.02 -0.63 -1.13
CA CYS A 69 -3.75 -1.59 -2.20
C CYS A 69 -3.47 -0.84 -3.49
N GLN A 70 -4.19 0.27 -3.66
CA GLN A 70 -4.01 1.14 -4.81
C GLN A 70 -2.61 1.78 -4.76
N PHE A 71 -2.11 1.97 -3.55
CA PHE A 71 -0.80 2.55 -3.34
C PHE A 71 0.30 1.54 -3.68
N VAL A 72 0.19 0.33 -3.15
CA VAL A 72 1.19 -0.71 -3.43
C VAL A 72 1.07 -1.16 -4.87
N LYS A 73 -0.12 -0.95 -5.43
CA LYS A 73 -0.36 -1.20 -6.85
C LYS A 73 0.67 -0.47 -7.70
N GLU A 74 0.96 0.77 -7.31
CA GLU A 74 1.94 1.58 -8.01
C GLU A 74 3.32 0.95 -7.86
N ALA A 75 3.61 0.48 -6.67
CA ALA A 75 4.89 -0.17 -6.38
C ALA A 75 5.05 -1.45 -7.20
N LYS A 76 3.98 -2.20 -7.33
CA LYS A 76 4.00 -3.44 -8.08
C LYS A 76 3.98 -3.14 -9.57
N ASP A 77 3.55 -1.94 -9.91
CA ASP A 77 3.51 -1.50 -11.29
C ASP A 77 4.89 -1.11 -11.79
N ILE A 78 5.62 -0.31 -11.01
CA ILE A 78 6.97 0.14 -11.41
C ILE A 78 8.00 -0.91 -11.02
N LYS A 79 7.51 -1.85 -10.22
CA LYS A 79 8.29 -3.00 -9.78
C LYS A 79 9.34 -2.60 -8.75
N GLY A 80 8.86 -1.95 -7.70
CA GLY A 80 9.73 -1.56 -6.62
C GLY A 80 9.48 -2.36 -5.35
N LYS A 81 9.65 -1.69 -4.22
CA LYS A 81 9.42 -2.28 -2.91
C LYS A 81 8.37 -1.47 -2.16
N LEU A 82 7.66 -2.09 -1.25
CA LEU A 82 6.64 -1.40 -0.49
C LEU A 82 7.08 -1.24 0.97
N THR A 83 6.91 -0.05 1.50
CA THR A 83 7.24 0.25 2.89
C THR A 83 6.02 0.77 3.62
N LEU A 84 5.67 0.14 4.72
CA LEU A 84 4.59 0.61 5.56
C LEU A 84 5.15 1.40 6.73
N LEU A 85 4.99 2.71 6.69
CA LEU A 85 5.46 3.58 7.77
C LEU A 85 4.55 3.46 8.98
N GLN A 86 5.09 3.66 10.16
CA GLN A 86 4.27 3.62 11.37
C GLN A 86 4.38 4.94 12.10
N HIS A 87 3.23 5.44 12.54
CA HIS A 87 3.10 6.77 13.14
C HIS A 87 1.64 7.20 13.08
N PHE A 88 1.08 7.13 11.86
CA PHE A 88 -0.31 7.49 11.61
C PHE A 88 -1.25 6.73 12.53
N ASP A 89 -0.93 5.47 12.81
CA ASP A 89 -1.82 4.58 13.55
C ASP A 89 -2.02 5.06 14.99
N SER A 90 -1.14 5.93 15.45
CA SER A 90 -1.25 6.48 16.80
C SER A 90 -2.26 7.63 16.84
N SER A 91 -2.57 8.18 15.67
CA SER A 91 -3.47 9.32 15.58
C SER A 91 -4.72 8.96 14.76
N PHE A 92 -4.52 8.13 13.76
CA PHE A 92 -5.59 7.72 12.85
C PHE A 92 -6.17 6.39 13.35
N PRO A 93 -7.51 6.28 13.39
CA PRO A 93 -8.19 5.11 13.98
C PRO A 93 -8.08 3.83 13.15
N ILE A 94 -7.08 3.76 12.27
CA ILE A 94 -6.86 2.56 11.48
C ILE A 94 -5.44 2.05 11.64
N LYS A 95 -5.31 0.87 12.22
CA LYS A 95 -4.02 0.22 12.36
C LYS A 95 -4.06 -1.15 11.72
N VAL A 96 -3.23 -1.34 10.70
CA VAL A 96 -3.28 -2.55 9.88
C VAL A 96 -1.88 -3.04 9.54
N ASP A 97 -1.80 -4.26 9.02
CA ASP A 97 -0.53 -4.79 8.53
C ASP A 97 -0.73 -5.52 7.21
N LEU A 98 0.14 -5.23 6.26
CA LEU A 98 0.00 -5.65 4.88
C LEU A 98 0.62 -7.02 4.63
N TYR A 99 0.05 -7.75 3.67
CA TYR A 99 0.54 -9.08 3.32
C TYR A 99 0.72 -9.19 1.80
N PHE A 100 1.78 -9.87 1.39
CA PHE A 100 1.98 -10.18 -0.03
C PHE A 100 1.90 -11.68 -0.25
N LEU A 101 1.52 -12.06 -1.44
CA LEU A 101 1.51 -13.45 -1.86
C LEU A 101 2.63 -13.65 -2.87
N LYS A 102 3.51 -14.60 -2.62
CA LYS A 102 4.57 -14.94 -3.57
C LYS A 102 4.65 -16.45 -3.76
N GLY A 103 4.30 -16.90 -4.95
CA GLY A 103 4.31 -18.32 -5.24
C GLY A 103 3.18 -19.02 -4.54
N SER A 104 3.51 -19.81 -3.54
CA SER A 104 2.49 -20.41 -2.70
C SER A 104 2.68 -19.95 -1.26
N LYS A 105 3.58 -19.00 -1.07
CA LYS A 105 3.88 -18.52 0.27
C LYS A 105 3.35 -17.10 0.47
N VAL A 106 2.84 -16.86 1.65
CA VAL A 106 2.37 -15.54 2.03
C VAL A 106 3.39 -14.88 2.96
N MET A 107 3.64 -13.60 2.74
CA MET A 107 4.62 -12.85 3.51
C MET A 107 4.05 -11.52 3.97
N PRO A 108 4.07 -11.25 5.28
CA PRO A 108 3.61 -9.98 5.83
C PRO A 108 4.64 -8.88 5.63
N LEU A 109 4.18 -7.64 5.70
CA LEU A 109 5.04 -6.48 5.50
C LEU A 109 5.75 -6.13 6.80
N ASN A 110 7.03 -5.83 6.70
CA ASN A 110 7.79 -5.39 7.86
C ASN A 110 7.67 -3.89 7.96
N THR A 111 7.28 -3.43 9.15
CA THR A 111 7.01 -2.02 9.36
C THR A 111 8.23 -1.15 9.03
N GLY A 112 8.04 -0.21 8.12
CA GLY A 112 9.09 0.70 7.74
C GLY A 112 10.22 0.03 6.98
N GLU A 113 9.94 -1.12 6.40
CA GLU A 113 10.91 -1.83 5.61
C GLU A 113 10.43 -1.95 4.17
N PRO A 114 11.28 -1.59 3.20
CA PRO A 114 11.00 -1.83 1.79
C PRO A 114 10.96 -3.33 1.51
N PHE A 115 9.79 -3.81 1.16
CA PHE A 115 9.58 -5.23 0.99
C PHE A 115 9.16 -5.53 -0.45
N VAL A 116 9.62 -6.69 -0.96
CA VAL A 116 9.41 -7.08 -2.35
C VAL A 116 7.94 -7.11 -2.73
N VAL A 117 7.56 -6.21 -3.64
CA VAL A 117 6.20 -6.14 -4.14
C VAL A 117 6.18 -6.32 -5.66
N GLN A 118 7.34 -6.23 -6.27
CA GLN A 118 7.46 -6.22 -7.71
C GLN A 118 6.89 -7.49 -8.37
N ASP A 119 7.37 -8.64 -7.96
CA ASP A 119 6.95 -9.89 -8.58
C ASP A 119 6.04 -10.70 -7.66
N ILE A 120 5.15 -10.01 -6.96
CA ILE A 120 4.17 -10.69 -6.12
C ILE A 120 3.08 -11.33 -6.97
N ASP A 121 2.40 -12.30 -6.37
CA ASP A 121 1.23 -12.91 -6.98
C ASP A 121 0.01 -12.08 -6.65
N ALA A 122 -0.09 -11.69 -5.40
CA ALA A 122 -1.21 -10.90 -4.93
C ALA A 122 -0.83 -10.11 -3.68
N MET A 123 -1.60 -9.09 -3.36
CA MET A 123 -1.41 -8.31 -2.15
C MET A 123 -2.76 -8.02 -1.50
N SER A 124 -2.76 -7.80 -0.20
CA SER A 124 -3.98 -7.44 0.53
C SER A 124 -3.63 -6.58 1.72
N VAL A 125 -4.62 -5.84 2.20
CA VAL A 125 -4.45 -5.04 3.39
C VAL A 125 -5.30 -5.61 4.51
N LEU A 126 -4.64 -6.24 5.45
CA LEU A 126 -5.32 -6.83 6.58
C LEU A 126 -5.12 -5.97 7.81
N PRO A 127 -6.10 -5.97 8.72
CA PRO A 127 -5.98 -5.33 10.01
C PRO A 127 -5.16 -6.18 10.97
N LYS A 128 -4.78 -5.62 12.10
CA LYS A 128 -4.05 -6.37 13.15
C LYS A 128 -4.54 -7.82 13.26
N GLY A 129 -5.86 -8.03 13.10
CA GLY A 129 -6.39 -9.37 12.97
C GLY A 129 -6.15 -9.93 11.57
N SER A 130 -4.87 -10.02 11.22
CA SER A 130 -4.44 -10.39 9.87
C SER A 130 -4.34 -11.89 9.70
N SER A 131 -4.61 -12.64 10.76
CA SER A 131 -4.47 -14.10 10.76
C SER A 131 -5.32 -14.76 9.66
N SER A 132 -6.15 -13.97 8.98
CA SER A 132 -6.86 -14.45 7.79
C SER A 132 -5.88 -15.04 6.78
N LEU A 133 -4.78 -14.34 6.55
CA LEU A 133 -3.80 -14.76 5.57
C LEU A 133 -2.45 -15.10 6.23
N LYS A 134 -2.45 -15.19 7.55
CA LYS A 134 -1.22 -15.45 8.29
C LYS A 134 -0.99 -16.96 8.46
N VAL A 135 -0.50 -17.59 7.41
CA VAL A 135 -0.26 -19.03 7.43
C VAL A 135 1.08 -19.34 6.75
N LYS A 136 1.57 -20.56 6.87
CA LYS A 136 2.86 -20.94 6.29
C LYS A 136 2.82 -20.81 4.76
N THR A 137 1.74 -21.29 4.18
CA THR A 137 1.57 -21.27 2.72
C THR A 137 0.13 -20.96 2.37
N MET A 138 -0.08 -20.31 1.24
CA MET A 138 -1.39 -19.79 0.92
C MET A 138 -1.72 -19.91 -0.56
N ALA A 139 -3.02 -19.90 -0.87
CA ALA A 139 -3.50 -19.87 -2.24
C ALA A 139 -3.66 -18.42 -2.71
N LYS A 140 -3.17 -18.16 -3.92
CA LYS A 140 -3.27 -16.83 -4.53
C LYS A 140 -4.72 -16.42 -4.71
N ASP A 141 -5.58 -17.41 -4.93
CA ASP A 141 -7.01 -17.16 -5.13
C ASP A 141 -7.66 -16.78 -3.82
N MET A 142 -7.26 -17.49 -2.77
CA MET A 142 -7.77 -17.23 -1.43
C MET A 142 -7.29 -15.88 -0.94
N PHE A 143 -6.04 -15.56 -1.24
CA PHE A 143 -5.40 -14.35 -0.73
C PHE A 143 -6.24 -13.11 -1.03
N VAL A 144 -6.62 -12.96 -2.29
CA VAL A 144 -7.42 -11.82 -2.69
C VAL A 144 -8.83 -11.88 -2.12
N SER A 145 -9.45 -13.04 -2.18
CA SER A 145 -10.81 -13.18 -1.68
C SER A 145 -10.87 -12.92 -0.17
N ARG A 146 -9.84 -13.36 0.53
CA ARG A 146 -9.71 -13.11 1.97
C ARG A 146 -9.47 -11.63 2.23
N GLY A 147 -8.49 -11.06 1.55
CA GLY A 147 -8.18 -9.66 1.73
C GLY A 147 -9.35 -8.78 1.38
N ASN A 148 -10.10 -9.16 0.35
CA ASN A 148 -11.27 -8.42 -0.07
C ASN A 148 -12.33 -8.39 1.03
N THR A 149 -12.50 -9.51 1.75
CA THR A 149 -13.47 -9.56 2.83
C THR A 149 -12.89 -8.85 4.06
N GLU A 150 -11.57 -8.75 4.11
CA GLU A 150 -10.88 -7.89 5.07
C GLU A 150 -11.02 -6.43 4.64
N GLY A 151 -11.44 -6.26 3.40
CA GLY A 151 -11.76 -4.97 2.85
C GLY A 151 -10.76 -4.45 1.83
N ALA A 152 -9.58 -5.06 1.72
CA ALA A 152 -8.67 -4.69 0.64
C ALA A 152 -7.88 -5.87 0.10
N SER A 153 -7.97 -6.09 -1.20
CA SER A 153 -7.07 -7.01 -1.88
C SER A 153 -6.76 -6.52 -3.29
N ILE A 154 -5.64 -7.01 -3.82
CA ILE A 154 -5.22 -6.65 -5.16
C ILE A 154 -4.30 -7.75 -5.72
N SER A 155 -4.74 -8.41 -6.77
CA SER A 155 -4.04 -9.58 -7.27
C SER A 155 -3.68 -9.45 -8.75
N PHE A 156 -2.54 -10.03 -9.12
CA PHE A 156 -2.14 -10.10 -10.52
C PHE A 156 -3.05 -11.07 -11.27
N GLU A 1 16.60 6.78 0.29
CA GLU A 1 15.39 6.56 1.11
C GLU A 1 14.33 7.61 0.78
N GLU A 2 14.74 8.59 -0.02
CA GLU A 2 13.88 9.72 -0.35
C GLU A 2 13.11 9.44 -1.64
N LYS A 3 13.83 9.05 -2.68
CA LYS A 3 13.22 8.80 -3.98
C LYS A 3 12.26 7.63 -3.91
N GLY A 4 11.08 7.82 -4.46
CA GLY A 4 10.07 6.79 -4.38
C GLY A 4 8.68 7.38 -4.38
N ALA A 5 7.74 6.68 -3.75
CA ALA A 5 6.39 7.21 -3.58
C ALA A 5 6.01 7.22 -2.11
N TYR A 6 5.13 8.12 -1.73
CA TYR A 6 4.68 8.22 -0.34
C TYR A 6 3.16 8.25 -0.27
N LEU A 7 2.60 7.46 0.63
CA LEU A 7 1.16 7.45 0.88
C LEU A 7 0.84 8.51 1.90
N VAL A 8 0.04 9.48 1.53
CA VAL A 8 -0.25 10.60 2.39
C VAL A 8 -1.74 10.65 2.70
N PHE A 9 -2.07 11.12 3.89
CA PHE A 9 -3.45 11.37 4.27
C PHE A 9 -3.75 12.85 4.10
N ASP A 10 -4.83 13.15 3.42
CA ASP A 10 -5.22 14.53 3.19
C ASP A 10 -6.62 14.79 3.74
N ASN A 11 -6.88 16.04 4.10
CA ASN A 11 -8.14 16.39 4.76
C ASN A 11 -9.27 16.60 3.76
N ALA A 12 -8.98 16.43 2.48
CA ALA A 12 -10.01 16.45 1.45
C ALA A 12 -11.05 15.37 1.73
N SER A 13 -12.31 15.78 1.79
CA SER A 13 -13.40 14.85 2.08
C SER A 13 -13.20 14.18 3.44
N ASN A 14 -12.46 14.86 4.32
CA ASN A 14 -12.16 14.38 5.67
C ASN A 14 -11.46 13.03 5.62
N GLY A 15 -10.71 12.79 4.56
CA GLY A 15 -9.97 11.57 4.43
C GLY A 15 -9.70 11.21 2.99
N THR A 16 -8.51 11.51 2.53
CA THR A 16 -8.10 11.13 1.19
C THR A 16 -6.70 10.55 1.24
N LEU A 17 -6.41 9.62 0.35
CA LEU A 17 -5.08 9.07 0.23
C LEU A 17 -4.40 9.66 -0.98
N PHE A 18 -3.13 9.95 -0.83
CA PHE A 18 -2.36 10.63 -1.84
C PHE A 18 -1.05 9.90 -2.04
N ILE A 19 -0.74 9.57 -3.28
CA ILE A 19 0.54 8.99 -3.61
C ILE A 19 1.41 10.03 -4.33
N VAL A 20 2.47 10.43 -3.66
CA VAL A 20 3.36 11.42 -4.19
C VAL A 20 4.49 10.76 -4.99
N TRP A 21 4.67 11.21 -6.21
CA TRP A 21 5.80 10.77 -7.02
C TRP A 21 6.84 11.87 -7.06
N LYS A 22 7.98 11.62 -6.44
CA LYS A 22 8.99 12.63 -6.24
C LYS A 22 10.39 12.01 -6.21
N LYS A 23 11.38 12.89 -6.12
CA LYS A 23 12.78 12.48 -6.05
C LYS A 23 13.31 12.85 -4.68
N GLU A 24 12.41 13.35 -3.85
CA GLU A 24 12.74 13.91 -2.54
C GLU A 24 11.97 13.21 -1.44
N LYS A 25 12.21 13.60 -0.20
CA LYS A 25 11.49 13.02 0.93
C LYS A 25 10.15 13.71 1.16
N VAL A 26 9.13 12.92 1.46
CA VAL A 26 7.81 13.45 1.78
C VAL A 26 7.39 12.98 3.17
N GLU A 27 7.44 13.89 4.14
CA GLU A 27 6.96 13.59 5.48
C GLU A 27 5.43 13.51 5.53
N ASN A 28 4.90 13.18 6.71
CA ASN A 28 3.46 13.11 6.94
C ASN A 28 2.84 11.96 6.14
N ALA A 29 3.67 11.01 5.75
CA ALA A 29 3.21 9.89 4.95
C ALA A 29 3.04 8.64 5.80
N LEU A 30 2.04 7.85 5.46
CA LEU A 30 1.69 6.66 6.23
C LEU A 30 2.39 5.44 5.64
N MET A 31 2.76 5.54 4.38
CA MET A 31 3.40 4.45 3.66
C MET A 31 4.36 4.97 2.60
N PHE A 32 5.16 4.09 2.02
CA PHE A 32 6.19 4.48 1.07
C PHE A 32 6.44 3.38 0.04
N ILE A 33 6.95 3.77 -1.11
CA ILE A 33 7.31 2.85 -2.19
C ILE A 33 8.74 3.10 -2.61
N LYS A 34 9.57 2.08 -2.59
CA LYS A 34 10.97 2.25 -2.98
C LYS A 34 11.21 1.48 -4.28
N PRO A 35 11.42 2.18 -5.40
CA PRO A 35 11.67 1.55 -6.68
C PRO A 35 13.09 0.98 -6.78
N THR A 36 13.19 -0.22 -7.35
CA THR A 36 14.49 -0.84 -7.59
C THR A 36 15.15 -0.18 -8.78
N LYS A 37 14.39 -0.10 -9.86
CA LYS A 37 14.79 0.63 -11.04
C LYS A 37 14.34 2.07 -10.89
N GLU A 38 14.73 2.94 -11.81
CA GLU A 38 14.24 4.32 -11.78
C GLU A 38 12.76 4.34 -12.15
N VAL A 39 12.04 5.25 -11.53
CA VAL A 39 10.60 5.30 -11.67
C VAL A 39 10.22 6.05 -12.93
N PRO A 40 9.17 5.56 -13.62
CA PRO A 40 8.64 6.13 -14.85
C PRO A 40 8.60 7.66 -14.82
N GLU A 41 9.29 8.28 -15.76
CA GLU A 41 9.46 9.72 -15.77
C GLU A 41 8.18 10.45 -16.09
N PHE A 42 7.38 9.90 -17.00
CA PHE A 42 6.19 10.58 -17.46
C PHE A 42 5.11 10.53 -16.39
N LYS A 43 5.24 9.58 -15.48
CA LYS A 43 4.32 9.48 -14.35
C LYS A 43 4.45 10.68 -13.43
N PHE A 44 5.64 11.27 -13.42
CA PHE A 44 5.90 12.45 -12.61
C PHE A 44 5.22 13.66 -13.21
N VAL A 45 5.52 13.93 -14.47
CA VAL A 45 5.01 15.11 -15.15
C VAL A 45 3.49 15.03 -15.35
N ASN A 46 3.00 13.84 -15.64
CA ASN A 46 1.60 13.67 -15.96
C ASN A 46 0.72 13.88 -14.72
N ARG A 47 1.17 13.37 -13.58
CA ARG A 47 0.42 13.53 -12.34
C ARG A 47 0.84 14.81 -11.62
N ASN A 48 1.87 15.47 -12.15
CA ASN A 48 2.47 16.65 -11.52
C ASN A 48 3.11 16.25 -10.19
N GLY A 49 3.29 14.94 -10.02
CA GLY A 49 3.84 14.39 -8.81
C GLY A 49 2.79 14.19 -7.73
N LYS A 50 1.62 14.80 -7.93
CA LYS A 50 0.54 14.69 -6.98
C LYS A 50 -0.58 13.82 -7.53
N ASN A 51 -0.96 12.79 -6.80
CA ASN A 51 -2.03 11.92 -7.25
C ASN A 51 -2.92 11.49 -6.09
N GLU A 52 -4.18 11.85 -6.16
CA GLU A 52 -5.14 11.45 -5.14
C GLU A 52 -5.73 10.09 -5.50
N LEU A 53 -5.56 9.16 -4.58
CA LEU A 53 -5.96 7.78 -4.78
C LEU A 53 -7.43 7.57 -4.48
N ILE A 54 -7.80 7.79 -3.23
CA ILE A 54 -9.13 7.49 -2.77
C ILE A 54 -9.56 8.52 -1.73
N ARG A 55 -10.85 8.85 -1.68
CA ARG A 55 -11.31 9.92 -0.82
C ARG A 55 -12.53 9.50 0.02
N ASN A 56 -12.90 10.37 0.95
CA ASN A 56 -14.06 10.18 1.82
C ASN A 56 -13.84 8.98 2.76
N LEU A 57 -12.63 8.90 3.29
CA LEU A 57 -12.28 7.83 4.23
C LEU A 57 -13.03 8.00 5.54
N GLN A 58 -13.50 9.22 5.78
CA GLN A 58 -14.30 9.54 6.96
C GLN A 58 -15.51 8.64 7.08
N SER A 59 -16.19 8.48 5.97
CA SER A 59 -17.49 7.84 5.95
C SER A 59 -17.37 6.33 5.93
N ASP A 60 -16.18 5.84 5.63
CA ASP A 60 -15.92 4.42 5.58
C ASP A 60 -14.43 4.14 5.67
N LYS A 61 -14.04 3.45 6.73
CA LYS A 61 -12.63 3.19 7.00
C LYS A 61 -12.03 2.24 5.99
N LYS A 62 -12.86 1.33 5.51
CA LYS A 62 -12.41 0.29 4.59
C LYS A 62 -11.85 0.88 3.30
N LEU A 63 -12.29 2.10 2.98
CA LEU A 63 -11.75 2.83 1.85
C LEU A 63 -10.24 3.06 2.01
N PHE A 64 -9.81 3.37 3.23
CA PHE A 64 -8.38 3.53 3.51
C PHE A 64 -7.65 2.22 3.24
N TYR A 65 -8.32 1.10 3.55
CA TYR A 65 -7.72 -0.21 3.36
C TYR A 65 -7.34 -0.42 1.90
N SER A 66 -8.33 -0.29 1.03
CA SER A 66 -8.14 -0.48 -0.40
C SER A 66 -7.29 0.63 -0.99
N GLY A 67 -7.38 1.83 -0.44
CA GLY A 67 -6.52 2.90 -0.89
C GLY A 67 -5.06 2.51 -0.76
N ILE A 68 -4.77 1.71 0.27
CA ILE A 68 -3.47 1.15 0.47
C ILE A 68 -3.10 0.19 -0.66
N CYS A 69 -4.00 -0.73 -1.02
CA CYS A 69 -3.70 -1.70 -2.07
C CYS A 69 -3.50 -0.99 -3.39
N GLN A 70 -4.29 0.05 -3.61
CA GLN A 70 -4.14 0.89 -4.79
C GLN A 70 -2.79 1.61 -4.78
N PHE A 71 -2.27 1.85 -3.58
CA PHE A 71 -0.95 2.44 -3.40
C PHE A 71 0.15 1.42 -3.71
N VAL A 72 0.04 0.22 -3.11
CA VAL A 72 1.02 -0.83 -3.33
C VAL A 72 1.01 -1.26 -4.78
N LYS A 73 -0.14 -1.08 -5.42
CA LYS A 73 -0.30 -1.37 -6.83
C LYS A 73 0.74 -0.62 -7.65
N GLU A 74 0.93 0.65 -7.32
CA GLU A 74 1.86 1.48 -8.06
C GLU A 74 3.28 0.92 -7.90
N ALA A 75 3.54 0.32 -6.75
CA ALA A 75 4.84 -0.28 -6.48
C ALA A 75 5.04 -1.55 -7.29
N LYS A 76 3.97 -2.32 -7.46
CA LYS A 76 4.02 -3.54 -8.25
C LYS A 76 4.02 -3.19 -9.73
N ASP A 77 3.56 -1.99 -10.02
CA ASP A 77 3.50 -1.46 -11.38
C ASP A 77 4.89 -1.07 -11.87
N ILE A 78 5.63 -0.31 -11.07
CA ILE A 78 6.96 0.15 -11.49
C ILE A 78 8.01 -0.88 -11.14
N LYS A 79 7.55 -1.85 -10.36
CA LYS A 79 8.36 -2.98 -9.92
C LYS A 79 9.37 -2.55 -8.88
N GLY A 80 8.88 -1.99 -7.79
CA GLY A 80 9.74 -1.62 -6.69
C GLY A 80 9.47 -2.40 -5.42
N LYS A 81 9.59 -1.71 -4.30
CA LYS A 81 9.36 -2.28 -2.98
C LYS A 81 8.27 -1.49 -2.28
N LEU A 82 7.59 -2.11 -1.32
CA LEU A 82 6.56 -1.44 -0.57
C LEU A 82 6.98 -1.29 0.88
N THR A 83 6.78 -0.11 1.44
CA THR A 83 7.13 0.19 2.81
C THR A 83 5.91 0.68 3.59
N LEU A 84 5.67 0.06 4.74
CA LEU A 84 4.61 0.49 5.63
C LEU A 84 5.21 1.36 6.74
N LEU A 85 4.93 2.65 6.70
CA LEU A 85 5.42 3.56 7.73
C LEU A 85 4.51 3.49 8.94
N GLN A 86 5.07 3.69 10.12
CA GLN A 86 4.28 3.65 11.33
C GLN A 86 4.40 4.95 12.10
N HIS A 87 3.25 5.44 12.58
CA HIS A 87 3.12 6.67 13.34
C HIS A 87 1.69 7.19 13.23
N PHE A 88 1.16 7.19 12.01
CA PHE A 88 -0.19 7.70 11.77
C PHE A 88 -1.23 6.67 12.20
N ASP A 89 -0.81 5.42 12.22
CA ASP A 89 -1.68 4.31 12.62
C ASP A 89 -2.00 4.41 14.12
N SER A 90 -1.24 5.22 14.82
CA SER A 90 -1.48 5.47 16.24
C SER A 90 -2.35 6.71 16.42
N SER A 91 -2.40 7.54 15.39
CA SER A 91 -3.16 8.79 15.44
C SER A 91 -4.55 8.60 14.84
N PHE A 92 -4.62 7.79 13.78
CA PHE A 92 -5.87 7.51 13.11
C PHE A 92 -6.43 6.19 13.61
N PRO A 93 -7.75 6.06 13.74
CA PRO A 93 -8.40 4.84 14.25
C PRO A 93 -8.44 3.69 13.23
N ILE A 94 -7.52 3.67 12.27
CA ILE A 94 -7.42 2.53 11.37
C ILE A 94 -6.08 1.84 11.51
N LYS A 95 -6.12 0.62 12.01
CA LYS A 95 -4.93 -0.20 12.15
C LYS A 95 -5.06 -1.45 11.30
N VAL A 96 -4.01 -1.77 10.57
CA VAL A 96 -4.03 -2.88 9.62
C VAL A 96 -2.63 -3.47 9.45
N ASP A 97 -2.56 -4.63 8.81
CA ASP A 97 -1.30 -5.24 8.46
C ASP A 97 -1.30 -5.64 7.00
N LEU A 98 -0.20 -5.34 6.31
CA LEU A 98 -0.06 -5.64 4.90
C LEU A 98 0.59 -7.00 4.71
N TYR A 99 0.03 -7.81 3.83
CA TYR A 99 0.58 -9.13 3.54
C TYR A 99 0.79 -9.30 2.04
N PHE A 100 1.88 -9.95 1.67
CA PHE A 100 2.15 -10.23 0.27
C PHE A 100 2.10 -11.72 -0.01
N LEU A 101 1.59 -12.06 -1.18
CA LEU A 101 1.58 -13.42 -1.68
C LEU A 101 2.67 -13.54 -2.74
N LYS A 102 3.61 -14.46 -2.56
CA LYS A 102 4.64 -14.68 -3.57
C LYS A 102 4.84 -16.16 -3.84
N GLY A 103 4.45 -16.59 -5.02
CA GLY A 103 4.52 -17.99 -5.37
C GLY A 103 3.42 -18.76 -4.70
N SER A 104 3.77 -19.53 -3.69
CA SER A 104 2.78 -20.20 -2.87
C SER A 104 2.89 -19.73 -1.43
N LYS A 105 3.92 -18.95 -1.12
CA LYS A 105 4.14 -18.53 0.24
C LYS A 105 3.67 -17.10 0.45
N VAL A 106 3.17 -16.85 1.63
CA VAL A 106 2.70 -15.52 2.02
C VAL A 106 3.64 -14.91 3.06
N MET A 107 3.95 -13.64 2.89
CA MET A 107 4.85 -12.92 3.80
C MET A 107 4.32 -11.53 4.10
N PRO A 108 4.19 -11.19 5.40
CA PRO A 108 3.70 -9.88 5.83
C PRO A 108 4.75 -8.77 5.67
N LEU A 109 4.27 -7.53 5.64
CA LEU A 109 5.13 -6.38 5.43
C LEU A 109 5.76 -5.94 6.76
N ASN A 110 7.04 -5.64 6.72
CA ASN A 110 7.75 -5.16 7.90
C ASN A 110 7.67 -3.64 7.98
N THR A 111 7.47 -3.13 9.18
CA THR A 111 7.32 -1.71 9.41
C THR A 111 8.56 -0.91 8.97
N GLY A 112 8.34 0.00 8.03
CA GLY A 112 9.39 0.89 7.56
C GLY A 112 10.45 0.19 6.73
N GLU A 113 10.14 -1.01 6.27
CA GLU A 113 11.07 -1.77 5.45
C GLU A 113 10.54 -1.89 4.04
N PRO A 114 11.31 -1.44 3.04
CA PRO A 114 10.99 -1.67 1.64
C PRO A 114 11.02 -3.16 1.34
N PHE A 115 9.85 -3.71 1.06
CA PHE A 115 9.69 -5.14 0.91
C PHE A 115 9.24 -5.48 -0.50
N VAL A 116 9.73 -6.60 -1.02
CA VAL A 116 9.52 -6.99 -2.41
C VAL A 116 8.04 -7.05 -2.79
N VAL A 117 7.64 -6.14 -3.66
CA VAL A 117 6.28 -6.10 -4.18
C VAL A 117 6.28 -6.27 -5.70
N GLN A 118 7.45 -6.05 -6.29
CA GLN A 118 7.59 -6.03 -7.74
C GLN A 118 7.09 -7.32 -8.39
N ASP A 119 7.59 -8.45 -7.95
CA ASP A 119 7.19 -9.72 -8.51
C ASP A 119 6.44 -10.55 -7.48
N ILE A 120 5.26 -10.06 -7.11
CA ILE A 120 4.41 -10.79 -6.20
C ILE A 120 3.26 -11.42 -6.95
N ASP A 121 2.47 -12.21 -6.26
CA ASP A 121 1.26 -12.77 -6.81
C ASP A 121 0.08 -11.91 -6.44
N ALA A 122 0.01 -11.56 -5.16
CA ALA A 122 -1.08 -10.74 -4.66
C ALA A 122 -0.66 -10.01 -3.39
N MET A 123 -1.40 -8.95 -3.08
CA MET A 123 -1.26 -8.27 -1.80
C MET A 123 -2.65 -8.04 -1.18
N SER A 124 -2.73 -8.03 0.14
CA SER A 124 -3.99 -7.74 0.82
C SER A 124 -3.73 -6.95 2.10
N VAL A 125 -4.75 -6.23 2.56
CA VAL A 125 -4.64 -5.45 3.78
C VAL A 125 -5.69 -5.91 4.78
N LEU A 126 -5.26 -6.57 5.85
CA LEU A 126 -6.20 -7.05 6.87
C LEU A 126 -6.09 -6.18 8.12
N PRO A 127 -7.21 -5.86 8.77
CA PRO A 127 -7.21 -5.09 10.01
C PRO A 127 -6.96 -5.94 11.25
N LYS A 128 -5.91 -5.58 12.00
CA LYS A 128 -5.52 -6.24 13.26
C LYS A 128 -5.35 -7.76 13.13
N GLY A 129 -6.46 -8.48 13.07
CA GLY A 129 -6.41 -9.93 12.89
C GLY A 129 -5.99 -10.29 11.47
N SER A 130 -4.75 -9.96 11.14
CA SER A 130 -4.19 -10.20 9.84
C SER A 130 -3.89 -11.68 9.65
N SER A 131 -4.08 -12.45 10.71
CA SER A 131 -3.87 -13.90 10.69
C SER A 131 -4.72 -14.58 9.62
N SER A 132 -5.68 -13.84 9.06
CA SER A 132 -6.46 -14.28 7.92
C SER A 132 -5.55 -14.81 6.82
N LEU A 133 -4.45 -14.11 6.59
CA LEU A 133 -3.50 -14.48 5.55
C LEU A 133 -2.13 -14.82 6.13
N LYS A 134 -2.10 -15.17 7.41
CA LYS A 134 -0.84 -15.45 8.10
C LYS A 134 -0.61 -16.94 8.25
N VAL A 135 -0.11 -17.58 7.19
CA VAL A 135 0.19 -19.00 7.23
C VAL A 135 1.49 -19.25 6.48
N LYS A 136 2.11 -20.41 6.68
CA LYS A 136 3.36 -20.74 5.99
C LYS A 136 3.19 -20.62 4.48
N THR A 137 2.10 -21.17 3.98
CA THR A 137 1.82 -21.19 2.56
C THR A 137 0.37 -20.79 2.30
N MET A 138 0.10 -20.27 1.11
CA MET A 138 -1.22 -19.74 0.80
C MET A 138 -1.53 -19.79 -0.69
N ALA A 139 -2.83 -19.80 -1.01
CA ALA A 139 -3.30 -19.72 -2.38
C ALA A 139 -3.50 -18.27 -2.80
N LYS A 140 -3.09 -17.93 -4.02
CA LYS A 140 -3.26 -16.58 -4.57
C LYS A 140 -4.75 -16.25 -4.69
N ASP A 141 -5.56 -17.27 -4.94
CA ASP A 141 -6.99 -17.08 -5.11
C ASP A 141 -7.65 -16.79 -3.77
N MET A 142 -7.17 -17.49 -2.75
CA MET A 142 -7.64 -17.28 -1.40
C MET A 142 -7.19 -15.92 -0.89
N PHE A 143 -5.95 -15.58 -1.21
CA PHE A 143 -5.32 -14.36 -0.70
C PHE A 143 -6.18 -13.14 -0.99
N VAL A 144 -6.60 -13.01 -2.24
CA VAL A 144 -7.45 -11.89 -2.64
C VAL A 144 -8.84 -12.02 -2.04
N SER A 145 -9.44 -13.19 -2.12
CA SER A 145 -10.78 -13.40 -1.59
C SER A 145 -10.82 -13.08 -0.09
N ARG A 146 -9.80 -13.53 0.62
CA ARG A 146 -9.63 -13.25 2.04
C ARG A 146 -9.50 -11.75 2.27
N GLY A 147 -8.58 -11.12 1.54
CA GLY A 147 -8.32 -9.72 1.74
C GLY A 147 -9.49 -8.86 1.36
N ASN A 148 -10.14 -9.20 0.25
CA ASN A 148 -11.30 -8.47 -0.23
C ASN A 148 -12.42 -8.46 0.80
N THR A 149 -12.63 -9.59 1.49
CA THR A 149 -13.67 -9.66 2.50
C THR A 149 -13.23 -8.95 3.79
N GLU A 150 -11.91 -8.75 3.92
CA GLU A 150 -11.38 -7.93 5.00
C GLU A 150 -11.41 -6.46 4.58
N GLY A 151 -11.73 -6.26 3.31
CA GLY A 151 -11.97 -4.95 2.77
C GLY A 151 -10.89 -4.44 1.83
N ALA A 152 -9.72 -5.08 1.78
CA ALA A 152 -8.74 -4.72 0.76
C ALA A 152 -7.93 -5.92 0.27
N SER A 153 -7.92 -6.12 -1.04
CA SER A 153 -6.97 -7.00 -1.67
C SER A 153 -6.67 -6.54 -3.09
N ILE A 154 -5.62 -7.10 -3.64
CA ILE A 154 -5.16 -6.77 -4.96
C ILE A 154 -4.29 -7.91 -5.50
N SER A 155 -4.71 -8.54 -6.57
CA SER A 155 -3.99 -9.70 -7.09
C SER A 155 -3.56 -9.50 -8.54
N PHE A 156 -2.40 -10.03 -8.89
CA PHE A 156 -1.90 -10.01 -10.25
C PHE A 156 -2.91 -10.60 -11.21
N GLU A 1 17.38 7.76 -0.67
CA GLU A 1 16.31 7.81 0.35
C GLU A 1 15.09 8.54 -0.17
N GLU A 2 15.26 9.80 -0.54
CA GLU A 2 14.15 10.67 -0.95
C GLU A 2 13.40 10.11 -2.16
N LYS A 3 14.12 9.46 -3.07
CA LYS A 3 13.52 8.93 -4.28
C LYS A 3 12.53 7.83 -3.96
N GLY A 4 11.31 8.00 -4.43
CA GLY A 4 10.28 7.00 -4.23
C GLY A 4 8.90 7.61 -4.16
N ALA A 5 7.94 6.85 -3.65
CA ALA A 5 6.57 7.34 -3.53
C ALA A 5 6.14 7.36 -2.07
N TYR A 6 5.27 8.29 -1.72
CA TYR A 6 4.78 8.41 -0.35
C TYR A 6 3.25 8.41 -0.31
N LEU A 7 2.70 7.60 0.59
CA LEU A 7 1.26 7.57 0.82
C LEU A 7 0.93 8.60 1.88
N VAL A 8 0.10 9.56 1.52
CA VAL A 8 -0.21 10.66 2.43
C VAL A 8 -1.70 10.67 2.74
N PHE A 9 -2.04 11.06 3.96
CA PHE A 9 -3.42 11.24 4.34
C PHE A 9 -3.80 12.72 4.23
N ASP A 10 -4.90 12.99 3.57
CA ASP A 10 -5.36 14.36 3.40
C ASP A 10 -6.74 14.51 4.02
N ASN A 11 -7.05 15.71 4.48
CA ASN A 11 -8.31 15.96 5.16
C ASN A 11 -9.44 16.25 4.17
N ALA A 12 -9.12 16.27 2.88
CA ALA A 12 -10.14 16.42 1.85
C ALA A 12 -11.18 15.31 1.98
N SER A 13 -12.45 15.70 1.95
CA SER A 13 -13.55 14.74 2.10
C SER A 13 -13.44 14.02 3.45
N ASN A 14 -12.80 14.71 4.40
CA ASN A 14 -12.56 14.19 5.75
C ASN A 14 -11.76 12.88 5.70
N GLY A 15 -11.02 12.69 4.62
CA GLY A 15 -10.19 11.52 4.49
C GLY A 15 -9.90 11.17 3.05
N THR A 16 -8.69 11.46 2.61
CA THR A 16 -8.25 11.09 1.27
C THR A 16 -6.82 10.56 1.32
N LEU A 17 -6.50 9.66 0.40
CA LEU A 17 -5.13 9.18 0.27
C LEU A 17 -4.45 9.81 -0.91
N PHE A 18 -3.17 10.02 -0.78
CA PHE A 18 -2.39 10.70 -1.79
C PHE A 18 -1.08 9.97 -1.99
N ILE A 19 -0.77 9.67 -3.24
CA ILE A 19 0.51 9.08 -3.59
C ILE A 19 1.36 10.10 -4.31
N VAL A 20 2.44 10.49 -3.67
CA VAL A 20 3.32 11.49 -4.22
C VAL A 20 4.47 10.83 -4.98
N TRP A 21 4.55 11.13 -6.26
CA TRP A 21 5.69 10.70 -7.05
C TRP A 21 6.68 11.86 -7.14
N LYS A 22 7.78 11.72 -6.42
CA LYS A 22 8.73 12.80 -6.29
C LYS A 22 10.16 12.26 -6.21
N LYS A 23 11.10 13.18 -6.21
CA LYS A 23 12.51 12.85 -6.12
C LYS A 23 13.05 13.39 -4.80
N GLU A 24 12.11 13.80 -3.97
CA GLU A 24 12.43 14.46 -2.69
C GLU A 24 11.72 13.75 -1.54
N LYS A 25 11.96 14.22 -0.34
CA LYS A 25 11.29 13.68 0.84
C LYS A 25 10.01 14.43 1.13
N VAL A 26 8.92 13.68 1.31
CA VAL A 26 7.68 14.26 1.81
C VAL A 26 7.35 13.60 3.15
N GLU A 27 6.88 14.37 4.10
CA GLU A 27 6.56 13.83 5.42
C GLU A 27 5.07 13.68 5.61
N ASN A 28 4.69 13.24 6.81
CA ASN A 28 3.29 12.98 7.16
C ASN A 28 2.73 11.84 6.30
N ALA A 29 3.62 10.98 5.85
CA ALA A 29 3.24 9.86 5.02
C ALA A 29 2.97 8.63 5.88
N LEU A 30 2.02 7.82 5.42
CA LEU A 30 1.62 6.61 6.13
C LEU A 30 2.34 5.42 5.53
N MET A 31 2.68 5.52 4.25
CA MET A 31 3.36 4.44 3.54
C MET A 31 4.34 4.98 2.52
N PHE A 32 5.16 4.10 1.96
CA PHE A 32 6.25 4.51 1.06
C PHE A 32 6.52 3.41 0.02
N ILE A 33 7.05 3.82 -1.12
CA ILE A 33 7.43 2.91 -2.20
C ILE A 33 8.87 3.15 -2.61
N LYS A 34 9.65 2.09 -2.74
CA LYS A 34 11.01 2.23 -3.23
C LYS A 34 11.16 1.52 -4.57
N PRO A 35 11.34 2.28 -5.66
CA PRO A 35 11.60 1.69 -6.97
C PRO A 35 13.03 1.16 -7.08
N THR A 36 13.16 -0.08 -7.47
CA THR A 36 14.46 -0.68 -7.72
C THR A 36 14.86 -0.42 -9.17
N LYS A 37 13.85 -0.40 -10.02
CA LYS A 37 14.01 -0.02 -11.40
C LYS A 37 13.87 1.48 -11.51
N GLU A 38 14.42 2.07 -12.56
CA GLU A 38 14.30 3.50 -12.79
C GLU A 38 12.84 3.84 -13.02
N VAL A 39 12.36 4.85 -12.32
CA VAL A 39 10.94 5.12 -12.24
C VAL A 39 10.42 5.85 -13.47
N PRO A 40 9.32 5.33 -14.03
CA PRO A 40 8.68 5.86 -15.23
C PRO A 40 8.50 7.36 -15.20
N GLU A 41 9.08 8.04 -16.18
CA GLU A 41 9.04 9.47 -16.27
C GLU A 41 7.64 9.99 -16.51
N PHE A 42 6.88 9.29 -17.34
CA PHE A 42 5.53 9.71 -17.69
C PHE A 42 4.62 9.64 -16.48
N LYS A 43 4.99 8.79 -15.53
CA LYS A 43 4.24 8.69 -14.29
C LYS A 43 4.47 9.90 -13.40
N PHE A 44 5.56 10.62 -13.65
CA PHE A 44 5.82 11.87 -12.95
C PHE A 44 5.16 13.03 -13.68
N VAL A 45 5.46 13.16 -14.96
CA VAL A 45 5.04 14.31 -15.75
C VAL A 45 3.52 14.35 -15.92
N ASN A 46 2.92 13.18 -16.12
CA ASN A 46 1.48 13.11 -16.35
C ASN A 46 0.73 13.27 -15.02
N ARG A 47 1.38 12.90 -13.93
CA ARG A 47 0.75 12.95 -12.62
C ARG A 47 0.94 14.32 -11.98
N ASN A 48 1.98 15.03 -12.45
CA ASN A 48 2.42 16.29 -11.84
C ASN A 48 3.02 16.01 -10.47
N GLY A 49 3.24 14.72 -10.21
CA GLY A 49 3.76 14.26 -8.94
C GLY A 49 2.70 14.17 -7.86
N LYS A 50 1.55 14.78 -8.11
CA LYS A 50 0.45 14.76 -7.16
C LYS A 50 -0.69 13.88 -7.65
N ASN A 51 -1.12 12.94 -6.82
CA ASN A 51 -2.21 12.07 -7.21
C ASN A 51 -3.04 11.64 -5.99
N GLU A 52 -4.31 11.99 -6.00
CA GLU A 52 -5.22 11.54 -4.97
C GLU A 52 -5.78 10.17 -5.35
N LEU A 53 -5.55 9.22 -4.46
CA LEU A 53 -5.89 7.83 -4.71
C LEU A 53 -7.35 7.55 -4.45
N ILE A 54 -7.75 7.77 -3.22
CA ILE A 54 -9.07 7.39 -2.76
C ILE A 54 -9.52 8.37 -1.69
N ARG A 55 -10.80 8.67 -1.64
CA ARG A 55 -11.29 9.71 -0.74
C ARG A 55 -12.57 9.29 -0.04
N ASN A 56 -12.98 10.12 0.93
CA ASN A 56 -14.21 9.91 1.71
C ASN A 56 -13.98 8.79 2.73
N LEU A 57 -12.74 8.70 3.21
CA LEU A 57 -12.34 7.65 4.15
C LEU A 57 -13.08 7.77 5.48
N GLN A 58 -13.60 8.95 5.77
CA GLN A 58 -14.36 9.16 6.99
C GLN A 58 -15.58 8.25 7.05
N SER A 59 -16.29 8.18 5.93
CA SER A 59 -17.56 7.48 5.87
C SER A 59 -17.35 5.97 5.80
N ASP A 60 -16.11 5.56 5.63
CA ASP A 60 -15.77 4.13 5.58
C ASP A 60 -14.27 3.93 5.72
N LYS A 61 -13.90 3.17 6.74
CA LYS A 61 -12.50 2.87 7.01
C LYS A 61 -11.88 2.03 5.92
N LYS A 62 -12.67 1.10 5.42
CA LYS A 62 -12.17 0.11 4.45
C LYS A 62 -11.63 0.77 3.20
N LEU A 63 -12.15 1.94 2.88
CA LEU A 63 -11.62 2.74 1.79
C LEU A 63 -10.13 2.99 1.95
N PHE A 64 -9.68 3.29 3.17
CA PHE A 64 -8.26 3.46 3.43
C PHE A 64 -7.50 2.17 3.15
N TYR A 65 -8.12 1.04 3.46
CA TYR A 65 -7.49 -0.26 3.27
C TYR A 65 -7.17 -0.45 1.79
N SER A 66 -8.20 -0.33 0.97
CA SER A 66 -8.06 -0.47 -0.46
C SER A 66 -7.19 0.63 -1.04
N GLY A 67 -7.25 1.83 -0.46
CA GLY A 67 -6.37 2.88 -0.90
C GLY A 67 -4.91 2.49 -0.78
N ILE A 68 -4.63 1.68 0.24
CA ILE A 68 -3.31 1.11 0.43
C ILE A 68 -2.94 0.16 -0.71
N CYS A 69 -3.86 -0.75 -1.07
CA CYS A 69 -3.58 -1.70 -2.15
C CYS A 69 -3.38 -0.93 -3.46
N GLN A 70 -4.16 0.14 -3.60
CA GLN A 70 -4.00 1.05 -4.74
C GLN A 70 -2.61 1.67 -4.75
N PHE A 71 -2.08 1.91 -3.57
CA PHE A 71 -0.75 2.49 -3.41
C PHE A 71 0.33 1.49 -3.79
N VAL A 72 0.26 0.29 -3.22
CA VAL A 72 1.25 -0.75 -3.51
C VAL A 72 1.13 -1.21 -4.96
N LYS A 73 -0.05 -0.99 -5.53
CA LYS A 73 -0.30 -1.28 -6.94
C LYS A 73 0.67 -0.53 -7.84
N GLU A 74 1.11 0.63 -7.40
CA GLU A 74 2.11 1.39 -8.14
C GLU A 74 3.47 0.74 -8.00
N ALA A 75 3.77 0.27 -6.80
CA ALA A 75 5.05 -0.36 -6.54
C ALA A 75 5.18 -1.68 -7.30
N LYS A 76 4.07 -2.37 -7.45
CA LYS A 76 4.02 -3.61 -8.22
C LYS A 76 4.04 -3.28 -9.71
N ASP A 77 3.65 -2.06 -10.01
CA ASP A 77 3.59 -1.58 -11.38
C ASP A 77 4.97 -1.23 -11.92
N ILE A 78 5.73 -0.47 -11.14
CA ILE A 78 7.08 -0.05 -11.55
C ILE A 78 8.08 -1.12 -11.17
N LYS A 79 7.61 -2.03 -10.32
CA LYS A 79 8.35 -3.20 -9.88
C LYS A 79 9.43 -2.86 -8.88
N GLY A 80 9.03 -2.19 -7.79
CA GLY A 80 9.98 -1.89 -6.73
C GLY A 80 9.65 -2.61 -5.43
N LYS A 81 9.74 -1.84 -4.34
CA LYS A 81 9.48 -2.35 -3.00
C LYS A 81 8.36 -1.57 -2.34
N LEU A 82 7.76 -2.13 -1.31
CA LEU A 82 6.72 -1.43 -0.58
C LEU A 82 7.12 -1.30 0.89
N THR A 83 6.91 -0.10 1.44
CA THR A 83 7.23 0.17 2.83
C THR A 83 6.02 0.67 3.59
N LEU A 84 5.71 0.03 4.70
CA LEU A 84 4.65 0.48 5.59
C LEU A 84 5.24 1.35 6.68
N LEU A 85 5.02 2.65 6.59
CA LEU A 85 5.53 3.60 7.57
C LEU A 85 4.69 3.55 8.84
N GLN A 86 5.29 3.89 9.96
CA GLN A 86 4.56 3.92 11.22
C GLN A 86 4.62 5.32 11.81
N HIS A 87 3.46 5.77 12.29
CA HIS A 87 3.24 7.14 12.77
C HIS A 87 1.74 7.41 12.74
N PHE A 88 1.13 7.11 11.60
CA PHE A 88 -0.29 7.30 11.39
C PHE A 88 -1.12 6.42 12.31
N ASP A 89 -0.55 5.28 12.70
CA ASP A 89 -1.30 4.24 13.41
C ASP A 89 -1.77 4.70 14.78
N SER A 90 -1.14 5.73 15.33
CA SER A 90 -1.55 6.25 16.63
C SER A 90 -2.55 7.40 16.48
N SER A 91 -2.49 8.09 15.35
CA SER A 91 -3.38 9.23 15.12
C SER A 91 -4.63 8.80 14.36
N PHE A 92 -4.47 7.83 13.47
CA PHE A 92 -5.55 7.36 12.63
C PHE A 92 -6.20 6.12 13.27
N PRO A 93 -7.53 6.07 13.27
CA PRO A 93 -8.27 4.98 13.94
C PRO A 93 -8.20 3.65 13.19
N ILE A 94 -7.39 3.58 12.15
CA ILE A 94 -7.28 2.36 11.36
C ILE A 94 -5.95 1.68 11.59
N LYS A 95 -6.02 0.49 12.17
CA LYS A 95 -4.84 -0.32 12.40
C LYS A 95 -4.93 -1.58 11.54
N VAL A 96 -3.90 -1.86 10.81
CA VAL A 96 -3.94 -2.89 9.77
C VAL A 96 -2.58 -3.53 9.55
N ASP A 97 -2.56 -4.64 8.83
CA ASP A 97 -1.33 -5.31 8.45
C ASP A 97 -1.37 -5.67 6.97
N LEU A 98 -0.27 -5.39 6.29
CA LEU A 98 -0.14 -5.66 4.86
C LEU A 98 0.52 -7.00 4.62
N TYR A 99 -0.02 -7.77 3.70
CA TYR A 99 0.56 -9.07 3.35
C TYR A 99 0.75 -9.19 1.84
N PHE A 100 1.81 -9.89 1.45
CA PHE A 100 2.05 -10.19 0.05
C PHE A 100 1.97 -11.70 -0.17
N LEU A 101 1.55 -12.08 -1.36
CA LEU A 101 1.55 -13.48 -1.76
C LEU A 101 2.70 -13.70 -2.75
N LYS A 102 3.56 -14.67 -2.48
CA LYS A 102 4.62 -15.02 -3.42
C LYS A 102 4.56 -16.49 -3.78
N GLY A 103 4.02 -16.81 -4.95
CA GLY A 103 3.89 -18.19 -5.36
C GLY A 103 2.86 -18.91 -4.50
N SER A 104 3.34 -19.63 -3.50
CA SER A 104 2.47 -20.22 -2.50
C SER A 104 2.87 -19.76 -1.10
N LYS A 105 3.88 -18.91 -1.03
CA LYS A 105 4.39 -18.41 0.23
C LYS A 105 3.87 -17.01 0.53
N VAL A 106 3.11 -16.86 1.61
CA VAL A 106 2.59 -15.57 2.02
C VAL A 106 3.56 -14.89 3.00
N MET A 107 3.78 -13.59 2.79
CA MET A 107 4.73 -12.82 3.58
C MET A 107 4.14 -11.47 3.99
N PRO A 108 4.05 -11.19 5.29
CA PRO A 108 3.58 -9.89 5.80
C PRO A 108 4.62 -8.78 5.60
N LEU A 109 4.15 -7.54 5.62
CA LEU A 109 5.01 -6.37 5.43
C LEU A 109 5.64 -5.97 6.76
N ASN A 110 6.94 -5.69 6.75
CA ASN A 110 7.62 -5.23 7.94
C ASN A 110 7.57 -3.71 8.01
N THR A 111 7.28 -3.19 9.19
CA THR A 111 7.13 -1.76 9.40
C THR A 111 8.40 -0.99 9.04
N GLY A 112 8.26 -0.07 8.10
CA GLY A 112 9.37 0.77 7.68
C GLY A 112 10.47 0.00 6.98
N GLU A 113 10.09 -1.09 6.34
CA GLU A 113 11.05 -1.86 5.56
C GLU A 113 10.59 -1.92 4.12
N PRO A 114 11.46 -1.58 3.17
CA PRO A 114 11.19 -1.78 1.75
C PRO A 114 11.14 -3.27 1.45
N PHE A 115 9.95 -3.75 1.14
CA PHE A 115 9.73 -5.17 0.98
C PHE A 115 9.31 -5.49 -0.44
N VAL A 116 9.79 -6.61 -0.95
CA VAL A 116 9.60 -6.99 -2.35
C VAL A 116 8.13 -7.08 -2.73
N VAL A 117 7.71 -6.16 -3.61
CA VAL A 117 6.36 -6.14 -4.13
C VAL A 117 6.38 -6.39 -5.65
N GLN A 118 7.56 -6.19 -6.24
CA GLN A 118 7.73 -6.37 -7.67
C GLN A 118 7.39 -7.80 -8.10
N ASP A 119 7.64 -8.73 -7.22
CA ASP A 119 7.45 -10.14 -7.53
C ASP A 119 6.48 -10.77 -6.55
N ILE A 120 5.21 -10.38 -6.66
CA ILE A 120 4.16 -10.97 -5.86
C ILE A 120 3.04 -11.50 -6.75
N ASP A 121 2.18 -12.29 -6.16
CA ASP A 121 1.01 -12.84 -6.84
C ASP A 121 -0.23 -12.08 -6.43
N ALA A 122 -0.25 -11.66 -5.18
CA ALA A 122 -1.38 -10.91 -4.66
C ALA A 122 -0.96 -10.12 -3.43
N MET A 123 -1.72 -9.09 -3.13
CA MET A 123 -1.48 -8.28 -1.93
C MET A 123 -2.82 -7.98 -1.26
N SER A 124 -2.82 -7.86 0.05
CA SER A 124 -4.05 -7.57 0.79
C SER A 124 -3.76 -6.84 2.10
N VAL A 125 -4.80 -6.17 2.63
CA VAL A 125 -4.68 -5.43 3.88
C VAL A 125 -5.73 -5.90 4.88
N LEU A 126 -5.31 -6.57 5.95
CA LEU A 126 -6.25 -7.01 6.97
C LEU A 126 -6.14 -6.11 8.20
N PRO A 127 -7.27 -5.74 8.83
CA PRO A 127 -7.26 -4.95 10.06
C PRO A 127 -7.01 -5.80 11.29
N LYS A 128 -5.95 -5.45 12.02
CA LYS A 128 -5.51 -6.15 13.24
C LYS A 128 -5.35 -7.65 13.05
N GLY A 129 -6.47 -8.38 13.02
CA GLY A 129 -6.45 -9.81 12.81
C GLY A 129 -5.99 -10.18 11.42
N SER A 130 -4.69 -10.16 11.21
CA SER A 130 -4.10 -10.48 9.94
C SER A 130 -4.07 -11.99 9.71
N SER A 131 -4.50 -12.73 10.72
CA SER A 131 -4.46 -14.19 10.69
C SER A 131 -5.21 -14.78 9.50
N SER A 132 -6.05 -13.96 8.86
CA SER A 132 -6.69 -14.32 7.60
C SER A 132 -5.67 -14.87 6.62
N LEU A 133 -4.54 -14.16 6.52
CA LEU A 133 -3.52 -14.49 5.55
C LEU A 133 -2.19 -14.85 6.24
N LYS A 134 -2.22 -15.02 7.56
CA LYS A 134 -1.00 -15.29 8.32
C LYS A 134 -0.77 -16.79 8.46
N VAL A 135 -0.27 -17.42 7.42
CA VAL A 135 0.01 -18.84 7.47
C VAL A 135 1.33 -19.12 6.74
N LYS A 136 1.84 -20.34 6.82
CA LYS A 136 3.10 -20.69 6.18
C LYS A 136 2.99 -20.57 4.67
N THR A 137 1.91 -21.11 4.13
CA THR A 137 1.69 -21.13 2.70
C THR A 137 0.26 -20.77 2.37
N MET A 138 0.05 -20.13 1.23
CA MET A 138 -1.25 -19.61 0.87
C MET A 138 -1.45 -19.58 -0.64
N ALA A 139 -2.71 -19.63 -1.05
CA ALA A 139 -3.09 -19.53 -2.45
C ALA A 139 -3.33 -18.08 -2.86
N LYS A 140 -2.99 -17.76 -4.11
CA LYS A 140 -3.24 -16.44 -4.67
C LYS A 140 -4.74 -16.18 -4.78
N ASP A 141 -5.48 -17.25 -5.02
CA ASP A 141 -6.93 -17.16 -5.21
C ASP A 141 -7.62 -16.85 -3.89
N MET A 142 -7.12 -17.47 -2.84
CA MET A 142 -7.63 -17.27 -1.50
C MET A 142 -7.20 -15.91 -0.96
N PHE A 143 -5.96 -15.54 -1.26
CA PHE A 143 -5.35 -14.32 -0.73
C PHE A 143 -6.23 -13.11 -1.01
N VAL A 144 -6.55 -12.91 -2.28
CA VAL A 144 -7.37 -11.77 -2.67
C VAL A 144 -8.78 -11.86 -2.07
N SER A 145 -9.37 -13.03 -2.08
CA SER A 145 -10.70 -13.21 -1.55
C SER A 145 -10.73 -12.94 -0.05
N ARG A 146 -9.70 -13.40 0.65
CA ARG A 146 -9.54 -13.16 2.08
C ARG A 146 -9.35 -11.67 2.37
N GLY A 147 -8.51 -11.03 1.59
CA GLY A 147 -8.25 -9.62 1.80
C GLY A 147 -9.44 -8.76 1.49
N ASN A 148 -10.13 -9.08 0.40
CA ASN A 148 -11.29 -8.29 -0.04
C ASN A 148 -12.40 -8.26 1.00
N THR A 149 -12.61 -9.38 1.69
CA THR A 149 -13.63 -9.43 2.74
C THR A 149 -13.17 -8.65 3.97
N GLU A 150 -11.86 -8.62 4.19
CA GLU A 150 -11.27 -7.75 5.20
C GLU A 150 -11.26 -6.30 4.71
N GLY A 151 -11.58 -6.14 3.44
CA GLY A 151 -11.80 -4.83 2.85
C GLY A 151 -10.72 -4.37 1.86
N ALA A 152 -9.57 -5.04 1.80
CA ALA A 152 -8.60 -4.71 0.76
C ALA A 152 -7.86 -5.92 0.21
N SER A 153 -7.90 -6.08 -1.10
CA SER A 153 -7.03 -7.01 -1.79
C SER A 153 -6.71 -6.50 -3.18
N ILE A 154 -5.67 -7.07 -3.76
CA ILE A 154 -5.25 -6.72 -5.10
C ILE A 154 -4.45 -7.89 -5.70
N SER A 155 -4.94 -8.45 -6.79
CA SER A 155 -4.36 -9.66 -7.34
C SER A 155 -3.58 -9.38 -8.63
N PHE A 156 -2.50 -10.12 -8.83
CA PHE A 156 -1.71 -10.03 -10.05
C PHE A 156 -2.52 -10.54 -11.25
N GLU A 1 15.43 6.55 0.89
CA GLU A 1 13.96 6.73 1.03
C GLU A 1 13.55 8.08 0.43
N GLU A 2 14.47 8.71 -0.27
CA GLU A 2 14.22 10.01 -0.87
C GLU A 2 13.42 9.85 -2.16
N LYS A 3 13.94 9.04 -3.07
CA LYS A 3 13.25 8.79 -4.33
C LYS A 3 12.26 7.65 -4.15
N GLY A 4 11.04 7.88 -4.60
CA GLY A 4 10.01 6.86 -4.47
C GLY A 4 8.63 7.48 -4.36
N ALA A 5 7.72 6.76 -3.73
CA ALA A 5 6.36 7.25 -3.54
C ALA A 5 5.97 7.26 -2.07
N TYR A 6 5.17 8.23 -1.66
CA TYR A 6 4.67 8.30 -0.29
C TYR A 6 3.15 8.32 -0.27
N LEU A 7 2.58 7.54 0.62
CA LEU A 7 1.13 7.51 0.82
C LEU A 7 0.79 8.52 1.89
N VAL A 8 0.00 9.51 1.55
CA VAL A 8 -0.31 10.59 2.46
C VAL A 8 -1.79 10.64 2.75
N PHE A 9 -2.14 11.02 3.97
CA PHE A 9 -3.53 11.24 4.35
C PHE A 9 -3.84 12.72 4.29
N ASP A 10 -4.97 13.06 3.69
CA ASP A 10 -5.38 14.45 3.61
C ASP A 10 -6.75 14.63 4.24
N ASN A 11 -7.03 15.85 4.68
CA ASN A 11 -8.25 16.16 5.42
C ASN A 11 -9.41 16.46 4.48
N ALA A 12 -9.14 16.51 3.19
CA ALA A 12 -10.19 16.67 2.19
C ALA A 12 -11.19 15.53 2.29
N SER A 13 -12.48 15.88 2.28
CA SER A 13 -13.55 14.88 2.42
C SER A 13 -13.39 14.08 3.72
N ASN A 14 -12.76 14.72 4.71
CA ASN A 14 -12.49 14.12 6.01
C ASN A 14 -11.67 12.82 5.88
N GLY A 15 -10.89 12.71 4.81
CA GLY A 15 -10.09 11.53 4.61
C GLY A 15 -9.81 11.26 3.16
N THR A 16 -8.58 11.53 2.73
CA THR A 16 -8.16 11.22 1.37
C THR A 16 -6.76 10.63 1.38
N LEU A 17 -6.47 9.75 0.43
CA LEU A 17 -5.13 9.21 0.26
C LEU A 17 -4.45 9.86 -0.93
N PHE A 18 -3.16 10.00 -0.81
CA PHE A 18 -2.36 10.70 -1.79
C PHE A 18 -1.05 9.97 -1.99
N ILE A 19 -0.73 9.69 -3.25
CA ILE A 19 0.54 9.09 -3.59
C ILE A 19 1.44 10.12 -4.26
N VAL A 20 2.52 10.46 -3.59
CA VAL A 20 3.45 11.44 -4.10
C VAL A 20 4.63 10.77 -4.80
N TRP A 21 4.82 11.12 -6.06
CA TRP A 21 5.98 10.69 -6.80
C TRP A 21 7.03 11.78 -6.76
N LYS A 22 8.07 11.55 -5.99
CA LYS A 22 9.06 12.58 -5.71
C LYS A 22 10.47 11.99 -5.68
N LYS A 23 11.44 12.88 -5.55
CA LYS A 23 12.84 12.50 -5.46
C LYS A 23 13.39 13.00 -4.13
N GLU A 24 12.48 13.39 -3.25
CA GLU A 24 12.82 13.98 -1.95
C GLU A 24 12.02 13.31 -0.84
N LYS A 25 12.42 13.52 0.39
CA LYS A 25 11.72 12.89 1.50
C LYS A 25 10.41 13.62 1.82
N VAL A 26 9.38 12.83 2.09
CA VAL A 26 8.06 13.35 2.43
C VAL A 26 7.65 12.81 3.80
N GLU A 27 7.10 13.67 4.65
CA GLU A 27 6.65 13.24 5.97
C GLU A 27 5.13 13.28 6.06
N ASN A 28 4.61 12.84 7.20
CA ASN A 28 3.16 12.74 7.43
C ASN A 28 2.55 11.68 6.51
N ALA A 29 3.38 10.76 6.09
CA ALA A 29 2.96 9.71 5.19
C ALA A 29 2.72 8.41 5.95
N LEU A 30 1.77 7.63 5.45
CA LEU A 30 1.35 6.38 6.09
C LEU A 30 2.10 5.21 5.47
N MET A 31 2.49 5.37 4.20
CA MET A 31 3.19 4.31 3.48
C MET A 31 4.18 4.89 2.48
N PHE A 32 5.01 4.03 1.90
CA PHE A 32 6.07 4.46 0.99
C PHE A 32 6.36 3.37 -0.05
N ILE A 33 6.89 3.79 -1.20
CA ILE A 33 7.30 2.88 -2.27
C ILE A 33 8.73 3.18 -2.66
N LYS A 34 9.57 2.16 -2.73
CA LYS A 34 10.96 2.36 -3.12
C LYS A 34 11.25 1.55 -4.39
N PRO A 35 11.47 2.23 -5.51
CA PRO A 35 11.81 1.56 -6.78
C PRO A 35 13.26 1.12 -6.84
N THR A 36 13.48 -0.12 -7.19
CA THR A 36 14.82 -0.62 -7.45
C THR A 36 15.15 -0.43 -8.92
N LYS A 37 14.10 -0.42 -9.71
CA LYS A 37 14.19 -0.10 -11.12
C LYS A 37 14.07 1.41 -11.27
N GLU A 38 14.38 1.92 -12.46
CA GLU A 38 14.22 3.34 -12.72
C GLU A 38 12.74 3.67 -12.83
N VAL A 39 12.34 4.80 -12.27
CA VAL A 39 10.93 5.14 -12.14
C VAL A 39 10.42 5.85 -13.37
N PRO A 40 9.24 5.41 -13.87
CA PRO A 40 8.57 6.01 -15.03
C PRO A 40 8.46 7.52 -14.96
N GLU A 41 9.02 8.19 -15.96
CA GLU A 41 9.08 9.63 -16.00
C GLU A 41 7.70 10.25 -16.13
N PHE A 42 6.83 9.58 -16.89
CA PHE A 42 5.49 10.09 -17.17
C PHE A 42 4.65 10.13 -15.89
N LYS A 43 4.96 9.25 -14.96
CA LYS A 43 4.27 9.24 -13.68
C LYS A 43 4.64 10.48 -12.85
N PHE A 44 5.81 11.04 -13.16
CA PHE A 44 6.23 12.29 -12.52
C PHE A 44 5.68 13.48 -13.28
N VAL A 45 5.93 13.53 -14.59
CA VAL A 45 5.63 14.70 -15.40
C VAL A 45 4.13 14.91 -15.57
N ASN A 46 3.37 13.83 -15.73
CA ASN A 46 1.94 13.96 -15.98
C ASN A 46 1.20 14.36 -14.72
N ARG A 47 1.58 13.74 -13.61
CA ARG A 47 0.89 13.94 -12.34
C ARG A 47 1.47 15.12 -11.57
N ASN A 48 2.62 15.62 -12.04
CA ASN A 48 3.36 16.68 -11.35
C ASN A 48 3.82 16.20 -9.98
N GLY A 49 3.81 14.89 -9.83
CA GLY A 49 4.23 14.24 -8.60
C GLY A 49 3.10 14.07 -7.62
N LYS A 50 2.00 14.76 -7.84
CA LYS A 50 0.86 14.71 -6.94
C LYS A 50 -0.29 13.93 -7.54
N ASN A 51 -0.83 12.97 -6.79
CA ASN A 51 -1.97 12.19 -7.24
C ASN A 51 -2.83 11.75 -6.05
N GLU A 52 -4.09 12.18 -6.06
CA GLU A 52 -5.03 11.74 -5.03
C GLU A 52 -5.64 10.41 -5.42
N LEU A 53 -5.48 9.43 -4.54
CA LEU A 53 -5.90 8.07 -4.82
C LEU A 53 -7.38 7.86 -4.54
N ILE A 54 -7.75 8.02 -3.29
CA ILE A 54 -9.08 7.68 -2.84
C ILE A 54 -9.51 8.64 -1.74
N ARG A 55 -10.80 8.94 -1.65
CA ARG A 55 -11.26 9.94 -0.72
C ARG A 55 -12.51 9.50 0.04
N ASN A 56 -12.89 10.31 1.03
CA ASN A 56 -14.06 10.07 1.86
C ASN A 56 -13.85 8.85 2.77
N LEU A 57 -12.64 8.75 3.30
CA LEU A 57 -12.26 7.63 4.16
C LEU A 57 -13.04 7.67 5.47
N GLN A 58 -13.56 8.85 5.80
CA GLN A 58 -14.38 9.03 7.00
C GLN A 58 -15.63 8.14 6.95
N SER A 59 -16.30 8.12 5.81
CA SER A 59 -17.59 7.46 5.69
C SER A 59 -17.41 5.96 5.56
N ASP A 60 -16.18 5.54 5.32
CA ASP A 60 -15.87 4.13 5.16
C ASP A 60 -14.39 3.89 5.39
N LYS A 61 -14.08 3.18 6.48
CA LYS A 61 -12.69 2.96 6.87
C LYS A 61 -11.98 2.08 5.85
N LYS A 62 -12.74 1.22 5.18
CA LYS A 62 -12.16 0.25 4.27
C LYS A 62 -11.61 0.92 3.01
N LEU A 63 -12.11 2.10 2.70
CA LEU A 63 -11.59 2.89 1.60
C LEU A 63 -10.10 3.15 1.79
N PHE A 64 -9.67 3.34 3.02
CA PHE A 64 -8.24 3.49 3.31
C PHE A 64 -7.51 2.19 2.96
N TYR A 65 -8.16 1.06 3.23
CA TYR A 65 -7.54 -0.23 2.99
C TYR A 65 -7.27 -0.40 1.50
N SER A 66 -8.32 -0.26 0.71
CA SER A 66 -8.22 -0.41 -0.73
C SER A 66 -7.37 0.72 -1.34
N GLY A 67 -7.42 1.89 -0.73
CA GLY A 67 -6.54 2.97 -1.16
C GLY A 67 -5.09 2.56 -1.05
N ILE A 68 -4.79 1.81 0.02
CA ILE A 68 -3.49 1.21 0.21
C ILE A 68 -3.14 0.27 -0.94
N CYS A 69 -4.06 -0.62 -1.29
CA CYS A 69 -3.79 -1.61 -2.33
C CYS A 69 -3.48 -0.92 -3.65
N GLN A 70 -4.21 0.15 -3.92
CA GLN A 70 -3.99 0.96 -5.10
C GLN A 70 -2.60 1.61 -5.05
N PHE A 71 -2.18 1.96 -3.84
CA PHE A 71 -0.86 2.51 -3.62
C PHE A 71 0.22 1.46 -3.91
N VAL A 72 0.06 0.26 -3.34
CA VAL A 72 1.03 -0.81 -3.54
C VAL A 72 1.04 -1.24 -5.00
N LYS A 73 -0.09 -1.05 -5.66
CA LYS A 73 -0.22 -1.39 -7.06
C LYS A 73 0.78 -0.63 -7.90
N GLU A 74 1.02 0.63 -7.56
CA GLU A 74 2.01 1.43 -8.27
C GLU A 74 3.38 0.80 -8.12
N ALA A 75 3.64 0.23 -6.95
CA ALA A 75 4.89 -0.44 -6.69
C ALA A 75 5.00 -1.73 -7.48
N LYS A 76 3.86 -2.38 -7.72
CA LYS A 76 3.82 -3.57 -8.57
C LYS A 76 3.98 -3.14 -10.03
N ASP A 77 3.63 -1.89 -10.30
CA ASP A 77 3.62 -1.36 -11.65
C ASP A 77 5.04 -1.04 -12.12
N ILE A 78 5.80 -0.37 -11.27
CA ILE A 78 7.17 0.01 -11.63
C ILE A 78 8.13 -1.10 -11.23
N LYS A 79 7.56 -2.04 -10.48
CA LYS A 79 8.26 -3.24 -10.03
C LYS A 79 9.32 -2.89 -8.99
N GLY A 80 8.91 -2.16 -7.96
CA GLY A 80 9.82 -1.76 -6.92
C GLY A 80 9.60 -2.50 -5.62
N LYS A 81 9.70 -1.76 -4.53
CA LYS A 81 9.49 -2.31 -3.20
C LYS A 81 8.38 -1.53 -2.51
N LEU A 82 7.71 -2.15 -1.55
CA LEU A 82 6.65 -1.49 -0.82
C LEU A 82 7.04 -1.33 0.64
N THR A 83 6.78 -0.15 1.20
CA THR A 83 7.10 0.16 2.58
C THR A 83 5.84 0.57 3.34
N LEU A 84 5.63 -0.06 4.49
CA LEU A 84 4.53 0.31 5.36
C LEU A 84 5.05 1.18 6.50
N LEU A 85 4.65 2.42 6.53
CA LEU A 85 5.01 3.30 7.63
C LEU A 85 3.98 3.16 8.73
N GLN A 86 4.38 3.31 9.97
CA GLN A 86 3.44 3.18 11.06
C GLN A 86 3.46 4.45 11.92
N HIS A 87 2.27 4.92 12.28
CA HIS A 87 2.11 6.20 12.98
C HIS A 87 0.63 6.58 12.92
N PHE A 88 0.08 6.47 11.71
CA PHE A 88 -1.31 6.81 11.44
C PHE A 88 -2.26 5.94 12.26
N ASP A 89 -1.88 4.69 12.46
CA ASP A 89 -2.69 3.71 13.19
C ASP A 89 -2.97 4.18 14.60
N SER A 90 -1.99 4.85 15.18
CA SER A 90 -2.08 5.31 16.56
C SER A 90 -3.14 6.39 16.69
N SER A 91 -3.23 7.25 15.70
CA SER A 91 -4.10 8.42 15.77
C SER A 91 -5.44 8.19 15.09
N PHE A 92 -5.45 7.45 13.99
CA PHE A 92 -6.68 7.16 13.26
C PHE A 92 -7.22 5.80 13.67
N PRO A 93 -8.55 5.63 13.73
CA PRO A 93 -9.18 4.37 14.15
C PRO A 93 -9.01 3.21 13.15
N ILE A 94 -8.00 3.28 12.30
CA ILE A 94 -7.68 2.16 11.43
C ILE A 94 -6.28 1.65 11.72
N LYS A 95 -6.20 0.40 12.14
CA LYS A 95 -4.92 -0.22 12.44
C LYS A 95 -4.76 -1.49 11.61
N VAL A 96 -3.74 -1.52 10.74
CA VAL A 96 -3.61 -2.62 9.80
C VAL A 96 -2.15 -3.03 9.61
N ASP A 97 -1.96 -4.13 8.89
CA ASP A 97 -0.64 -4.58 8.49
C ASP A 97 -0.75 -5.38 7.20
N LEU A 98 0.17 -5.14 6.29
CA LEU A 98 0.08 -5.59 4.91
C LEU A 98 0.64 -7.00 4.73
N TYR A 99 -0.03 -7.79 3.90
CA TYR A 99 0.42 -9.14 3.58
C TYR A 99 0.56 -9.32 2.07
N PHE A 100 1.70 -9.88 1.65
CA PHE A 100 1.93 -10.19 0.25
C PHE A 100 1.82 -11.69 0.02
N LEU A 101 1.33 -12.06 -1.15
CA LEU A 101 1.32 -13.44 -1.60
C LEU A 101 2.46 -13.61 -2.59
N LYS A 102 3.45 -14.39 -2.24
CA LYS A 102 4.60 -14.56 -3.11
C LYS A 102 4.89 -16.02 -3.39
N GLY A 103 4.42 -16.51 -4.53
CA GLY A 103 4.56 -17.90 -4.87
C GLY A 103 3.54 -18.73 -4.13
N SER A 104 3.97 -19.36 -3.05
CA SER A 104 3.07 -20.04 -2.15
C SER A 104 3.22 -19.49 -0.76
N LYS A 105 4.27 -18.71 -0.56
CA LYS A 105 4.58 -18.17 0.75
C LYS A 105 3.98 -16.79 0.92
N VAL A 106 3.06 -16.66 1.86
CA VAL A 106 2.52 -15.36 2.23
C VAL A 106 3.53 -14.64 3.14
N MET A 107 3.84 -13.41 2.77
CA MET A 107 4.86 -12.64 3.47
C MET A 107 4.32 -11.27 3.86
N PRO A 108 4.22 -11.00 5.17
CA PRO A 108 3.76 -9.71 5.66
C PRO A 108 4.83 -8.61 5.51
N LEU A 109 4.38 -7.37 5.46
CA LEU A 109 5.26 -6.22 5.23
C LEU A 109 5.89 -5.78 6.56
N ASN A 110 7.16 -5.43 6.52
CA ASN A 110 7.85 -4.94 7.69
C ASN A 110 7.71 -3.43 7.77
N THR A 111 7.56 -2.92 8.99
CA THR A 111 7.33 -1.49 9.21
C THR A 111 8.53 -0.65 8.76
N GLY A 112 8.26 0.24 7.81
CA GLY A 112 9.27 1.16 7.33
C GLY A 112 10.39 0.49 6.56
N GLU A 113 10.09 -0.66 5.98
CA GLU A 113 11.08 -1.37 5.20
C GLU A 113 10.57 -1.62 3.78
N PRO A 114 11.35 -1.21 2.77
CA PRO A 114 11.04 -1.54 1.38
C PRO A 114 11.12 -3.04 1.15
N PHE A 115 9.97 -3.63 0.89
CA PHE A 115 9.85 -5.07 0.76
C PHE A 115 9.42 -5.44 -0.65
N VAL A 116 9.92 -6.57 -1.15
CA VAL A 116 9.71 -7.00 -2.53
C VAL A 116 8.24 -7.10 -2.88
N VAL A 117 7.77 -6.16 -3.69
CA VAL A 117 6.40 -6.17 -4.20
C VAL A 117 6.39 -6.52 -5.68
N GLN A 118 7.52 -6.31 -6.32
CA GLN A 118 7.66 -6.57 -7.75
C GLN A 118 7.30 -8.00 -8.10
N ASP A 119 7.67 -8.93 -7.23
CA ASP A 119 7.50 -10.34 -7.51
C ASP A 119 6.49 -10.95 -6.56
N ILE A 120 5.29 -10.41 -6.56
CA ILE A 120 4.21 -10.96 -5.77
C ILE A 120 3.09 -11.46 -6.68
N ASP A 121 2.29 -12.34 -6.13
CA ASP A 121 1.12 -12.87 -6.83
C ASP A 121 -0.09 -12.00 -6.49
N ALA A 122 -0.19 -11.64 -5.22
CA ALA A 122 -1.29 -10.83 -4.75
C ALA A 122 -0.87 -10.08 -3.49
N MET A 123 -1.59 -9.01 -3.20
CA MET A 123 -1.43 -8.32 -1.93
C MET A 123 -2.81 -8.09 -1.29
N SER A 124 -2.84 -7.97 0.03
CA SER A 124 -4.07 -7.64 0.73
C SER A 124 -3.75 -6.74 1.91
N VAL A 125 -4.76 -6.04 2.39
CA VAL A 125 -4.59 -5.22 3.58
C VAL A 125 -5.48 -5.77 4.68
N LEU A 126 -4.87 -6.40 5.66
CA LEU A 126 -5.59 -6.99 6.77
C LEU A 126 -5.45 -6.12 8.01
N PRO A 127 -6.54 -5.95 8.75
CA PRO A 127 -6.54 -5.19 10.00
C PRO A 127 -6.10 -6.03 11.19
N LYS A 128 -5.04 -5.56 11.85
CA LYS A 128 -4.45 -6.18 13.06
C LYS A 128 -4.54 -7.71 13.13
N GLY A 129 -5.73 -8.25 13.43
CA GLY A 129 -5.95 -9.69 13.38
C GLY A 129 -5.87 -10.21 11.94
N SER A 130 -4.69 -10.08 11.37
CA SER A 130 -4.41 -10.43 9.98
C SER A 130 -4.31 -11.93 9.79
N SER A 131 -4.48 -12.69 10.87
CA SER A 131 -4.33 -14.13 10.84
C SER A 131 -5.23 -14.81 9.78
N SER A 132 -6.11 -14.04 9.15
CA SER A 132 -6.87 -14.50 7.99
C SER A 132 -5.94 -15.12 6.95
N LEU A 133 -4.83 -14.46 6.69
CA LEU A 133 -3.88 -14.91 5.68
C LEU A 133 -2.55 -15.29 6.30
N LYS A 134 -2.50 -15.38 7.63
CA LYS A 134 -1.27 -15.72 8.32
C LYS A 134 -1.16 -17.24 8.48
N VAL A 135 -0.79 -17.90 7.40
CA VAL A 135 -0.65 -19.34 7.38
C VAL A 135 0.66 -19.72 6.69
N LYS A 136 1.22 -20.86 7.06
CA LYS A 136 2.52 -21.29 6.54
C LYS A 136 2.64 -21.09 5.02
N THR A 137 1.59 -21.46 4.30
CA THR A 137 1.55 -21.25 2.86
C THR A 137 0.15 -20.83 2.43
N MET A 138 0.06 -20.06 1.36
CA MET A 138 -1.21 -19.46 0.98
C MET A 138 -1.44 -19.48 -0.52
N ALA A 139 -2.71 -19.46 -0.89
CA ALA A 139 -3.15 -19.46 -2.29
C ALA A 139 -3.32 -18.03 -2.79
N LYS A 140 -2.93 -17.77 -4.04
CA LYS A 140 -3.15 -16.46 -4.64
C LYS A 140 -4.64 -16.19 -4.80
N ASP A 141 -5.39 -17.25 -5.04
CA ASP A 141 -6.80 -17.15 -5.34
C ASP A 141 -7.60 -16.85 -4.07
N MET A 142 -7.24 -17.54 -3.00
CA MET A 142 -7.86 -17.33 -1.71
C MET A 142 -7.38 -16.04 -1.08
N PHE A 143 -6.11 -15.69 -1.33
CA PHE A 143 -5.48 -14.52 -0.72
C PHE A 143 -6.32 -13.28 -0.95
N VAL A 144 -6.64 -13.05 -2.22
CA VAL A 144 -7.45 -11.90 -2.59
C VAL A 144 -8.86 -12.00 -2.02
N SER A 145 -9.47 -13.17 -2.11
CA SER A 145 -10.83 -13.34 -1.61
C SER A 145 -10.88 -13.12 -0.10
N ARG A 146 -9.86 -13.57 0.60
CA ARG A 146 -9.72 -13.34 2.03
C ARG A 146 -9.50 -11.87 2.34
N GLY A 147 -8.55 -11.25 1.66
CA GLY A 147 -8.26 -9.85 1.89
C GLY A 147 -9.44 -8.97 1.57
N ASN A 148 -10.24 -9.39 0.59
CA ASN A 148 -11.44 -8.66 0.21
C ASN A 148 -12.44 -8.55 1.37
N THR A 149 -12.62 -9.62 2.15
CA THR A 149 -13.53 -9.58 3.28
C THR A 149 -12.88 -8.83 4.44
N GLU A 150 -11.56 -8.75 4.42
CA GLU A 150 -10.80 -7.92 5.34
C GLU A 150 -10.86 -6.47 4.86
N GLY A 151 -11.37 -6.31 3.65
CA GLY A 151 -11.71 -5.01 3.12
C GLY A 151 -10.77 -4.50 2.05
N ALA A 152 -9.60 -5.09 1.89
CA ALA A 152 -8.77 -4.78 0.73
C ALA A 152 -7.96 -5.97 0.23
N SER A 153 -8.10 -6.27 -1.04
CA SER A 153 -7.19 -7.18 -1.71
C SER A 153 -6.88 -6.68 -3.12
N ILE A 154 -5.76 -7.14 -3.66
CA ILE A 154 -5.35 -6.77 -5.00
C ILE A 154 -4.46 -7.87 -5.58
N SER A 155 -4.92 -8.49 -6.66
CA SER A 155 -4.26 -9.66 -7.21
C SER A 155 -3.72 -9.38 -8.61
N PHE A 156 -2.58 -10.01 -8.94
CA PHE A 156 -2.01 -9.89 -10.28
C PHE A 156 -3.00 -10.39 -11.33
N GLU A 1 15.91 7.29 0.59
CA GLU A 1 14.43 7.26 0.53
C GLU A 1 13.89 8.49 -0.20
N GLU A 2 14.76 9.14 -0.96
CA GLU A 2 14.39 10.37 -1.64
C GLU A 2 13.61 10.06 -2.91
N LYS A 3 14.07 9.08 -3.65
CA LYS A 3 13.41 8.70 -4.88
C LYS A 3 12.38 7.61 -4.62
N GLY A 4 11.13 7.92 -4.90
CA GLY A 4 10.06 6.96 -4.67
C GLY A 4 8.72 7.63 -4.45
N ALA A 5 7.81 6.91 -3.80
CA ALA A 5 6.45 7.40 -3.59
C ALA A 5 6.07 7.37 -2.11
N TYR A 6 5.13 8.23 -1.73
CA TYR A 6 4.67 8.32 -0.36
C TYR A 6 3.14 8.31 -0.30
N LEU A 7 2.60 7.55 0.65
CA LEU A 7 1.15 7.51 0.88
C LEU A 7 0.81 8.57 1.90
N VAL A 8 -0.04 9.50 1.52
CA VAL A 8 -0.38 10.59 2.39
C VAL A 8 -1.88 10.62 2.67
N PHE A 9 -2.24 11.13 3.83
CA PHE A 9 -3.63 11.37 4.16
C PHE A 9 -3.95 12.81 3.87
N ASP A 10 -5.18 13.08 3.50
CA ASP A 10 -5.63 14.44 3.42
C ASP A 10 -6.99 14.54 4.07
N ASN A 11 -7.22 15.65 4.76
CA ASN A 11 -8.45 15.86 5.51
C ASN A 11 -9.61 16.19 4.56
N ALA A 12 -9.27 16.42 3.29
CA ALA A 12 -10.27 16.62 2.25
C ALA A 12 -11.22 15.44 2.20
N SER A 13 -12.52 15.73 2.04
CA SER A 13 -13.55 14.70 1.97
C SER A 13 -13.57 13.89 3.27
N ASN A 14 -13.02 14.47 4.33
CA ASN A 14 -12.91 13.83 5.64
C ASN A 14 -12.16 12.51 5.55
N GLY A 15 -11.20 12.45 4.64
CA GLY A 15 -10.41 11.25 4.48
C GLY A 15 -10.09 10.97 3.03
N THR A 16 -8.89 11.33 2.63
CA THR A 16 -8.43 11.06 1.27
C THR A 16 -6.99 10.55 1.30
N LEU A 17 -6.66 9.67 0.36
CA LEU A 17 -5.30 9.19 0.22
C LEU A 17 -4.62 9.83 -0.97
N PHE A 18 -3.33 10.03 -0.84
CA PHE A 18 -2.53 10.70 -1.84
C PHE A 18 -1.21 9.97 -2.01
N ILE A 19 -0.85 9.66 -3.26
CA ILE A 19 0.43 9.06 -3.55
C ILE A 19 1.30 10.06 -4.30
N VAL A 20 2.38 10.44 -3.67
CA VAL A 20 3.27 11.44 -4.21
C VAL A 20 4.44 10.81 -4.96
N TRP A 21 4.66 11.27 -6.18
CA TRP A 21 5.82 10.84 -6.95
C TRP A 21 6.81 11.98 -7.04
N LYS A 22 7.90 11.84 -6.31
CA LYS A 22 8.84 12.92 -6.11
C LYS A 22 10.26 12.37 -6.00
N LYS A 23 11.24 13.25 -6.19
CA LYS A 23 12.65 12.88 -6.12
C LYS A 23 13.25 13.39 -4.82
N GLU A 24 12.35 13.65 -3.88
CA GLU A 24 12.70 14.19 -2.58
C GLU A 24 11.99 13.41 -1.48
N LYS A 25 12.33 13.67 -0.23
CA LYS A 25 11.69 12.96 0.86
C LYS A 25 10.41 13.68 1.29
N VAL A 26 9.33 12.93 1.35
CA VAL A 26 8.03 13.46 1.76
C VAL A 26 7.72 13.00 3.17
N GLU A 27 7.32 13.92 4.02
CA GLU A 27 6.99 13.62 5.41
C GLU A 27 5.48 13.61 5.60
N ASN A 28 5.05 13.22 6.80
CA ASN A 28 3.62 13.13 7.14
C ASN A 28 2.94 12.01 6.36
N ALA A 29 3.75 11.13 5.79
CA ALA A 29 3.23 10.03 5.00
C ALA A 29 3.02 8.79 5.86
N LEU A 30 2.06 7.98 5.43
CA LEU A 30 1.65 6.79 6.19
C LEU A 30 2.34 5.55 5.61
N MET A 31 2.65 5.60 4.31
CA MET A 31 3.32 4.49 3.63
C MET A 31 4.30 5.02 2.59
N PHE A 32 5.13 4.13 2.04
CA PHE A 32 6.19 4.54 1.13
C PHE A 32 6.47 3.45 0.10
N ILE A 33 6.99 3.87 -1.05
CA ILE A 33 7.38 2.96 -2.13
C ILE A 33 8.78 3.31 -2.58
N LYS A 34 9.64 2.31 -2.71
CA LYS A 34 10.98 2.56 -3.19
C LYS A 34 11.21 1.77 -4.48
N PRO A 35 11.30 2.48 -5.60
CA PRO A 35 11.60 1.86 -6.89
C PRO A 35 13.08 1.54 -7.06
N THR A 36 13.36 0.30 -7.39
CA THR A 36 14.70 -0.13 -7.75
C THR A 36 14.87 0.03 -9.25
N LYS A 37 13.77 -0.17 -9.94
CA LYS A 37 13.68 0.11 -11.36
C LYS A 37 13.27 1.57 -11.53
N GLU A 38 13.66 2.19 -12.63
CA GLU A 38 13.31 3.57 -12.89
C GLU A 38 11.81 3.73 -13.01
N VAL A 39 11.31 4.76 -12.36
CA VAL A 39 9.88 5.04 -12.35
C VAL A 39 9.47 5.78 -13.61
N PRO A 40 8.30 5.41 -14.16
CA PRO A 40 7.77 5.99 -15.39
C PRO A 40 7.82 7.51 -15.39
N GLU A 41 8.51 8.05 -16.39
CA GLU A 41 8.80 9.46 -16.47
C GLU A 41 7.54 10.28 -16.77
N PHE A 42 6.69 9.74 -17.64
CA PHE A 42 5.52 10.48 -18.07
C PHE A 42 4.50 10.56 -16.94
N LYS A 43 4.57 9.62 -16.01
CA LYS A 43 3.71 9.66 -14.84
C LYS A 43 4.03 10.87 -13.97
N PHE A 44 5.30 11.27 -13.96
CA PHE A 44 5.73 12.45 -13.23
C PHE A 44 5.08 13.70 -13.81
N VAL A 45 5.18 13.86 -15.12
CA VAL A 45 4.68 15.06 -15.78
C VAL A 45 3.15 15.04 -15.89
N ASN A 46 2.58 13.86 -16.10
CA ASN A 46 1.13 13.71 -16.26
C ASN A 46 0.41 13.90 -14.93
N ARG A 47 0.96 13.35 -13.87
CA ARG A 47 0.37 13.47 -12.54
C ARG A 47 0.84 14.76 -11.86
N ASN A 48 1.90 15.35 -12.39
CA ASN A 48 2.56 16.51 -11.79
C ASN A 48 3.21 16.10 -10.48
N GLY A 49 3.32 14.81 -10.28
CA GLY A 49 3.90 14.26 -9.06
C GLY A 49 2.88 14.11 -7.96
N LYS A 50 1.73 14.75 -8.13
CA LYS A 50 0.65 14.66 -7.15
C LYS A 50 -0.48 13.81 -7.70
N ASN A 51 -0.87 12.78 -6.96
CA ASN A 51 -1.96 11.92 -7.41
C ASN A 51 -2.80 11.45 -6.23
N GLU A 52 -4.06 11.81 -6.25
CA GLU A 52 -5.01 11.36 -5.24
C GLU A 52 -5.50 9.97 -5.59
N LEU A 53 -5.51 9.11 -4.58
CA LEU A 53 -5.86 7.71 -4.76
C LEU A 53 -7.32 7.47 -4.53
N ILE A 54 -7.76 7.74 -3.31
CA ILE A 54 -9.11 7.39 -2.90
C ILE A 54 -9.59 8.41 -1.87
N ARG A 55 -10.90 8.63 -1.79
CA ARG A 55 -11.42 9.69 -0.94
C ARG A 55 -12.66 9.25 -0.17
N ASN A 56 -13.09 10.12 0.75
CA ASN A 56 -14.23 9.90 1.62
C ASN A 56 -14.03 8.66 2.49
N LEU A 57 -12.84 8.56 3.09
CA LEU A 57 -12.51 7.46 3.98
C LEU A 57 -13.34 7.57 5.26
N GLN A 58 -13.95 8.74 5.44
CA GLN A 58 -14.84 9.01 6.56
C GLN A 58 -15.96 7.99 6.70
N SER A 59 -16.62 7.67 5.59
CA SER A 59 -17.83 6.86 5.66
C SER A 59 -17.50 5.38 5.65
N ASP A 60 -16.28 5.06 5.27
CA ASP A 60 -15.84 3.67 5.18
C ASP A 60 -14.36 3.55 5.45
N LYS A 61 -14.02 2.89 6.55
CA LYS A 61 -12.63 2.67 6.90
C LYS A 61 -11.92 1.89 5.84
N LYS A 62 -12.62 0.88 5.33
CA LYS A 62 -12.05 -0.06 4.37
C LYS A 62 -11.57 0.64 3.11
N LEU A 63 -12.08 1.82 2.84
CA LEU A 63 -11.60 2.63 1.73
C LEU A 63 -10.13 2.98 1.92
N PHE A 64 -9.71 3.23 3.15
CA PHE A 64 -8.31 3.46 3.44
C PHE A 64 -7.51 2.19 3.14
N TYR A 65 -8.12 1.05 3.41
CA TYR A 65 -7.47 -0.24 3.18
C TYR A 65 -7.21 -0.40 1.69
N SER A 66 -8.27 -0.26 0.92
CA SER A 66 -8.20 -0.34 -0.53
C SER A 66 -7.31 0.75 -1.10
N GLY A 67 -7.34 1.93 -0.50
CA GLY A 67 -6.44 2.98 -0.90
C GLY A 67 -4.99 2.54 -0.76
N ILE A 68 -4.72 1.77 0.27
CA ILE A 68 -3.43 1.16 0.49
C ILE A 68 -3.09 0.17 -0.64
N CYS A 69 -4.03 -0.69 -1.01
CA CYS A 69 -3.76 -1.68 -2.05
C CYS A 69 -3.50 -0.97 -3.38
N GLN A 70 -4.24 0.09 -3.61
CA GLN A 70 -4.03 0.94 -4.78
C GLN A 70 -2.67 1.62 -4.74
N PHE A 71 -2.19 1.88 -3.52
CA PHE A 71 -0.86 2.45 -3.32
C PHE A 71 0.22 1.40 -3.61
N VAL A 72 0.09 0.24 -2.97
CA VAL A 72 1.07 -0.84 -3.15
C VAL A 72 1.03 -1.33 -4.59
N LYS A 73 -0.09 -1.10 -5.24
CA LYS A 73 -0.27 -1.43 -6.65
C LYS A 73 0.81 -0.78 -7.50
N GLU A 74 1.03 0.52 -7.28
CA GLU A 74 1.99 1.28 -8.06
C GLU A 74 3.37 0.67 -7.92
N ALA A 75 3.65 0.18 -6.73
CA ALA A 75 4.93 -0.47 -6.46
C ALA A 75 5.08 -1.77 -7.26
N LYS A 76 3.95 -2.43 -7.54
CA LYS A 76 3.97 -3.62 -8.40
C LYS A 76 4.06 -3.19 -9.87
N ASP A 77 3.67 -1.95 -10.13
CA ASP A 77 3.63 -1.42 -11.49
C ASP A 77 5.01 -0.99 -11.95
N ILE A 78 5.75 -0.31 -11.09
CA ILE A 78 7.08 0.17 -11.45
C ILE A 78 8.13 -0.86 -11.08
N LYS A 79 7.68 -1.83 -10.28
CA LYS A 79 8.48 -2.97 -9.85
C LYS A 79 9.51 -2.56 -8.80
N GLY A 80 9.03 -1.90 -7.76
CA GLY A 80 9.90 -1.46 -6.70
C GLY A 80 9.74 -2.27 -5.42
N LYS A 81 9.86 -1.59 -4.29
CA LYS A 81 9.68 -2.18 -2.98
C LYS A 81 8.57 -1.42 -2.24
N LEU A 82 7.92 -2.06 -1.27
CA LEU A 82 6.88 -1.40 -0.51
C LEU A 82 7.32 -1.23 0.95
N THR A 83 7.05 -0.05 1.51
CA THR A 83 7.38 0.24 2.89
C THR A 83 6.17 0.77 3.63
N LEU A 84 5.88 0.16 4.78
CA LEU A 84 4.81 0.65 5.64
C LEU A 84 5.37 1.56 6.71
N LEU A 85 5.16 2.85 6.55
CA LEU A 85 5.60 3.82 7.54
C LEU A 85 4.73 3.77 8.78
N GLN A 86 5.29 4.09 9.93
CA GLN A 86 4.52 4.12 11.15
C GLN A 86 4.62 5.50 11.76
N HIS A 87 3.49 6.02 12.21
CA HIS A 87 3.38 7.40 12.70
C HIS A 87 1.91 7.81 12.76
N PHE A 88 1.25 7.80 11.60
CA PHE A 88 -0.12 8.28 11.49
C PHE A 88 -1.11 7.32 12.15
N ASP A 89 -0.69 6.08 12.35
CA ASP A 89 -1.53 5.06 12.96
C ASP A 89 -1.87 5.42 14.41
N SER A 90 -1.08 6.31 14.98
CA SER A 90 -1.31 6.77 16.34
C SER A 90 -2.30 7.95 16.36
N SER A 91 -2.69 8.41 15.18
CA SER A 91 -3.66 9.49 15.06
C SER A 91 -4.95 9.00 14.41
N PHE A 92 -4.81 8.07 13.47
CA PHE A 92 -5.96 7.51 12.78
C PHE A 92 -6.39 6.22 13.45
N PRO A 93 -7.70 5.98 13.55
CA PRO A 93 -8.22 4.77 14.20
C PRO A 93 -8.03 3.51 13.37
N ILE A 94 -7.45 3.64 12.18
CA ILE A 94 -7.23 2.48 11.33
C ILE A 94 -5.79 1.99 11.44
N LYS A 95 -5.63 0.81 12.00
CA LYS A 95 -4.34 0.17 12.11
C LYS A 95 -4.40 -1.18 11.41
N VAL A 96 -3.44 -1.46 10.55
CA VAL A 96 -3.54 -2.63 9.68
C VAL A 96 -2.20 -3.32 9.46
N ASP A 97 -2.27 -4.52 8.89
CA ASP A 97 -1.10 -5.32 8.60
C ASP A 97 -1.13 -5.77 7.14
N LEU A 98 -0.01 -5.61 6.46
CA LEU A 98 0.08 -5.88 5.03
C LEU A 98 0.65 -7.27 4.79
N TYR A 99 0.01 -8.02 3.91
CA TYR A 99 0.50 -9.35 3.55
C TYR A 99 0.67 -9.47 2.04
N PHE A 100 1.78 -10.08 1.64
CA PHE A 100 2.08 -10.29 0.23
C PHE A 100 1.96 -11.77 -0.15
N LEU A 101 1.38 -12.01 -1.31
CA LEU A 101 1.33 -13.33 -1.89
C LEU A 101 2.51 -13.46 -2.84
N LYS A 102 3.46 -14.32 -2.51
CA LYS A 102 4.65 -14.45 -3.33
C LYS A 102 4.84 -15.90 -3.74
N GLY A 103 4.29 -16.25 -4.89
CA GLY A 103 4.29 -17.63 -5.33
C GLY A 103 3.16 -18.40 -4.70
N SER A 104 3.47 -19.15 -3.66
CA SER A 104 2.47 -19.78 -2.83
C SER A 104 2.72 -19.42 -1.36
N LYS A 105 3.83 -18.77 -1.12
CA LYS A 105 4.21 -18.38 0.23
C LYS A 105 3.75 -16.96 0.53
N VAL A 106 2.83 -16.84 1.47
CA VAL A 106 2.41 -15.54 1.96
C VAL A 106 3.48 -14.95 2.87
N MET A 107 3.83 -13.69 2.63
CA MET A 107 4.83 -13.00 3.42
C MET A 107 4.32 -11.65 3.89
N PRO A 108 4.29 -11.42 5.20
CA PRO A 108 3.83 -10.14 5.77
C PRO A 108 4.84 -9.01 5.57
N LEU A 109 4.34 -7.79 5.55
CA LEU A 109 5.19 -6.62 5.36
C LEU A 109 5.76 -6.20 6.71
N ASN A 110 6.99 -5.71 6.71
CA ASN A 110 7.62 -5.23 7.93
C ASN A 110 7.55 -3.72 7.99
N THR A 111 7.24 -3.19 9.16
CA THR A 111 7.08 -1.76 9.36
C THR A 111 8.37 -1.00 9.05
N GLY A 112 8.27 -0.02 8.15
CA GLY A 112 9.42 0.79 7.76
C GLY A 112 10.53 -0.01 7.12
N GLU A 113 10.15 -1.09 6.46
CA GLU A 113 11.10 -1.95 5.77
C GLU A 113 10.67 -2.12 4.33
N PRO A 114 11.52 -1.68 3.38
CA PRO A 114 11.26 -1.90 1.97
C PRO A 114 11.24 -3.40 1.64
N PHE A 115 10.06 -3.87 1.27
CA PHE A 115 9.88 -5.27 0.98
C PHE A 115 9.57 -5.45 -0.49
N VAL A 116 10.18 -6.46 -1.09
CA VAL A 116 10.06 -6.70 -2.52
C VAL A 116 8.61 -6.91 -2.93
N VAL A 117 8.12 -6.05 -3.82
CA VAL A 117 6.74 -6.10 -4.26
C VAL A 117 6.66 -6.33 -5.78
N GLN A 118 7.79 -6.18 -6.44
CA GLN A 118 7.85 -6.23 -7.90
C GLN A 118 7.31 -7.55 -8.46
N ASP A 119 7.70 -8.66 -7.84
CA ASP A 119 7.41 -9.96 -8.42
C ASP A 119 6.37 -10.72 -7.59
N ILE A 120 5.66 -10.02 -6.71
CA ILE A 120 4.63 -10.65 -5.90
C ILE A 120 3.42 -10.98 -6.77
N ASP A 121 2.63 -11.91 -6.30
CA ASP A 121 1.43 -12.32 -7.01
C ASP A 121 0.24 -11.48 -6.61
N ALA A 122 0.15 -11.19 -5.34
CA ALA A 122 -0.97 -10.42 -4.82
C ALA A 122 -0.59 -9.76 -3.49
N MET A 123 -1.36 -8.75 -3.11
CA MET A 123 -1.24 -8.15 -1.79
C MET A 123 -2.63 -7.90 -1.20
N SER A 124 -2.72 -7.90 0.11
CA SER A 124 -3.96 -7.57 0.80
C SER A 124 -3.68 -6.66 1.98
N VAL A 125 -4.72 -6.04 2.51
CA VAL A 125 -4.60 -5.25 3.71
C VAL A 125 -5.56 -5.79 4.76
N LEU A 126 -5.01 -6.45 5.78
CA LEU A 126 -5.80 -7.01 6.85
C LEU A 126 -5.65 -6.16 8.11
N PRO A 127 -6.74 -5.87 8.80
CA PRO A 127 -6.69 -5.14 10.05
C PRO A 127 -6.41 -6.05 11.24
N LYS A 128 -5.31 -5.75 11.92
CA LYS A 128 -4.90 -6.42 13.18
C LYS A 128 -4.94 -7.96 13.11
N GLY A 129 -6.13 -8.54 13.13
CA GLY A 129 -6.28 -9.97 12.94
C GLY A 129 -5.89 -10.39 11.53
N SER A 130 -4.59 -10.38 11.27
CA SER A 130 -4.05 -10.73 9.97
C SER A 130 -4.08 -12.24 9.75
N SER A 131 -4.51 -12.96 10.78
CA SER A 131 -4.52 -14.42 10.78
C SER A 131 -5.31 -15.00 9.60
N SER A 132 -6.19 -14.18 9.01
CA SER A 132 -6.91 -14.58 7.79
C SER A 132 -5.95 -15.13 6.74
N LEU A 133 -4.83 -14.44 6.56
CA LEU A 133 -3.86 -14.79 5.54
C LEU A 133 -2.53 -15.19 6.17
N LYS A 134 -2.56 -15.58 7.43
CA LYS A 134 -1.35 -16.00 8.14
C LYS A 134 -1.27 -17.52 8.22
N VAL A 135 -0.81 -18.15 7.15
CA VAL A 135 -0.70 -19.59 7.11
C VAL A 135 0.60 -20.00 6.42
N LYS A 136 1.05 -21.22 6.69
CA LYS A 136 2.24 -21.80 6.05
C LYS A 136 2.32 -21.44 4.57
N THR A 137 1.27 -21.75 3.83
CA THR A 137 1.21 -21.42 2.42
C THR A 137 -0.16 -20.90 2.09
N MET A 138 -0.21 -19.99 1.14
CA MET A 138 -1.39 -19.18 0.94
C MET A 138 -1.90 -19.30 -0.47
N ALA A 139 -3.18 -19.62 -0.62
CA ALA A 139 -3.79 -19.71 -1.93
C ALA A 139 -4.02 -18.31 -2.46
N LYS A 140 -3.53 -18.06 -3.66
CA LYS A 140 -3.67 -16.74 -4.30
C LYS A 140 -5.14 -16.40 -4.53
N ASP A 141 -5.95 -17.45 -4.65
CA ASP A 141 -7.38 -17.30 -4.84
C ASP A 141 -8.02 -16.85 -3.54
N MET A 142 -7.66 -17.55 -2.49
CA MET A 142 -8.19 -17.25 -1.16
C MET A 142 -7.58 -15.96 -0.64
N PHE A 143 -6.34 -15.69 -1.03
CA PHE A 143 -5.62 -14.51 -0.58
C PHE A 143 -6.43 -13.25 -0.87
N VAL A 144 -6.74 -13.05 -2.14
CA VAL A 144 -7.51 -11.89 -2.55
C VAL A 144 -8.92 -11.92 -1.97
N SER A 145 -9.54 -13.08 -2.00
CA SER A 145 -10.90 -13.22 -1.49
C SER A 145 -10.96 -12.90 0.01
N ARG A 146 -9.98 -13.41 0.76
CA ARG A 146 -9.87 -13.12 2.20
C ARG A 146 -9.63 -11.64 2.43
N GLY A 147 -8.66 -11.09 1.71
CA GLY A 147 -8.34 -9.69 1.85
C GLY A 147 -9.50 -8.81 1.44
N ASN A 148 -10.20 -9.21 0.39
CA ASN A 148 -11.37 -8.49 -0.10
C ASN A 148 -12.44 -8.38 0.97
N THR A 149 -12.69 -9.47 1.69
CA THR A 149 -13.69 -9.45 2.75
C THR A 149 -13.12 -8.74 3.99
N GLU A 150 -11.80 -8.72 4.10
CA GLU A 150 -11.11 -7.91 5.08
C GLU A 150 -11.15 -6.44 4.65
N GLY A 151 -11.54 -6.24 3.41
CA GLY A 151 -11.81 -4.92 2.88
C GLY A 151 -10.78 -4.42 1.90
N ALA A 152 -9.62 -5.05 1.82
CA ALA A 152 -8.68 -4.72 0.74
C ALA A 152 -7.90 -5.94 0.25
N SER A 153 -7.97 -6.16 -1.05
CA SER A 153 -7.07 -7.08 -1.71
C SER A 153 -6.74 -6.59 -3.11
N ILE A 154 -5.64 -7.09 -3.64
CA ILE A 154 -5.20 -6.73 -4.97
C ILE A 154 -4.30 -7.84 -5.52
N SER A 155 -4.75 -8.49 -6.58
CA SER A 155 -4.04 -9.64 -7.10
C SER A 155 -3.67 -9.45 -8.57
N PHE A 156 -2.46 -9.85 -8.91
CA PHE A 156 -1.97 -9.76 -10.26
C PHE A 156 -1.62 -11.15 -10.78
N GLU A 1 16.38 6.75 1.75
CA GLU A 1 16.19 7.36 0.41
C GLU A 1 14.99 8.29 0.43
N GLU A 2 15.13 9.42 -0.25
CA GLU A 2 14.06 10.38 -0.38
C GLU A 2 13.25 10.11 -1.63
N LYS A 3 13.92 9.59 -2.65
CA LYS A 3 13.27 9.34 -3.93
C LYS A 3 12.45 8.06 -3.87
N GLY A 4 11.18 8.19 -4.23
CA GLY A 4 10.24 7.09 -4.15
C GLY A 4 8.83 7.62 -4.13
N ALA A 5 7.88 6.89 -3.56
CA ALA A 5 6.50 7.36 -3.47
C ALA A 5 6.02 7.38 -2.02
N TYR A 6 5.22 8.38 -1.67
CA TYR A 6 4.70 8.49 -0.31
C TYR A 6 3.18 8.44 -0.30
N LEU A 7 2.62 7.62 0.59
CA LEU A 7 1.18 7.55 0.81
C LEU A 7 0.81 8.60 1.84
N VAL A 8 -0.07 9.50 1.48
CA VAL A 8 -0.44 10.60 2.35
C VAL A 8 -1.95 10.60 2.60
N PHE A 9 -2.34 11.05 3.78
CA PHE A 9 -3.75 11.26 4.09
C PHE A 9 -4.09 12.73 3.96
N ASP A 10 -5.19 13.01 3.28
CA ASP A 10 -5.67 14.37 3.14
C ASP A 10 -7.08 14.44 3.71
N ASN A 11 -7.43 15.58 4.30
CA ASN A 11 -8.70 15.71 5.01
C ASN A 11 -9.84 16.07 4.05
N ALA A 12 -9.54 16.08 2.75
CA ALA A 12 -10.57 16.26 1.74
C ALA A 12 -11.56 15.10 1.82
N SER A 13 -12.84 15.42 1.81
CA SER A 13 -13.89 14.42 1.93
C SER A 13 -13.77 13.68 3.27
N ASN A 14 -13.10 14.35 4.22
CA ASN A 14 -12.83 13.80 5.56
C ASN A 14 -12.07 12.48 5.47
N GLY A 15 -11.23 12.37 4.46
CA GLY A 15 -10.40 11.19 4.30
C GLY A 15 -10.09 10.88 2.86
N THR A 16 -8.88 11.21 2.45
CA THR A 16 -8.42 10.88 1.10
C THR A 16 -6.98 10.39 1.14
N LEU A 17 -6.64 9.48 0.22
CA LEU A 17 -5.27 9.02 0.11
C LEU A 17 -4.60 9.64 -1.08
N PHE A 18 -3.31 9.84 -0.94
CA PHE A 18 -2.52 10.57 -1.92
C PHE A 18 -1.17 9.90 -2.08
N ILE A 19 -0.78 9.62 -3.31
CA ILE A 19 0.54 9.10 -3.59
C ILE A 19 1.39 10.16 -4.27
N VAL A 20 2.41 10.60 -3.57
CA VAL A 20 3.30 11.62 -4.08
C VAL A 20 4.53 11.01 -4.72
N TRP A 21 4.72 11.30 -6.00
CA TRP A 21 5.93 10.91 -6.69
C TRP A 21 6.91 12.07 -6.67
N LYS A 22 7.99 11.90 -5.93
CA LYS A 22 8.94 12.98 -5.73
C LYS A 22 10.34 12.41 -5.46
N LYS A 23 11.33 13.29 -5.51
CA LYS A 23 12.71 12.91 -5.25
C LYS A 23 13.15 13.44 -3.89
N GLU A 24 12.17 13.86 -3.11
CA GLU A 24 12.43 14.41 -1.78
C GLU A 24 11.63 13.63 -0.74
N LYS A 25 11.86 13.95 0.52
CA LYS A 25 11.16 13.26 1.60
C LYS A 25 9.88 14.00 1.97
N VAL A 26 8.77 13.26 1.98
CA VAL A 26 7.48 13.82 2.33
C VAL A 26 7.06 13.34 3.71
N GLU A 27 6.91 14.26 4.64
CA GLU A 27 6.52 13.92 5.99
C GLU A 27 5.00 13.84 6.12
N ASN A 28 4.54 13.26 7.24
CA ASN A 28 3.12 13.02 7.48
C ASN A 28 2.59 11.98 6.50
N ALA A 29 3.49 11.16 5.99
CA ALA A 29 3.13 10.09 5.10
C ALA A 29 2.92 8.81 5.89
N LEU A 30 2.01 7.99 5.39
CA LEU A 30 1.60 6.78 6.08
C LEU A 30 2.34 5.58 5.52
N MET A 31 2.76 5.69 4.26
CA MET A 31 3.44 4.58 3.57
C MET A 31 4.39 5.12 2.51
N PHE A 32 5.22 4.24 1.96
CA PHE A 32 6.26 4.66 1.02
C PHE A 32 6.55 3.54 0.02
N ILE A 33 6.99 3.91 -1.17
CA ILE A 33 7.34 2.95 -2.21
C ILE A 33 8.78 3.15 -2.62
N LYS A 34 9.49 2.06 -2.79
CA LYS A 34 10.89 2.10 -3.16
C LYS A 34 11.11 1.50 -4.53
N PRO A 35 11.44 2.29 -5.55
CA PRO A 35 11.81 1.75 -6.84
C PRO A 35 13.29 1.41 -6.88
N THR A 36 13.59 0.16 -7.22
CA THR A 36 14.97 -0.30 -7.32
C THR A 36 15.51 -0.03 -8.71
N LYS A 37 14.62 -0.19 -9.68
CA LYS A 37 14.94 0.15 -11.06
C LYS A 37 14.62 1.62 -11.31
N GLU A 38 14.97 2.11 -12.48
CA GLU A 38 14.59 3.46 -12.87
C GLU A 38 13.09 3.60 -12.81
N VAL A 39 12.67 4.59 -12.07
CA VAL A 39 11.29 4.78 -11.76
C VAL A 39 10.67 5.81 -12.70
N PRO A 40 9.51 5.47 -13.28
CA PRO A 40 8.82 6.25 -14.31
C PRO A 40 8.84 7.75 -14.04
N GLU A 41 9.41 8.49 -14.98
CA GLU A 41 9.60 9.91 -14.82
C GLU A 41 8.30 10.67 -14.96
N PHE A 42 7.40 10.16 -15.80
CA PHE A 42 6.14 10.84 -16.06
C PHE A 42 5.28 10.87 -14.80
N LYS A 43 5.49 9.93 -13.91
CA LYS A 43 4.79 9.91 -12.64
C LYS A 43 5.18 11.14 -11.82
N PHE A 44 6.38 11.64 -12.05
CA PHE A 44 6.85 12.84 -11.38
C PHE A 44 6.40 14.09 -12.14
N VAL A 45 6.64 14.09 -13.45
CA VAL A 45 6.40 15.27 -14.27
C VAL A 45 4.93 15.41 -14.69
N ASN A 46 4.37 14.34 -15.24
CA ASN A 46 3.04 14.40 -15.85
C ASN A 46 1.95 14.50 -14.78
N ARG A 47 2.18 13.87 -13.64
CA ARG A 47 1.24 13.96 -12.52
C ARG A 47 1.55 15.17 -11.65
N ASN A 48 2.66 15.86 -11.98
CA ASN A 48 3.15 16.99 -11.19
C ASN A 48 3.56 16.50 -9.79
N GLY A 49 3.69 15.20 -9.68
CA GLY A 49 4.07 14.58 -8.43
C GLY A 49 2.89 14.29 -7.54
N LYS A 50 1.74 14.86 -7.88
CA LYS A 50 0.55 14.70 -7.06
C LYS A 50 -0.46 13.77 -7.72
N ASN A 51 -0.91 12.77 -6.98
CA ASN A 51 -1.93 11.86 -7.47
C ASN A 51 -2.80 11.36 -6.32
N GLU A 52 -4.09 11.64 -6.39
CA GLU A 52 -5.03 11.16 -5.39
C GLU A 52 -5.50 9.74 -5.72
N LEU A 53 -5.55 8.91 -4.69
CA LEU A 53 -5.86 7.50 -4.85
C LEU A 53 -7.32 7.22 -4.57
N ILE A 54 -7.75 7.46 -3.34
CA ILE A 54 -9.10 7.12 -2.92
C ILE A 54 -9.60 8.18 -1.94
N ARG A 55 -10.90 8.40 -1.89
CA ARG A 55 -11.44 9.47 -1.05
C ARG A 55 -12.67 9.02 -0.26
N ASN A 56 -13.11 9.89 0.66
CA ASN A 56 -14.28 9.65 1.51
C ASN A 56 -14.03 8.49 2.47
N LEU A 57 -12.83 8.46 3.04
CA LEU A 57 -12.43 7.37 3.93
C LEU A 57 -13.19 7.40 5.25
N GLN A 58 -13.78 8.55 5.57
CA GLN A 58 -14.54 8.69 6.81
C GLN A 58 -15.71 7.71 6.85
N SER A 59 -16.40 7.58 5.73
CA SER A 59 -17.65 6.81 5.68
C SER A 59 -17.39 5.33 5.85
N ASP A 60 -16.14 4.92 5.69
CA ASP A 60 -15.79 3.51 5.76
C ASP A 60 -14.29 3.31 5.92
N LYS A 61 -13.94 2.55 6.95
CA LYS A 61 -12.55 2.28 7.30
C LYS A 61 -11.83 1.54 6.18
N LYS A 62 -12.52 0.59 5.58
CA LYS A 62 -11.90 -0.30 4.61
C LYS A 62 -11.43 0.43 3.37
N LEU A 63 -12.05 1.57 3.09
CA LEU A 63 -11.63 2.42 1.99
C LEU A 63 -10.16 2.80 2.10
N PHE A 64 -9.70 3.09 3.32
CA PHE A 64 -8.28 3.35 3.53
C PHE A 64 -7.47 2.11 3.19
N TYR A 65 -8.02 0.94 3.51
CA TYR A 65 -7.32 -0.31 3.23
C TYR A 65 -7.12 -0.46 1.72
N SER A 66 -8.22 -0.35 1.00
CA SER A 66 -8.22 -0.44 -0.45
C SER A 66 -7.35 0.66 -1.06
N GLY A 67 -7.38 1.85 -0.48
CA GLY A 67 -6.51 2.91 -0.94
C GLY A 67 -5.05 2.50 -0.86
N ILE A 68 -4.73 1.76 0.20
CA ILE A 68 -3.40 1.21 0.37
C ILE A 68 -3.05 0.25 -0.76
N CYS A 69 -3.97 -0.65 -1.12
CA CYS A 69 -3.69 -1.61 -2.19
C CYS A 69 -3.47 -0.87 -3.50
N GLN A 70 -4.25 0.18 -3.68
CA GLN A 70 -4.10 1.05 -4.84
C GLN A 70 -2.73 1.72 -4.84
N PHE A 71 -2.21 1.95 -3.64
CA PHE A 71 -0.88 2.52 -3.48
C PHE A 71 0.19 1.49 -3.83
N VAL A 72 0.07 0.28 -3.29
CA VAL A 72 1.03 -0.78 -3.60
C VAL A 72 0.93 -1.16 -5.07
N LYS A 73 -0.24 -0.93 -5.65
CA LYS A 73 -0.48 -1.15 -7.06
C LYS A 73 0.50 -0.35 -7.91
N GLU A 74 0.87 0.83 -7.43
CA GLU A 74 1.85 1.65 -8.12
C GLU A 74 3.23 1.01 -8.01
N ALA A 75 3.50 0.43 -6.86
CA ALA A 75 4.79 -0.22 -6.60
C ALA A 75 4.97 -1.46 -7.49
N LYS A 76 3.90 -2.21 -7.72
CA LYS A 76 3.99 -3.38 -8.59
C LYS A 76 4.16 -2.95 -10.05
N ASP A 77 3.76 -1.72 -10.35
CA ASP A 77 3.81 -1.22 -11.72
C ASP A 77 5.23 -0.87 -12.13
N ILE A 78 5.92 -0.16 -11.25
CA ILE A 78 7.29 0.27 -11.53
C ILE A 78 8.27 -0.81 -11.11
N LYS A 79 7.69 -1.81 -10.45
CA LYS A 79 8.42 -2.99 -10.00
C LYS A 79 9.40 -2.63 -8.90
N GLY A 80 8.88 -2.00 -7.86
CA GLY A 80 9.71 -1.61 -6.76
C GLY A 80 9.47 -2.44 -5.52
N LYS A 81 9.62 -1.78 -4.38
CA LYS A 81 9.42 -2.38 -3.07
C LYS A 81 8.37 -1.56 -2.34
N LEU A 82 7.73 -2.14 -1.35
CA LEU A 82 6.73 -1.41 -0.59
C LEU A 82 7.20 -1.22 0.86
N THR A 83 7.11 0.01 1.33
CA THR A 83 7.45 0.34 2.71
C THR A 83 6.22 0.85 3.47
N LEU A 84 5.92 0.23 4.59
CA LEU A 84 4.83 0.68 5.43
C LEU A 84 5.35 1.56 6.55
N LEU A 85 5.11 2.85 6.45
CA LEU A 85 5.53 3.80 7.48
C LEU A 85 4.62 3.70 8.70
N GLN A 86 5.16 4.01 9.86
CA GLN A 86 4.34 4.12 11.05
C GLN A 86 4.46 5.52 11.61
N HIS A 87 3.33 6.10 11.98
CA HIS A 87 3.26 7.49 12.44
C HIS A 87 1.80 7.92 12.48
N PHE A 88 1.19 7.96 11.30
CA PHE A 88 -0.20 8.36 11.19
C PHE A 88 -1.11 7.30 11.81
N ASP A 89 -0.73 6.04 11.64
CA ASP A 89 -1.50 4.91 12.18
C ASP A 89 -1.46 4.92 13.71
N SER A 90 -0.51 5.65 14.27
CA SER A 90 -0.39 5.80 15.69
C SER A 90 -1.39 6.83 16.22
N SER A 91 -1.92 7.65 15.31
CA SER A 91 -2.84 8.72 15.67
C SER A 91 -4.25 8.42 15.11
N PHE A 92 -4.28 7.75 13.97
CA PHE A 92 -5.54 7.39 13.33
C PHE A 92 -5.94 5.97 13.74
N PRO A 93 -7.24 5.72 13.95
CA PRO A 93 -7.72 4.44 14.48
C PRO A 93 -7.56 3.25 13.52
N ILE A 94 -7.11 3.50 12.29
CA ILE A 94 -6.89 2.39 11.37
C ILE A 94 -5.45 1.92 11.47
N LYS A 95 -5.28 0.75 12.05
CA LYS A 95 -3.98 0.16 12.25
C LYS A 95 -3.98 -1.23 11.64
N VAL A 96 -3.13 -1.45 10.65
CA VAL A 96 -3.24 -2.66 9.83
C VAL A 96 -1.88 -3.27 9.52
N ASP A 97 -1.91 -4.48 9.00
CA ASP A 97 -0.71 -5.17 8.54
C ASP A 97 -0.88 -5.65 7.11
N LEU A 98 0.10 -5.36 6.28
CA LEU A 98 0.07 -5.69 4.87
C LEU A 98 0.63 -7.09 4.65
N TYR A 99 -0.01 -7.86 3.78
CA TYR A 99 0.48 -9.21 3.47
C TYR A 99 0.65 -9.40 1.98
N PHE A 100 1.75 -10.04 1.61
CA PHE A 100 2.02 -10.35 0.21
C PHE A 100 1.89 -11.86 -0.01
N LEU A 101 1.59 -12.21 -1.25
CA LEU A 101 1.49 -13.59 -1.67
C LEU A 101 2.60 -13.88 -2.69
N LYS A 102 3.48 -14.81 -2.38
CA LYS A 102 4.54 -15.19 -3.31
C LYS A 102 4.45 -16.66 -3.66
N GLY A 103 3.91 -16.97 -4.82
CA GLY A 103 3.71 -18.36 -5.19
C GLY A 103 2.63 -18.98 -4.34
N SER A 104 3.04 -19.68 -3.31
CA SER A 104 2.12 -20.19 -2.32
C SER A 104 2.48 -19.66 -0.94
N LYS A 105 3.57 -18.90 -0.88
CA LYS A 105 4.11 -18.42 0.37
C LYS A 105 3.54 -17.04 0.73
N VAL A 106 2.88 -16.97 1.88
CA VAL A 106 2.40 -15.69 2.39
C VAL A 106 3.48 -15.01 3.20
N MET A 107 3.71 -13.73 2.92
CA MET A 107 4.71 -12.96 3.63
C MET A 107 4.18 -11.59 4.02
N PRO A 108 4.07 -11.32 5.33
CA PRO A 108 3.62 -10.02 5.83
C PRO A 108 4.69 -8.94 5.63
N LEU A 109 4.24 -7.69 5.61
CA LEU A 109 5.12 -6.55 5.42
C LEU A 109 5.71 -6.13 6.76
N ASN A 110 6.97 -5.75 6.75
CA ASN A 110 7.63 -5.26 7.95
C ASN A 110 7.59 -3.73 7.96
N THR A 111 7.22 -3.17 9.10
CA THR A 111 7.06 -1.73 9.24
C THR A 111 8.35 -0.98 8.88
N GLY A 112 8.25 -0.12 7.87
CA GLY A 112 9.35 0.73 7.49
C GLY A 112 10.44 0.01 6.71
N GLU A 113 10.15 -1.22 6.31
CA GLU A 113 11.09 -1.98 5.52
C GLU A 113 10.60 -2.07 4.08
N PRO A 114 11.43 -1.65 3.12
CA PRO A 114 11.15 -1.84 1.71
C PRO A 114 11.13 -3.33 1.38
N PHE A 115 9.94 -3.82 1.05
CA PHE A 115 9.74 -5.24 0.84
C PHE A 115 9.32 -5.49 -0.59
N VAL A 116 9.89 -6.54 -1.18
CA VAL A 116 9.68 -6.86 -2.58
C VAL A 116 8.20 -7.02 -2.95
N VAL A 117 7.73 -6.15 -3.84
CA VAL A 117 6.34 -6.18 -4.30
C VAL A 117 6.27 -6.43 -5.81
N GLN A 118 7.40 -6.25 -6.47
CA GLN A 118 7.47 -6.33 -7.93
C GLN A 118 6.98 -7.66 -8.48
N ASP A 119 7.39 -8.76 -7.86
CA ASP A 119 7.12 -10.07 -8.41
C ASP A 119 6.28 -10.91 -7.46
N ILE A 120 5.27 -10.29 -6.87
CA ILE A 120 4.35 -11.00 -6.00
C ILE A 120 3.19 -11.58 -6.83
N ASP A 121 2.44 -12.45 -6.20
CA ASP A 121 1.22 -12.98 -6.81
C ASP A 121 0.06 -12.08 -6.48
N ALA A 122 -0.02 -11.71 -5.21
CA ALA A 122 -1.08 -10.85 -4.74
C ALA A 122 -0.66 -10.11 -3.48
N MET A 123 -1.35 -9.03 -3.18
CA MET A 123 -1.21 -8.34 -1.91
C MET A 123 -2.58 -8.12 -1.29
N SER A 124 -2.63 -8.00 0.03
CA SER A 124 -3.85 -7.65 0.73
C SER A 124 -3.52 -6.73 1.88
N VAL A 125 -4.52 -6.01 2.37
CA VAL A 125 -4.33 -5.20 3.55
C VAL A 125 -5.27 -5.67 4.63
N LEU A 126 -4.70 -6.32 5.62
CA LEU A 126 -5.45 -6.86 6.73
C LEU A 126 -5.24 -5.97 7.95
N PRO A 127 -6.22 -5.88 8.84
CA PRO A 127 -6.07 -5.18 10.10
C PRO A 127 -5.23 -5.97 11.08
N LYS A 128 -4.80 -5.33 12.16
CA LYS A 128 -4.01 -5.98 13.23
C LYS A 128 -4.35 -7.47 13.39
N GLY A 129 -5.64 -7.81 13.38
CA GLY A 129 -6.04 -9.21 13.34
C GLY A 129 -5.75 -9.84 11.97
N SER A 130 -4.47 -9.87 11.62
CA SER A 130 -4.02 -10.26 10.29
C SER A 130 -4.06 -11.77 10.09
N SER A 131 -4.41 -12.50 11.14
CA SER A 131 -4.48 -13.96 11.10
C SER A 131 -5.40 -14.49 10.00
N SER A 132 -6.10 -13.59 9.32
CA SER A 132 -6.92 -13.94 8.17
C SER A 132 -6.08 -14.65 7.12
N LEU A 133 -4.93 -14.09 6.78
CA LEU A 133 -4.07 -14.66 5.76
C LEU A 133 -2.71 -15.07 6.34
N LYS A 134 -2.56 -14.97 7.65
CA LYS A 134 -1.29 -15.26 8.31
C LYS A 134 -1.10 -16.76 8.50
N VAL A 135 -0.73 -17.43 7.42
CA VAL A 135 -0.52 -18.87 7.45
C VAL A 135 0.73 -19.23 6.65
N LYS A 136 1.26 -20.41 6.87
CA LYS A 136 2.49 -20.87 6.21
C LYS A 136 2.38 -20.74 4.70
N THR A 137 1.29 -21.24 4.15
CA THR A 137 1.09 -21.25 2.70
C THR A 137 -0.37 -20.99 2.36
N MET A 138 -0.60 -20.40 1.20
CA MET A 138 -1.94 -20.01 0.81
C MET A 138 -2.15 -20.00 -0.70
N ALA A 139 -3.42 -19.99 -1.08
CA ALA A 139 -3.82 -19.87 -2.47
C ALA A 139 -3.95 -18.40 -2.85
N LYS A 140 -3.39 -18.04 -3.99
CA LYS A 140 -3.47 -16.67 -4.52
C LYS A 140 -4.92 -16.25 -4.73
N ASP A 141 -5.76 -17.23 -5.04
CA ASP A 141 -7.18 -16.98 -5.29
C ASP A 141 -7.88 -16.64 -3.99
N MET A 142 -7.52 -17.36 -2.95
CA MET A 142 -8.06 -17.14 -1.63
C MET A 142 -7.54 -15.82 -1.05
N PHE A 143 -6.26 -15.56 -1.27
CA PHE A 143 -5.59 -14.39 -0.72
C PHE A 143 -6.37 -13.11 -1.02
N VAL A 144 -6.70 -12.93 -2.30
CA VAL A 144 -7.46 -11.76 -2.71
C VAL A 144 -8.89 -11.80 -2.18
N SER A 145 -9.55 -12.94 -2.30
CA SER A 145 -10.94 -13.03 -1.87
C SER A 145 -11.06 -12.82 -0.35
N ARG A 146 -10.04 -13.26 0.38
CA ARG A 146 -9.96 -13.04 1.82
C ARG A 146 -9.72 -11.57 2.13
N GLY A 147 -8.64 -11.02 1.57
CA GLY A 147 -8.31 -9.64 1.81
C GLY A 147 -9.45 -8.71 1.43
N ASN A 148 -10.18 -9.09 0.39
CA ASN A 148 -11.33 -8.32 -0.06
C ASN A 148 -12.39 -8.19 1.04
N THR A 149 -12.62 -9.26 1.80
CA THR A 149 -13.60 -9.21 2.89
C THR A 149 -12.98 -8.54 4.12
N GLU A 150 -11.65 -8.56 4.17
CA GLU A 150 -10.90 -7.78 5.15
C GLU A 150 -10.90 -6.31 4.72
N GLY A 151 -11.34 -6.09 3.49
CA GLY A 151 -11.58 -4.77 2.97
C GLY A 151 -10.56 -4.31 1.94
N ALA A 152 -9.42 -4.99 1.84
CA ALA A 152 -8.47 -4.68 0.76
C ALA A 152 -7.75 -5.91 0.23
N SER A 153 -7.83 -6.12 -1.07
CA SER A 153 -6.96 -7.05 -1.74
C SER A 153 -6.60 -6.57 -3.13
N ILE A 154 -5.49 -7.08 -3.66
CA ILE A 154 -5.02 -6.71 -4.98
C ILE A 154 -4.14 -7.83 -5.53
N SER A 155 -4.55 -8.44 -6.63
CA SER A 155 -3.84 -9.59 -7.17
C SER A 155 -3.36 -9.36 -8.60
N PHE A 156 -2.20 -9.93 -8.92
CA PHE A 156 -1.66 -9.88 -10.27
C PHE A 156 -2.57 -10.62 -11.24
N GLU A 1 17.60 7.48 -1.18
CA GLU A 1 16.62 7.26 -0.08
C GLU A 1 15.41 8.14 -0.29
N GLU A 2 15.64 9.36 -0.75
CA GLU A 2 14.61 10.36 -0.91
C GLU A 2 13.62 9.97 -2.01
N LYS A 3 14.16 9.51 -3.13
CA LYS A 3 13.34 9.20 -4.29
C LYS A 3 12.45 7.99 -4.03
N GLY A 4 11.20 8.11 -4.44
CA GLY A 4 10.23 7.05 -4.22
C GLY A 4 8.84 7.63 -4.12
N ALA A 5 7.89 6.84 -3.65
CA ALA A 5 6.52 7.33 -3.51
C ALA A 5 6.12 7.34 -2.05
N TYR A 6 5.27 8.30 -1.69
CA TYR A 6 4.81 8.43 -0.31
C TYR A 6 3.29 8.46 -0.26
N LEU A 7 2.72 7.65 0.62
CA LEU A 7 1.27 7.60 0.83
C LEU A 7 0.89 8.65 1.85
N VAL A 8 0.07 9.59 1.46
CA VAL A 8 -0.29 10.70 2.30
C VAL A 8 -1.79 10.74 2.53
N PHE A 9 -2.21 11.24 3.68
CA PHE A 9 -3.61 11.43 3.98
C PHE A 9 -4.00 12.89 3.80
N ASP A 10 -5.08 13.12 3.09
CA ASP A 10 -5.58 14.47 2.87
C ASP A 10 -6.99 14.57 3.41
N ASN A 11 -7.39 15.78 3.81
CA ASN A 11 -8.68 15.96 4.46
C ASN A 11 -9.79 16.21 3.43
N ALA A 12 -9.45 16.11 2.16
CA ALA A 12 -10.46 16.20 1.10
C ALA A 12 -11.50 15.12 1.29
N SER A 13 -12.77 15.49 1.27
CA SER A 13 -13.88 14.56 1.50
C SER A 13 -13.73 13.92 2.88
N ASN A 14 -13.08 14.65 3.78
CA ASN A 14 -12.79 14.19 5.15
C ASN A 14 -11.95 12.92 5.16
N GLY A 15 -11.23 12.68 4.08
CA GLY A 15 -10.37 11.51 4.03
C GLY A 15 -10.03 11.11 2.60
N THR A 16 -8.81 11.41 2.19
CA THR A 16 -8.32 11.00 0.87
C THR A 16 -6.89 10.48 0.99
N LEU A 17 -6.53 9.56 0.11
CA LEU A 17 -5.16 9.08 0.03
C LEU A 17 -4.45 9.69 -1.15
N PHE A 18 -3.16 9.86 -1.00
CA PHE A 18 -2.35 10.55 -1.97
C PHE A 18 -1.01 9.85 -2.12
N ILE A 19 -0.65 9.55 -3.36
CA ILE A 19 0.67 9.02 -3.64
C ILE A 19 1.50 10.06 -4.37
N VAL A 20 2.57 10.47 -3.73
CA VAL A 20 3.44 11.48 -4.28
C VAL A 20 4.59 10.83 -5.07
N TRP A 21 4.75 11.26 -6.30
CA TRP A 21 5.88 10.83 -7.11
C TRP A 21 6.91 11.94 -7.18
N LYS A 22 8.01 11.74 -6.46
CA LYS A 22 9.02 12.76 -6.31
C LYS A 22 10.40 12.13 -6.16
N LYS A 23 11.41 12.98 -6.12
CA LYS A 23 12.79 12.54 -5.99
C LYS A 23 13.35 13.04 -4.66
N GLU A 24 12.45 13.60 -3.86
CA GLU A 24 12.80 14.18 -2.57
C GLU A 24 12.05 13.46 -1.47
N LYS A 25 12.34 13.80 -0.23
CA LYS A 25 11.68 13.17 0.89
C LYS A 25 10.36 13.88 1.19
N VAL A 26 9.32 13.08 1.40
CA VAL A 26 8.01 13.60 1.75
C VAL A 26 7.62 13.08 3.13
N GLU A 27 7.34 13.99 4.05
CA GLU A 27 6.99 13.62 5.41
C GLU A 27 5.48 13.61 5.59
N ASN A 28 5.06 13.27 6.81
CA ASN A 28 3.64 13.20 7.16
C ASN A 28 2.93 12.13 6.33
N ALA A 29 3.71 11.15 5.89
CA ALA A 29 3.18 10.08 5.08
C ALA A 29 2.93 8.83 5.92
N LEU A 30 2.01 8.01 5.43
CA LEU A 30 1.57 6.81 6.11
C LEU A 30 2.31 5.59 5.57
N MET A 31 2.68 5.66 4.29
CA MET A 31 3.37 4.55 3.63
C MET A 31 4.36 5.07 2.59
N PHE A 32 5.20 4.18 2.06
CA PHE A 32 6.26 4.58 1.14
C PHE A 32 6.54 3.46 0.11
N ILE A 33 7.01 3.87 -1.07
CA ILE A 33 7.39 2.93 -2.13
C ILE A 33 8.83 3.19 -2.55
N LYS A 34 9.61 2.13 -2.62
CA LYS A 34 10.99 2.24 -3.05
C LYS A 34 11.18 1.60 -4.43
N PRO A 35 11.43 2.38 -5.48
CA PRO A 35 11.70 1.83 -6.80
C PRO A 35 13.11 1.25 -6.90
N THR A 36 13.20 0.07 -7.50
CA THR A 36 14.47 -0.58 -7.73
C THR A 36 15.05 -0.12 -9.06
N LYS A 37 14.17 -0.07 -10.05
CA LYS A 37 14.52 0.44 -11.35
C LYS A 37 14.14 1.91 -11.45
N GLU A 38 14.52 2.53 -12.56
CA GLU A 38 14.13 3.90 -12.83
C GLU A 38 12.62 4.04 -12.75
N VAL A 39 12.18 5.11 -12.12
CA VAL A 39 10.77 5.36 -11.92
C VAL A 39 10.16 5.96 -13.18
N PRO A 40 9.03 5.40 -13.62
CA PRO A 40 8.37 5.79 -14.87
C PRO A 40 8.30 7.30 -15.06
N GLU A 41 8.92 7.76 -16.13
CA GLU A 41 9.13 9.17 -16.38
C GLU A 41 7.83 9.89 -16.65
N PHE A 42 6.93 9.25 -17.38
CA PHE A 42 5.71 9.90 -17.80
C PHE A 42 4.71 9.98 -16.66
N LYS A 43 4.84 9.07 -15.71
CA LYS A 43 3.97 9.09 -14.53
C LYS A 43 4.22 10.34 -13.70
N PHE A 44 5.45 10.85 -13.77
CA PHE A 44 5.79 12.09 -13.09
C PHE A 44 5.12 13.28 -13.77
N VAL A 45 5.35 13.43 -15.07
CA VAL A 45 4.87 14.60 -15.80
C VAL A 45 3.35 14.58 -15.97
N ASN A 46 2.78 13.41 -16.18
CA ASN A 46 1.35 13.30 -16.44
C ASN A 46 0.54 13.57 -15.17
N ARG A 47 1.02 13.08 -14.05
CA ARG A 47 0.33 13.25 -12.78
C ARG A 47 0.75 14.55 -12.09
N ASN A 48 1.81 15.16 -12.62
CA ASN A 48 2.41 16.36 -12.01
C ASN A 48 3.04 16.02 -10.68
N GLY A 49 3.24 14.73 -10.47
CA GLY A 49 3.82 14.23 -9.24
C GLY A 49 2.79 14.03 -8.14
N LYS A 50 1.61 14.61 -8.32
CA LYS A 50 0.52 14.47 -7.36
C LYS A 50 -0.57 13.56 -7.88
N ASN A 51 -0.97 12.57 -7.08
CA ASN A 51 -2.04 11.67 -7.49
C ASN A 51 -2.87 11.24 -6.28
N GLU A 52 -4.16 11.55 -6.33
CA GLU A 52 -5.08 11.13 -5.28
C GLU A 52 -5.61 9.73 -5.59
N LEU A 53 -5.37 8.83 -4.65
CA LEU A 53 -5.68 7.42 -4.83
C LEU A 53 -7.15 7.12 -4.57
N ILE A 54 -7.64 7.53 -3.41
CA ILE A 54 -9.00 7.22 -3.00
C ILE A 54 -9.50 8.26 -2.02
N ARG A 55 -10.81 8.53 -2.02
CA ARG A 55 -11.36 9.57 -1.16
C ARG A 55 -12.60 9.07 -0.41
N ASN A 56 -13.07 9.89 0.53
CA ASN A 56 -14.26 9.61 1.34
C ASN A 56 -13.98 8.50 2.35
N LEU A 57 -12.80 8.55 2.97
CA LEU A 57 -12.39 7.54 3.93
C LEU A 57 -13.13 7.71 5.26
N GLN A 58 -13.66 8.90 5.49
CA GLN A 58 -14.35 9.21 6.73
C GLN A 58 -15.51 8.27 7.01
N SER A 59 -16.34 8.05 5.99
CA SER A 59 -17.58 7.30 6.19
C SER A 59 -17.34 5.80 6.07
N ASP A 60 -16.12 5.42 5.71
CA ASP A 60 -15.76 4.02 5.65
C ASP A 60 -14.25 3.86 5.73
N LYS A 61 -13.79 3.36 6.87
CA LYS A 61 -12.37 3.21 7.12
C LYS A 61 -11.75 2.20 6.16
N LYS A 62 -12.54 1.23 5.76
CA LYS A 62 -12.07 0.14 4.91
C LYS A 62 -11.58 0.67 3.55
N LEU A 63 -12.04 1.85 3.18
CA LEU A 63 -11.58 2.49 1.96
C LEU A 63 -10.09 2.83 2.06
N PHE A 64 -9.62 3.20 3.25
CA PHE A 64 -8.20 3.45 3.46
C PHE A 64 -7.42 2.16 3.21
N TYR A 65 -8.03 1.03 3.58
CA TYR A 65 -7.38 -0.27 3.41
C TYR A 65 -7.12 -0.50 1.93
N SER A 66 -8.18 -0.40 1.14
CA SER A 66 -8.11 -0.63 -0.30
C SER A 66 -7.21 0.42 -0.96
N GLY A 67 -7.24 1.65 -0.44
CA GLY A 67 -6.37 2.69 -0.95
C GLY A 67 -4.91 2.33 -0.79
N ILE A 68 -4.60 1.65 0.31
CA ILE A 68 -3.27 1.10 0.52
C ILE A 68 -2.91 0.13 -0.59
N CYS A 69 -3.82 -0.79 -0.88
CA CYS A 69 -3.65 -1.75 -1.97
C CYS A 69 -3.39 -1.03 -3.29
N GLN A 70 -4.09 0.08 -3.49
CA GLN A 70 -3.92 0.89 -4.69
C GLN A 70 -2.57 1.57 -4.69
N PHE A 71 -2.06 1.84 -3.50
CA PHE A 71 -0.75 2.45 -3.33
C PHE A 71 0.35 1.45 -3.66
N VAL A 72 0.27 0.25 -3.08
CA VAL A 72 1.26 -0.78 -3.33
C VAL A 72 1.17 -1.25 -4.78
N LYS A 73 0.00 -1.05 -5.36
CA LYS A 73 -0.21 -1.32 -6.78
C LYS A 73 0.75 -0.50 -7.62
N GLU A 74 0.97 0.74 -7.22
CA GLU A 74 1.88 1.62 -7.92
C GLU A 74 3.31 1.07 -7.81
N ALA A 75 3.59 0.43 -6.68
CA ALA A 75 4.90 -0.18 -6.46
C ALA A 75 5.05 -1.44 -7.30
N LYS A 76 3.97 -2.20 -7.43
CA LYS A 76 3.96 -3.40 -8.27
C LYS A 76 3.98 -3.00 -9.74
N ASP A 77 3.58 -1.76 -9.97
CA ASP A 77 3.58 -1.17 -11.31
C ASP A 77 4.98 -0.82 -11.78
N ILE A 78 5.75 -0.10 -10.95
CA ILE A 78 7.09 0.34 -11.34
C ILE A 78 8.11 -0.72 -11.02
N LYS A 79 7.65 -1.69 -10.24
CA LYS A 79 8.43 -2.85 -9.84
C LYS A 79 9.47 -2.48 -8.79
N GLY A 80 9.00 -1.92 -7.69
CA GLY A 80 9.88 -1.61 -6.59
C GLY A 80 9.57 -2.40 -5.33
N LYS A 81 9.72 -1.74 -4.19
CA LYS A 81 9.48 -2.32 -2.89
C LYS A 81 8.41 -1.52 -2.17
N LEU A 82 7.72 -2.13 -1.22
CA LEU A 82 6.70 -1.43 -0.47
C LEU A 82 7.12 -1.27 0.98
N THR A 83 6.99 -0.06 1.49
CA THR A 83 7.35 0.24 2.87
C THR A 83 6.13 0.75 3.64
N LEU A 84 5.76 0.04 4.70
CA LEU A 84 4.68 0.47 5.57
C LEU A 84 5.25 1.34 6.67
N LEU A 85 4.95 2.63 6.62
CA LEU A 85 5.36 3.55 7.67
C LEU A 85 4.41 3.44 8.84
N GLN A 86 4.90 3.69 10.03
CA GLN A 86 4.04 3.66 11.20
C GLN A 86 4.07 5.01 11.87
N HIS A 87 2.90 5.49 12.27
CA HIS A 87 2.71 6.86 12.78
C HIS A 87 1.23 7.19 12.77
N PHE A 88 0.68 7.34 11.57
CA PHE A 88 -0.72 7.70 11.39
C PHE A 88 -1.65 6.60 11.90
N ASP A 89 -1.19 5.36 11.76
CA ASP A 89 -1.98 4.19 12.13
C ASP A 89 -2.27 4.14 13.63
N SER A 90 -1.39 4.73 14.42
CA SER A 90 -1.57 4.74 15.85
C SER A 90 -2.39 5.95 16.29
N SER A 91 -2.44 6.96 15.43
CA SER A 91 -3.18 8.18 15.74
C SER A 91 -4.62 8.08 15.23
N PHE A 92 -4.78 7.41 14.09
CA PHE A 92 -6.08 7.22 13.49
C PHE A 92 -6.64 5.87 13.92
N PRO A 93 -7.98 5.72 14.01
CA PRO A 93 -8.61 4.46 14.43
C PRO A 93 -8.50 3.32 13.40
N ILE A 94 -7.54 3.41 12.50
CA ILE A 94 -7.28 2.33 11.57
C ILE A 94 -5.91 1.72 11.82
N LYS A 95 -5.90 0.49 12.31
CA LYS A 95 -4.68 -0.24 12.56
C LYS A 95 -4.68 -1.53 11.76
N VAL A 96 -3.73 -1.68 10.86
CA VAL A 96 -3.74 -2.80 9.92
C VAL A 96 -2.37 -3.40 9.71
N ASP A 97 -2.35 -4.55 9.03
CA ASP A 97 -1.12 -5.22 8.66
C ASP A 97 -1.19 -5.67 7.20
N LEU A 98 -0.13 -5.37 6.45
CA LEU A 98 -0.09 -5.67 5.03
C LEU A 98 0.58 -7.02 4.79
N TYR A 99 0.04 -7.79 3.85
CA TYR A 99 0.61 -9.08 3.49
C TYR A 99 0.76 -9.18 1.97
N PHE A 100 1.82 -9.86 1.53
CA PHE A 100 2.01 -10.14 0.12
C PHE A 100 1.92 -11.65 -0.13
N LEU A 101 1.40 -12.00 -1.29
CA LEU A 101 1.38 -13.37 -1.76
C LEU A 101 2.48 -13.51 -2.81
N LYS A 102 3.43 -14.42 -2.61
CA LYS A 102 4.43 -14.67 -3.62
C LYS A 102 4.46 -16.14 -3.99
N GLY A 103 3.85 -16.48 -5.13
CA GLY A 103 3.75 -17.86 -5.55
C GLY A 103 2.82 -18.64 -4.66
N SER A 104 3.39 -19.36 -3.72
CA SER A 104 2.61 -20.07 -2.72
C SER A 104 2.97 -19.54 -1.32
N LYS A 105 4.02 -18.75 -1.24
CA LYS A 105 4.51 -18.28 0.04
C LYS A 105 3.95 -16.88 0.36
N VAL A 106 3.14 -16.81 1.41
CA VAL A 106 2.62 -15.53 1.87
C VAL A 106 3.54 -14.93 2.93
N MET A 107 3.77 -13.62 2.84
CA MET A 107 4.66 -12.93 3.76
C MET A 107 4.08 -11.58 4.15
N PRO A 108 4.06 -11.25 5.45
CA PRO A 108 3.61 -9.95 5.95
C PRO A 108 4.64 -8.85 5.73
N LEU A 109 4.18 -7.61 5.78
CA LEU A 109 5.04 -6.45 5.55
C LEU A 109 5.76 -6.09 6.85
N ASN A 110 7.00 -5.65 6.72
CA ASN A 110 7.78 -5.23 7.87
C ASN A 110 7.70 -3.71 8.01
N THR A 111 7.50 -3.25 9.24
CA THR A 111 7.32 -1.83 9.51
C THR A 111 8.53 -1.02 9.08
N GLY A 112 8.30 -0.05 8.19
CA GLY A 112 9.36 0.82 7.72
C GLY A 112 10.46 0.05 7.03
N GLU A 113 10.08 -0.97 6.30
CA GLU A 113 11.03 -1.80 5.60
C GLU A 113 10.56 -1.98 4.16
N PRO A 114 11.44 -1.70 3.19
CA PRO A 114 11.15 -1.97 1.79
C PRO A 114 11.05 -3.47 1.54
N PHE A 115 9.85 -3.91 1.21
CA PHE A 115 9.58 -5.31 1.02
C PHE A 115 9.16 -5.56 -0.42
N VAL A 116 9.58 -6.69 -0.97
CA VAL A 116 9.39 -7.00 -2.38
C VAL A 116 7.91 -7.03 -2.77
N VAL A 117 7.53 -6.08 -3.61
CA VAL A 117 6.16 -5.99 -4.12
C VAL A 117 6.14 -6.20 -5.63
N GLN A 118 7.31 -6.04 -6.24
CA GLN A 118 7.45 -6.09 -7.69
C GLN A 118 7.09 -7.46 -8.25
N ASP A 119 7.36 -8.51 -7.49
CA ASP A 119 7.21 -9.86 -8.00
C ASP A 119 6.22 -10.65 -7.16
N ILE A 120 5.15 -9.98 -6.71
CA ILE A 120 4.13 -10.64 -5.92
C ILE A 120 3.04 -11.21 -6.82
N ASP A 121 2.19 -12.02 -6.22
CA ASP A 121 1.04 -12.60 -6.91
C ASP A 121 -0.21 -11.84 -6.53
N ALA A 122 -0.29 -11.49 -5.26
CA ALA A 122 -1.43 -10.76 -4.74
C ALA A 122 -1.04 -10.02 -3.47
N MET A 123 -1.79 -9.00 -3.14
CA MET A 123 -1.56 -8.24 -1.92
C MET A 123 -2.90 -7.93 -1.25
N SER A 124 -2.89 -7.82 0.07
CA SER A 124 -4.11 -7.53 0.83
C SER A 124 -3.80 -6.85 2.15
N VAL A 125 -4.80 -6.21 2.73
CA VAL A 125 -4.65 -5.50 3.99
C VAL A 125 -5.67 -6.02 5.01
N LEU A 126 -5.19 -6.72 6.03
CA LEU A 126 -6.08 -7.18 7.09
C LEU A 126 -5.84 -6.33 8.32
N PRO A 127 -6.89 -5.93 9.03
CA PRO A 127 -6.76 -5.17 10.26
C PRO A 127 -6.44 -6.05 11.46
N LYS A 128 -5.31 -5.80 12.08
CA LYS A 128 -4.81 -6.49 13.29
C LYS A 128 -4.91 -8.01 13.23
N GLY A 129 -6.12 -8.57 13.30
CA GLY A 129 -6.29 -9.99 13.11
C GLY A 129 -5.96 -10.40 11.67
N SER A 130 -4.67 -10.46 11.39
CA SER A 130 -4.17 -10.71 10.05
C SER A 130 -4.06 -12.20 9.76
N SER A 131 -4.37 -13.01 10.77
CA SER A 131 -4.28 -14.47 10.66
C SER A 131 -5.13 -15.03 9.51
N SER A 132 -5.93 -14.17 8.89
CA SER A 132 -6.63 -14.52 7.66
C SER A 132 -5.64 -15.00 6.61
N LEU A 133 -4.57 -14.25 6.45
CA LEU A 133 -3.57 -14.52 5.42
C LEU A 133 -2.20 -14.84 6.03
N LYS A 134 -2.18 -15.25 7.28
CA LYS A 134 -0.92 -15.51 7.96
C LYS A 134 -0.70 -17.01 8.15
N VAL A 135 -0.22 -17.67 7.10
CA VAL A 135 0.04 -19.09 7.15
C VAL A 135 1.34 -19.42 6.40
N LYS A 136 1.92 -20.58 6.64
CA LYS A 136 3.15 -20.99 5.98
C LYS A 136 3.06 -20.85 4.45
N THR A 137 1.96 -21.33 3.88
CA THR A 137 1.74 -21.22 2.45
C THR A 137 0.30 -20.87 2.15
N MET A 138 0.07 -20.19 1.02
CA MET A 138 -1.24 -19.67 0.71
C MET A 138 -1.54 -19.68 -0.79
N ALA A 139 -2.82 -19.68 -1.10
CA ALA A 139 -3.29 -19.60 -2.48
C ALA A 139 -3.49 -18.14 -2.90
N LYS A 140 -3.10 -17.84 -4.13
CA LYS A 140 -3.27 -16.51 -4.70
C LYS A 140 -4.76 -16.17 -4.85
N ASP A 141 -5.55 -17.20 -5.11
CA ASP A 141 -6.98 -17.05 -5.31
C ASP A 141 -7.67 -16.74 -3.99
N MET A 142 -7.17 -17.38 -2.95
CA MET A 142 -7.68 -17.19 -1.61
C MET A 142 -7.26 -15.84 -1.05
N PHE A 143 -6.01 -15.48 -1.31
CA PHE A 143 -5.41 -14.28 -0.75
C PHE A 143 -6.30 -13.06 -0.99
N VAL A 144 -6.64 -12.84 -2.25
CA VAL A 144 -7.47 -11.71 -2.63
C VAL A 144 -8.86 -11.80 -2.01
N SER A 145 -9.46 -12.98 -2.04
CA SER A 145 -10.81 -13.15 -1.50
C SER A 145 -10.82 -12.90 0.01
N ARG A 146 -9.80 -13.41 0.69
CA ARG A 146 -9.63 -13.19 2.12
C ARG A 146 -9.45 -11.72 2.44
N GLY A 147 -8.62 -11.04 1.67
CA GLY A 147 -8.38 -9.63 1.89
C GLY A 147 -9.59 -8.79 1.55
N ASN A 148 -10.26 -9.15 0.46
CA ASN A 148 -11.44 -8.42 0.02
C ASN A 148 -12.53 -8.41 1.10
N THR A 149 -12.72 -9.53 1.79
CA THR A 149 -13.73 -9.60 2.84
C THR A 149 -13.26 -8.83 4.07
N GLU A 150 -11.96 -8.60 4.18
CA GLU A 150 -11.40 -7.76 5.23
C GLU A 150 -11.38 -6.31 4.77
N GLY A 151 -11.73 -6.12 3.51
CA GLY A 151 -11.94 -4.81 2.96
C GLY A 151 -10.87 -4.36 1.98
N ALA A 152 -9.72 -5.03 1.92
CA ALA A 152 -8.74 -4.69 0.90
C ALA A 152 -8.01 -5.90 0.34
N SER A 153 -8.06 -6.07 -0.97
CA SER A 153 -7.16 -6.96 -1.67
C SER A 153 -6.86 -6.44 -3.07
N ILE A 154 -5.79 -6.96 -3.66
CA ILE A 154 -5.40 -6.59 -5.01
C ILE A 154 -4.53 -7.72 -5.58
N SER A 155 -4.99 -8.33 -6.66
CA SER A 155 -4.37 -9.52 -7.18
C SER A 155 -3.88 -9.35 -8.62
N PHE A 156 -2.77 -9.99 -8.93
CA PHE A 156 -2.26 -10.04 -10.30
C PHE A 156 -3.30 -10.63 -11.24
N GLU A 1 16.62 6.54 -0.24
CA GLU A 1 17.19 7.91 -0.23
C GLU A 1 16.26 8.88 -0.94
N GLU A 2 15.12 9.17 -0.29
CA GLU A 2 14.14 10.16 -0.77
C GLU A 2 13.34 9.66 -1.98
N LYS A 3 14.04 9.21 -3.02
CA LYS A 3 13.39 8.75 -4.26
C LYS A 3 12.37 7.66 -3.97
N GLY A 4 11.16 7.83 -4.48
CA GLY A 4 10.14 6.82 -4.29
C GLY A 4 8.76 7.41 -4.28
N ALA A 5 7.84 6.75 -3.59
CA ALA A 5 6.48 7.24 -3.45
C ALA A 5 6.07 7.27 -1.98
N TYR A 6 5.14 8.15 -1.64
CA TYR A 6 4.65 8.27 -0.27
C TYR A 6 3.13 8.23 -0.24
N LEU A 7 2.60 7.40 0.64
CA LEU A 7 1.16 7.32 0.87
C LEU A 7 0.80 8.34 1.92
N VAL A 8 -0.05 9.27 1.58
CA VAL A 8 -0.36 10.37 2.48
C VAL A 8 -1.85 10.40 2.80
N PHE A 9 -2.17 10.73 4.04
CA PHE A 9 -3.54 10.98 4.44
C PHE A 9 -3.81 12.47 4.43
N ASP A 10 -4.84 12.88 3.73
CA ASP A 10 -5.19 14.28 3.67
C ASP A 10 -6.60 14.48 4.17
N ASN A 11 -6.87 15.68 4.68
CA ASN A 11 -8.14 15.96 5.33
C ASN A 11 -9.22 16.34 4.32
N ALA A 12 -8.84 16.38 3.04
CA ALA A 12 -9.82 16.58 1.97
C ALA A 12 -10.85 15.46 2.01
N SER A 13 -12.12 15.82 1.89
CA SER A 13 -13.21 14.85 1.97
C SER A 13 -13.20 14.12 3.31
N ASN A 14 -12.57 14.77 4.30
CA ASN A 14 -12.41 14.21 5.65
C ASN A 14 -11.62 12.90 5.62
N GLY A 15 -10.84 12.71 4.56
CA GLY A 15 -10.03 11.52 4.44
C GLY A 15 -9.73 11.22 2.99
N THR A 16 -8.55 11.58 2.56
CA THR A 16 -8.11 11.25 1.21
C THR A 16 -6.74 10.59 1.26
N LEU A 17 -6.52 9.64 0.37
CA LEU A 17 -5.25 8.99 0.25
C LEU A 17 -4.52 9.50 -0.97
N PHE A 18 -3.25 9.82 -0.79
CA PHE A 18 -2.46 10.47 -1.79
C PHE A 18 -1.15 9.73 -2.01
N ILE A 19 -0.83 9.44 -3.25
CA ILE A 19 0.44 8.83 -3.59
C ILE A 19 1.32 9.85 -4.32
N VAL A 20 2.33 10.32 -3.61
CA VAL A 20 3.20 11.35 -4.13
C VAL A 20 4.40 10.73 -4.86
N TRP A 21 4.59 11.15 -6.10
CA TRP A 21 5.74 10.73 -6.86
C TRP A 21 6.73 11.86 -6.96
N LYS A 22 7.81 11.73 -6.22
CA LYS A 22 8.78 12.78 -6.04
C LYS A 22 10.18 12.21 -6.05
N LYS A 23 11.15 13.11 -6.00
CA LYS A 23 12.54 12.74 -6.00
C LYS A 23 13.17 13.24 -4.70
N GLU A 24 12.30 13.53 -3.75
CA GLU A 24 12.71 14.08 -2.46
C GLU A 24 11.97 13.40 -1.32
N LYS A 25 12.30 13.74 -0.10
CA LYS A 25 11.64 13.17 1.06
C LYS A 25 10.30 13.84 1.34
N VAL A 26 9.31 13.02 1.66
CA VAL A 26 7.99 13.49 2.06
C VAL A 26 7.67 12.97 3.45
N GLU A 27 7.17 13.82 4.31
CA GLU A 27 6.82 13.41 5.65
C GLU A 27 5.32 13.47 5.86
N ASN A 28 4.86 13.07 7.05
CA ASN A 28 3.44 13.00 7.36
C ASN A 28 2.77 11.92 6.51
N ALA A 29 3.59 10.99 6.04
CA ALA A 29 3.11 9.91 5.18
C ALA A 29 2.92 8.64 5.99
N LEU A 30 2.04 7.79 5.48
CA LEU A 30 1.65 6.56 6.15
C LEU A 30 2.43 5.38 5.58
N MET A 31 2.80 5.51 4.32
CA MET A 31 3.47 4.43 3.60
C MET A 31 4.45 4.98 2.57
N PHE A 32 5.27 4.10 2.01
CA PHE A 32 6.33 4.51 1.10
C PHE A 32 6.60 3.40 0.07
N ILE A 33 7.10 3.79 -1.09
CA ILE A 33 7.48 2.85 -2.13
C ILE A 33 8.92 3.11 -2.54
N LYS A 34 9.74 2.08 -2.49
CA LYS A 34 11.13 2.21 -2.92
C LYS A 34 11.31 1.40 -4.19
N PRO A 35 11.49 2.07 -5.34
CA PRO A 35 11.66 1.39 -6.62
C PRO A 35 13.03 0.73 -6.77
N THR A 36 13.01 -0.53 -7.16
CA THR A 36 14.22 -1.24 -7.55
C THR A 36 14.53 -0.91 -8.99
N LYS A 37 13.49 -0.91 -9.78
CA LYS A 37 13.56 -0.49 -11.17
C LYS A 37 13.36 1.02 -11.21
N GLU A 38 14.08 1.68 -12.10
CA GLU A 38 14.01 3.13 -12.21
C GLU A 38 12.57 3.55 -12.46
N VAL A 39 12.18 4.63 -11.82
CA VAL A 39 10.79 5.06 -11.83
C VAL A 39 10.45 5.80 -13.10
N PRO A 40 9.28 5.48 -13.68
CA PRO A 40 8.77 6.11 -14.89
C PRO A 40 8.81 7.63 -14.82
N GLU A 41 9.55 8.22 -15.75
CA GLU A 41 9.79 9.65 -15.75
C GLU A 41 8.55 10.43 -16.08
N PHE A 42 7.76 9.92 -17.01
CA PHE A 42 6.58 10.62 -17.47
C PHE A 42 5.51 10.67 -16.39
N LYS A 43 5.55 9.69 -15.48
CA LYS A 43 4.59 9.63 -14.38
C LYS A 43 4.82 10.77 -13.40
N PHE A 44 6.04 11.28 -13.36
CA PHE A 44 6.36 12.42 -12.52
C PHE A 44 5.80 13.70 -13.13
N VAL A 45 6.11 13.91 -14.40
CA VAL A 45 5.78 15.16 -15.08
C VAL A 45 4.29 15.25 -15.38
N ASN A 46 3.68 14.14 -15.78
CA ASN A 46 2.26 14.14 -16.12
C ASN A 46 1.39 14.36 -14.90
N ARG A 47 1.78 13.75 -13.79
CA ARG A 47 1.01 13.84 -12.56
C ARG A 47 1.37 15.07 -11.75
N ASN A 48 2.45 15.76 -12.16
CA ASN A 48 2.96 16.94 -11.44
C ASN A 48 3.47 16.52 -10.06
N GLY A 49 3.65 15.22 -9.89
CA GLY A 49 4.09 14.68 -8.62
C GLY A 49 2.93 14.31 -7.72
N LYS A 50 1.73 14.76 -8.08
CA LYS A 50 0.55 14.48 -7.27
C LYS A 50 -0.34 13.45 -7.92
N ASN A 51 -0.85 12.54 -7.12
CA ASN A 51 -1.89 11.62 -7.56
C ASN A 51 -2.76 11.23 -6.36
N GLU A 52 -4.03 11.56 -6.46
CA GLU A 52 -4.98 11.23 -5.40
C GLU A 52 -5.60 9.86 -5.66
N LEU A 53 -5.42 8.97 -4.70
CA LEU A 53 -5.82 7.57 -4.83
C LEU A 53 -7.29 7.37 -4.56
N ILE A 54 -7.70 7.70 -3.35
CA ILE A 54 -9.06 7.44 -2.91
C ILE A 54 -9.56 8.55 -2.00
N ARG A 55 -10.87 8.74 -1.94
CA ARG A 55 -11.48 9.81 -1.15
C ARG A 55 -12.36 9.28 -0.06
N ASN A 56 -12.79 10.20 0.79
CA ASN A 56 -13.98 10.03 1.61
C ASN A 56 -13.80 8.93 2.64
N LEU A 57 -12.60 8.83 3.20
CA LEU A 57 -12.25 7.77 4.13
C LEU A 57 -13.03 7.88 5.44
N GLN A 58 -13.50 9.07 5.77
CA GLN A 58 -14.29 9.27 6.98
C GLN A 58 -15.56 8.42 6.97
N SER A 59 -16.27 8.45 5.85
CA SER A 59 -17.58 7.83 5.75
C SER A 59 -17.45 6.32 5.66
N ASP A 60 -16.24 5.84 5.45
CA ASP A 60 -15.98 4.42 5.34
C ASP A 60 -14.51 4.10 5.56
N LYS A 61 -14.22 3.46 6.68
CA LYS A 61 -12.85 3.15 7.07
C LYS A 61 -12.16 2.26 6.05
N LYS A 62 -12.93 1.35 5.48
CA LYS A 62 -12.38 0.34 4.59
C LYS A 62 -11.81 0.95 3.32
N LEU A 63 -12.25 2.15 2.98
CA LEU A 63 -11.71 2.88 1.86
C LEU A 63 -10.21 3.09 2.00
N PHE A 64 -9.74 3.39 3.21
CA PHE A 64 -8.31 3.53 3.45
C PHE A 64 -7.60 2.22 3.13
N TYR A 65 -8.26 1.11 3.46
CA TYR A 65 -7.68 -0.21 3.25
C TYR A 65 -7.39 -0.42 1.76
N SER A 66 -8.44 -0.29 0.97
CA SER A 66 -8.35 -0.39 -0.48
C SER A 66 -7.41 0.68 -1.04
N GLY A 67 -7.44 1.88 -0.47
CA GLY A 67 -6.51 2.92 -0.90
C GLY A 67 -5.07 2.46 -0.78
N ILE A 68 -4.80 1.64 0.24
CA ILE A 68 -3.48 1.06 0.44
C ILE A 68 -3.13 0.11 -0.70
N CYS A 69 -4.05 -0.77 -1.07
CA CYS A 69 -3.79 -1.73 -2.14
C CYS A 69 -3.55 -0.98 -3.45
N GLN A 70 -4.29 0.10 -3.62
CA GLN A 70 -4.11 0.99 -4.77
C GLN A 70 -2.73 1.63 -4.75
N PHE A 71 -2.22 1.90 -3.57
CA PHE A 71 -0.91 2.49 -3.39
C PHE A 71 0.19 1.48 -3.74
N VAL A 72 0.12 0.29 -3.15
CA VAL A 72 1.11 -0.75 -3.41
C VAL A 72 0.97 -1.23 -4.84
N LYS A 73 -0.21 -1.02 -5.41
CA LYS A 73 -0.46 -1.33 -6.81
C LYS A 73 0.57 -0.67 -7.70
N GLU A 74 0.83 0.60 -7.43
CA GLU A 74 1.80 1.35 -8.21
C GLU A 74 3.18 0.75 -8.01
N ALA A 75 3.46 0.32 -6.79
CA ALA A 75 4.72 -0.35 -6.49
C ALA A 75 4.90 -1.62 -7.31
N LYS A 76 3.80 -2.31 -7.60
CA LYS A 76 3.85 -3.47 -8.49
C LYS A 76 4.06 -2.99 -9.93
N ASP A 77 3.48 -1.85 -10.24
CA ASP A 77 3.44 -1.33 -11.60
C ASP A 77 4.80 -0.81 -12.05
N ILE A 78 5.50 -0.14 -11.15
CA ILE A 78 6.83 0.39 -11.48
C ILE A 78 7.90 -0.63 -11.13
N LYS A 79 7.43 -1.66 -10.42
CA LYS A 79 8.26 -2.78 -9.99
C LYS A 79 9.26 -2.35 -8.94
N GLY A 80 8.74 -1.93 -7.79
CA GLY A 80 9.59 -1.54 -6.69
C GLY A 80 9.37 -2.40 -5.45
N LYS A 81 9.62 -1.79 -4.31
CA LYS A 81 9.40 -2.40 -3.02
C LYS A 81 8.42 -1.56 -2.23
N LEU A 82 7.68 -2.18 -1.32
CA LEU A 82 6.68 -1.47 -0.56
C LEU A 82 7.16 -1.31 0.89
N THR A 83 6.94 -0.11 1.44
CA THR A 83 7.31 0.20 2.80
C THR A 83 6.10 0.70 3.59
N LEU A 84 5.83 0.08 4.71
CA LEU A 84 4.77 0.53 5.61
C LEU A 84 5.36 1.40 6.71
N LEU A 85 5.06 2.69 6.65
CA LEU A 85 5.53 3.63 7.66
C LEU A 85 4.63 3.57 8.87
N GLN A 86 5.16 3.88 10.04
CA GLN A 86 4.36 3.84 11.24
C GLN A 86 4.32 5.20 11.90
N HIS A 87 3.10 5.55 12.34
CA HIS A 87 2.78 6.83 12.94
C HIS A 87 1.26 7.01 12.87
N PHE A 88 0.72 6.87 11.67
CA PHE A 88 -0.72 6.91 11.45
C PHE A 88 -1.44 5.80 12.19
N ASP A 89 -1.00 4.56 11.98
CA ASP A 89 -1.61 3.38 12.60
C ASP A 89 -1.68 3.51 14.13
N SER A 90 -0.70 4.17 14.71
CA SER A 90 -0.62 4.30 16.16
C SER A 90 -1.48 5.46 16.67
N SER A 91 -1.97 6.28 15.76
CA SER A 91 -2.73 7.48 16.16
C SER A 91 -4.16 7.44 15.64
N PHE A 92 -4.36 6.86 14.46
CA PHE A 92 -5.66 6.84 13.83
C PHE A 92 -6.38 5.53 14.15
N PRO A 93 -7.72 5.56 14.25
CA PRO A 93 -8.56 4.38 14.54
C PRO A 93 -8.46 3.26 13.50
N ILE A 94 -7.72 3.49 12.41
CA ILE A 94 -7.49 2.42 11.45
C ILE A 94 -6.11 1.84 11.64
N LYS A 95 -6.07 0.64 12.16
CA LYS A 95 -4.82 -0.06 12.42
C LYS A 95 -4.82 -1.37 11.67
N VAL A 96 -3.81 -1.58 10.83
CA VAL A 96 -3.82 -2.69 9.88
C VAL A 96 -2.45 -3.28 9.67
N ASP A 97 -2.38 -4.36 8.90
CA ASP A 97 -1.11 -4.98 8.53
C ASP A 97 -1.17 -5.47 7.09
N LEU A 98 -0.08 -5.23 6.37
CA LEU A 98 0.00 -5.56 4.96
C LEU A 98 0.67 -6.90 4.74
N TYR A 99 0.13 -7.68 3.80
CA TYR A 99 0.68 -8.99 3.47
C TYR A 99 0.85 -9.14 1.96
N PHE A 100 1.94 -9.79 1.55
CA PHE A 100 2.15 -10.11 0.15
C PHE A 100 2.06 -11.61 -0.07
N LEU A 101 1.70 -11.99 -1.28
CA LEU A 101 1.67 -13.37 -1.71
C LEU A 101 2.75 -13.57 -2.76
N LYS A 102 3.76 -14.39 -2.48
CA LYS A 102 4.80 -14.68 -3.46
C LYS A 102 4.92 -16.19 -3.67
N GLY A 103 4.48 -16.65 -4.84
CA GLY A 103 4.49 -18.06 -5.13
C GLY A 103 3.43 -18.78 -4.34
N SER A 104 3.85 -19.43 -3.28
CA SER A 104 2.92 -20.03 -2.34
C SER A 104 3.14 -19.45 -0.96
N LYS A 105 4.16 -18.62 -0.83
CA LYS A 105 4.56 -18.11 0.46
C LYS A 105 3.95 -16.73 0.71
N VAL A 106 3.12 -16.65 1.73
CA VAL A 106 2.55 -15.38 2.17
C VAL A 106 3.47 -14.76 3.22
N MET A 107 3.77 -13.48 3.03
CA MET A 107 4.70 -12.77 3.89
C MET A 107 4.17 -11.38 4.26
N PRO A 108 4.19 -11.04 5.54
CA PRO A 108 3.76 -9.72 6.03
C PRO A 108 4.80 -8.63 5.75
N LEU A 109 4.37 -7.37 5.79
CA LEU A 109 5.24 -6.24 5.53
C LEU A 109 5.98 -5.86 6.82
N ASN A 110 7.25 -5.49 6.67
CA ASN A 110 8.04 -5.03 7.79
C ASN A 110 7.93 -3.52 7.89
N THR A 111 7.69 -3.03 9.10
CA THR A 111 7.48 -1.61 9.34
C THR A 111 8.71 -0.80 8.92
N GLY A 112 8.49 0.09 7.97
CA GLY A 112 9.55 0.97 7.49
C GLY A 112 10.65 0.22 6.78
N GLU A 113 10.29 -0.83 6.07
CA GLU A 113 11.25 -1.58 5.28
C GLU A 113 10.73 -1.77 3.87
N PRO A 114 11.58 -1.53 2.86
CA PRO A 114 11.27 -1.86 1.48
C PRO A 114 11.15 -3.37 1.31
N PHE A 115 9.94 -3.83 1.03
CA PHE A 115 9.67 -5.24 0.89
C PHE A 115 9.18 -5.54 -0.52
N VAL A 116 9.67 -6.63 -1.07
CA VAL A 116 9.44 -6.99 -2.47
C VAL A 116 7.94 -7.07 -2.82
N VAL A 117 7.53 -6.15 -3.69
CA VAL A 117 6.17 -6.15 -4.22
C VAL A 117 6.19 -6.35 -5.73
N GLN A 118 7.38 -6.22 -6.31
CA GLN A 118 7.53 -6.40 -7.74
C GLN A 118 7.37 -7.87 -8.12
N ASP A 119 6.43 -8.13 -9.03
CA ASP A 119 6.20 -9.48 -9.56
C ASP A 119 5.71 -10.42 -8.44
N ILE A 120 4.87 -9.89 -7.56
CA ILE A 120 4.23 -10.71 -6.54
C ILE A 120 3.04 -11.43 -7.15
N ASP A 121 2.44 -12.33 -6.39
CA ASP A 121 1.23 -13.00 -6.84
C ASP A 121 0.03 -12.13 -6.49
N ALA A 122 -0.03 -11.72 -5.23
CA ALA A 122 -1.13 -10.91 -4.76
C ALA A 122 -0.73 -10.13 -3.51
N MET A 123 -1.54 -9.14 -3.17
CA MET A 123 -1.35 -8.34 -1.96
C MET A 123 -2.71 -8.04 -1.34
N SER A 124 -2.75 -7.92 -0.01
CA SER A 124 -4.00 -7.65 0.70
C SER A 124 -3.74 -6.93 2.01
N VAL A 125 -4.75 -6.23 2.51
CA VAL A 125 -4.64 -5.52 3.77
C VAL A 125 -5.70 -6.02 4.76
N LEU A 126 -5.25 -6.66 5.84
CA LEU A 126 -6.18 -7.07 6.88
C LEU A 126 -5.99 -6.17 8.09
N PRO A 127 -7.08 -5.76 8.75
CA PRO A 127 -6.98 -4.93 9.94
C PRO A 127 -6.68 -5.75 11.18
N LYS A 128 -5.54 -5.46 11.79
CA LYS A 128 -5.01 -6.16 12.97
C LYS A 128 -5.01 -7.69 12.86
N GLY A 129 -6.19 -8.29 12.82
CA GLY A 129 -6.31 -9.73 12.68
C GLY A 129 -5.89 -10.22 11.31
N SER A 130 -4.58 -10.20 11.07
CA SER A 130 -4.00 -10.59 9.81
C SER A 130 -4.01 -12.10 9.64
N SER A 131 -4.44 -12.80 10.69
CA SER A 131 -4.46 -14.26 10.71
C SER A 131 -5.30 -14.83 9.55
N SER A 132 -6.08 -13.98 8.91
CA SER A 132 -6.80 -14.36 7.69
C SER A 132 -5.83 -14.95 6.66
N LEU A 133 -4.69 -14.30 6.50
CA LEU A 133 -3.72 -14.72 5.50
C LEU A 133 -2.40 -15.13 6.14
N LYS A 134 -2.38 -15.21 7.46
CA LYS A 134 -1.14 -15.54 8.18
C LYS A 134 -0.99 -17.05 8.33
N VAL A 135 -0.49 -17.70 7.29
CA VAL A 135 -0.23 -19.12 7.33
C VAL A 135 1.08 -19.42 6.62
N LYS A 136 1.67 -20.58 6.89
CA LYS A 136 2.92 -21.01 6.27
C LYS A 136 2.91 -20.75 4.77
N THR A 137 1.87 -21.24 4.13
CA THR A 137 1.73 -21.14 2.68
C THR A 137 0.29 -20.84 2.32
N MET A 138 0.09 -20.13 1.20
CA MET A 138 -1.23 -19.64 0.84
C MET A 138 -1.47 -19.62 -0.67
N ALA A 139 -2.75 -19.67 -1.04
CA ALA A 139 -3.17 -19.56 -2.43
C ALA A 139 -3.39 -18.11 -2.82
N LYS A 140 -2.99 -17.77 -4.04
CA LYS A 140 -3.19 -16.42 -4.58
C LYS A 140 -4.67 -16.13 -4.72
N ASP A 141 -5.45 -17.17 -5.00
CA ASP A 141 -6.88 -17.03 -5.22
C ASP A 141 -7.58 -16.74 -3.89
N MET A 142 -7.13 -17.43 -2.86
CA MET A 142 -7.65 -17.24 -1.53
C MET A 142 -7.20 -15.90 -0.97
N PHE A 143 -5.96 -15.53 -1.28
CA PHE A 143 -5.33 -14.34 -0.72
C PHE A 143 -6.17 -13.10 -1.00
N VAL A 144 -6.57 -12.93 -2.25
CA VAL A 144 -7.40 -11.81 -2.64
C VAL A 144 -8.79 -11.89 -2.01
N SER A 145 -9.41 -13.05 -2.07
CA SER A 145 -10.76 -13.20 -1.54
C SER A 145 -10.78 -12.93 -0.03
N ARG A 146 -9.77 -13.45 0.68
CA ARG A 146 -9.63 -13.22 2.11
C ARG A 146 -9.43 -11.75 2.44
N GLY A 147 -8.61 -11.08 1.63
CA GLY A 147 -8.36 -9.67 1.86
C GLY A 147 -9.54 -8.81 1.47
N ASN A 148 -10.16 -9.16 0.35
CA ASN A 148 -11.33 -8.44 -0.15
C ASN A 148 -12.45 -8.41 0.89
N THR A 149 -12.65 -9.52 1.60
CA THR A 149 -13.69 -9.57 2.62
C THR A 149 -13.31 -8.73 3.84
N GLU A 150 -12.01 -8.54 4.05
CA GLU A 150 -11.53 -7.67 5.11
C GLU A 150 -11.46 -6.22 4.61
N GLY A 151 -11.76 -6.07 3.33
CA GLY A 151 -11.93 -4.76 2.74
C GLY A 151 -10.81 -4.34 1.80
N ALA A 152 -9.68 -5.03 1.78
CA ALA A 152 -8.66 -4.71 0.77
C ALA A 152 -7.92 -5.94 0.26
N SER A 153 -7.93 -6.10 -1.04
CA SER A 153 -7.05 -7.04 -1.72
C SER A 153 -6.73 -6.58 -3.12
N ILE A 154 -5.64 -7.08 -3.66
CA ILE A 154 -5.20 -6.75 -5.00
C ILE A 154 -4.30 -7.87 -5.55
N SER A 155 -4.74 -8.51 -6.61
CA SER A 155 -4.03 -9.66 -7.15
C SER A 155 -3.66 -9.47 -8.60
N PHE A 156 -2.52 -10.04 -8.98
CA PHE A 156 -2.07 -10.04 -10.37
C PHE A 156 -3.14 -10.64 -11.27
N GLU A 1 16.78 9.18 1.48
CA GLU A 1 15.75 8.41 0.77
C GLU A 1 14.71 9.35 0.18
N GLU A 2 15.10 10.08 -0.86
CA GLU A 2 14.26 11.11 -1.44
C GLU A 2 13.43 10.54 -2.59
N LYS A 3 14.06 9.77 -3.47
CA LYS A 3 13.36 9.23 -4.63
C LYS A 3 12.47 8.06 -4.23
N GLY A 4 11.22 8.12 -4.66
CA GLY A 4 10.28 7.06 -4.39
C GLY A 4 8.86 7.57 -4.38
N ALA A 5 7.97 6.89 -3.66
CA ALA A 5 6.59 7.34 -3.54
C ALA A 5 6.14 7.39 -2.08
N TYR A 6 5.19 8.25 -1.78
CA TYR A 6 4.69 8.39 -0.41
C TYR A 6 3.16 8.40 -0.39
N LEU A 7 2.59 7.62 0.53
CA LEU A 7 1.15 7.59 0.74
C LEU A 7 0.80 8.66 1.76
N VAL A 8 -0.02 9.61 1.38
CA VAL A 8 -0.32 10.74 2.23
C VAL A 8 -1.81 10.79 2.57
N PHE A 9 -2.13 11.30 3.74
CA PHE A 9 -3.50 11.52 4.14
C PHE A 9 -3.92 12.96 3.88
N ASP A 10 -5.12 13.14 3.38
CA ASP A 10 -5.65 14.47 3.15
C ASP A 10 -7.06 14.56 3.72
N ASN A 11 -7.48 15.76 4.08
CA ASN A 11 -8.76 15.96 4.74
C ASN A 11 -9.89 16.17 3.73
N ALA A 12 -9.54 16.16 2.45
CA ALA A 12 -10.53 16.32 1.39
C ALA A 12 -11.60 15.24 1.46
N SER A 13 -12.86 15.66 1.39
CA SER A 13 -14.01 14.75 1.45
C SER A 13 -13.98 13.95 2.75
N ASN A 14 -13.35 14.53 3.76
CA ASN A 14 -13.16 13.88 5.05
C ASN A 14 -12.36 12.60 4.90
N GLY A 15 -11.18 12.72 4.30
CA GLY A 15 -10.26 11.62 4.25
C GLY A 15 -9.96 11.20 2.83
N THR A 16 -8.78 11.52 2.36
CA THR A 16 -8.33 11.11 1.04
C THR A 16 -6.89 10.61 1.12
N LEU A 17 -6.53 9.67 0.25
CA LEU A 17 -5.15 9.22 0.16
C LEU A 17 -4.49 9.83 -1.04
N PHE A 18 -3.19 9.86 -1.00
CA PHE A 18 -2.42 10.52 -2.03
C PHE A 18 -1.07 9.84 -2.18
N ILE A 19 -0.71 9.52 -3.41
CA ILE A 19 0.59 8.96 -3.70
C ILE A 19 1.44 9.97 -4.43
N VAL A 20 2.49 10.42 -3.78
CA VAL A 20 3.35 11.43 -4.34
C VAL A 20 4.54 10.79 -5.07
N TRP A 21 4.67 11.12 -6.34
CA TRP A 21 5.82 10.68 -7.11
C TRP A 21 6.81 11.83 -7.23
N LYS A 22 7.90 11.70 -6.50
CA LYS A 22 8.83 12.80 -6.31
C LYS A 22 10.26 12.29 -6.29
N LYS A 23 11.18 13.23 -6.23
CA LYS A 23 12.60 12.92 -6.12
C LYS A 23 13.13 13.58 -4.86
N GLU A 24 12.19 13.94 -3.98
CA GLU A 24 12.50 14.68 -2.77
C GLU A 24 11.87 13.96 -1.57
N LYS A 25 12.24 14.37 -0.36
CA LYS A 25 11.69 13.74 0.82
C LYS A 25 10.29 14.26 1.13
N VAL A 26 9.38 13.35 1.45
CA VAL A 26 8.02 13.72 1.81
C VAL A 26 7.71 13.21 3.22
N GLU A 27 7.20 14.08 4.07
CA GLU A 27 6.83 13.68 5.41
C GLU A 27 5.31 13.75 5.57
N ASN A 28 4.83 13.37 6.75
CA ASN A 28 3.39 13.31 7.04
C ASN A 28 2.73 12.19 6.23
N ALA A 29 3.55 11.28 5.74
CA ALA A 29 3.07 10.17 4.94
C ALA A 29 2.85 8.93 5.79
N LEU A 30 1.91 8.11 5.37
CA LEU A 30 1.52 6.91 6.09
C LEU A 30 2.30 5.71 5.55
N MET A 31 2.62 5.75 4.27
CA MET A 31 3.34 4.66 3.62
C MET A 31 4.33 5.19 2.58
N PHE A 32 5.18 4.31 2.06
CA PHE A 32 6.24 4.70 1.16
C PHE A 32 6.55 3.58 0.15
N ILE A 33 7.05 3.95 -1.01
CA ILE A 33 7.46 3.01 -2.04
C ILE A 33 8.88 3.28 -2.46
N LYS A 34 9.68 2.23 -2.55
CA LYS A 34 11.04 2.36 -3.03
C LYS A 34 11.19 1.65 -4.36
N PRO A 35 11.34 2.37 -5.47
CA PRO A 35 11.62 1.75 -6.76
C PRO A 35 13.06 1.28 -6.85
N THR A 36 13.24 0.00 -7.17
CA THR A 36 14.57 -0.54 -7.37
C THR A 36 14.97 -0.39 -8.84
N LYS A 37 13.95 -0.25 -9.68
CA LYS A 37 14.15 0.05 -11.08
C LYS A 37 13.83 1.52 -11.30
N GLU A 38 14.43 2.11 -12.33
CA GLU A 38 14.17 3.50 -12.65
C GLU A 38 12.69 3.71 -12.95
N VAL A 39 12.12 4.72 -12.32
CA VAL A 39 10.69 4.93 -12.33
C VAL A 39 10.24 5.64 -13.62
N PRO A 40 9.10 5.20 -14.15
CA PRO A 40 8.51 5.72 -15.39
C PRO A 40 8.54 7.25 -15.46
N GLU A 41 9.18 7.75 -16.50
CA GLU A 41 9.44 9.16 -16.65
C GLU A 41 8.17 9.96 -16.91
N PHE A 42 7.31 9.44 -17.78
CA PHE A 42 6.14 10.18 -18.20
C PHE A 42 5.08 10.19 -17.11
N LYS A 43 5.13 9.20 -16.24
CA LYS A 43 4.20 9.13 -15.12
C LYS A 43 4.42 10.30 -14.17
N PHE A 44 5.65 10.79 -14.10
CA PHE A 44 5.95 11.96 -13.29
C PHE A 44 5.27 13.21 -13.83
N VAL A 45 5.43 13.44 -15.13
CA VAL A 45 4.91 14.65 -15.76
C VAL A 45 3.39 14.58 -15.95
N ASN A 46 2.89 13.39 -16.28
CA ASN A 46 1.45 13.21 -16.50
C ASN A 46 0.67 13.38 -15.21
N ARG A 47 1.21 12.83 -14.13
CA ARG A 47 0.55 12.92 -12.84
C ARG A 47 0.97 14.18 -12.10
N ASN A 48 2.00 14.85 -12.60
CA ASN A 48 2.56 16.05 -11.98
C ASN A 48 3.23 15.70 -10.66
N GLY A 49 3.25 14.41 -10.36
CA GLY A 49 3.80 13.92 -9.11
C GLY A 49 2.75 13.87 -8.02
N LYS A 50 1.62 14.51 -8.26
CA LYS A 50 0.53 14.53 -7.30
C LYS A 50 -0.63 13.66 -7.77
N ASN A 51 -1.04 12.70 -6.96
CA ASN A 51 -2.16 11.84 -7.33
C ASN A 51 -3.00 11.45 -6.12
N GLU A 52 -4.27 11.84 -6.13
CA GLU A 52 -5.21 11.45 -5.10
C GLU A 52 -5.79 10.08 -5.43
N LEU A 53 -5.67 9.17 -4.48
CA LEU A 53 -6.09 7.79 -4.70
C LEU A 53 -7.57 7.59 -4.44
N ILE A 54 -7.95 7.79 -3.20
CA ILE A 54 -9.26 7.38 -2.74
C ILE A 54 -9.74 8.37 -1.68
N ARG A 55 -11.05 8.56 -1.55
CA ARG A 55 -11.57 9.64 -0.72
C ARG A 55 -12.72 9.19 0.18
N ASN A 56 -13.12 10.11 1.06
CA ASN A 56 -14.20 9.92 2.02
C ASN A 56 -13.90 8.76 2.99
N LEU A 57 -12.69 8.77 3.53
CA LEU A 57 -12.22 7.70 4.42
C LEU A 57 -12.87 7.78 5.80
N GLN A 58 -13.34 8.97 6.17
CA GLN A 58 -13.98 9.17 7.47
C GLN A 58 -15.25 8.34 7.59
N SER A 59 -16.04 8.39 6.53
CA SER A 59 -17.34 7.78 6.51
C SER A 59 -17.25 6.28 6.23
N ASP A 60 -16.07 5.85 5.82
CA ASP A 60 -15.81 4.43 5.58
C ASP A 60 -14.33 4.14 5.74
N LYS A 61 -13.97 3.47 6.82
CA LYS A 61 -12.57 3.23 7.14
C LYS A 61 -11.96 2.23 6.17
N LYS A 62 -12.80 1.37 5.61
CA LYS A 62 -12.34 0.30 4.72
C LYS A 62 -11.74 0.87 3.44
N LEU A 63 -12.16 2.07 3.08
CA LEU A 63 -11.62 2.74 1.91
C LEU A 63 -10.12 2.98 2.04
N PHE A 64 -9.66 3.29 3.25
CA PHE A 64 -8.22 3.45 3.48
C PHE A 64 -7.49 2.15 3.19
N TYR A 65 -8.15 1.03 3.47
CA TYR A 65 -7.53 -0.28 3.27
C TYR A 65 -7.19 -0.47 1.80
N SER A 66 -8.21 -0.34 0.97
CA SER A 66 -8.05 -0.52 -0.46
C SER A 66 -7.15 0.56 -1.04
N GLY A 67 -7.20 1.75 -0.46
CA GLY A 67 -6.30 2.81 -0.87
C GLY A 67 -4.85 2.39 -0.72
N ILE A 68 -4.59 1.57 0.29
CA ILE A 68 -3.27 1.02 0.52
C ILE A 68 -2.88 0.02 -0.58
N CYS A 69 -3.79 -0.90 -0.93
CA CYS A 69 -3.48 -1.89 -1.96
C CYS A 69 -3.23 -1.20 -3.30
N GLN A 70 -4.00 -0.15 -3.54
CA GLN A 70 -3.83 0.66 -4.73
C GLN A 70 -2.49 1.39 -4.70
N PHE A 71 -2.00 1.66 -3.49
CA PHE A 71 -0.70 2.29 -3.32
C PHE A 71 0.42 1.31 -3.63
N VAL A 72 0.38 0.13 -3.01
CA VAL A 72 1.39 -0.90 -3.26
C VAL A 72 1.31 -1.39 -4.70
N LYS A 73 0.12 -1.23 -5.27
CA LYS A 73 -0.12 -1.58 -6.66
C LYS A 73 0.88 -0.89 -7.56
N GLU A 74 1.21 0.35 -7.25
CA GLU A 74 2.16 1.09 -8.04
C GLU A 74 3.53 0.45 -7.95
N ALA A 75 3.91 0.07 -6.74
CA ALA A 75 5.22 -0.53 -6.53
C ALA A 75 5.34 -1.87 -7.25
N LYS A 76 4.29 -2.65 -7.25
CA LYS A 76 4.30 -3.93 -7.95
C LYS A 76 4.24 -3.70 -9.46
N ASP A 77 3.79 -2.51 -9.81
CA ASP A 77 3.65 -2.11 -11.21
C ASP A 77 4.95 -1.53 -11.79
N ILE A 78 5.69 -0.75 -11.00
CA ILE A 78 6.95 -0.18 -11.49
C ILE A 78 8.12 -1.03 -11.04
N LYS A 79 7.79 -1.97 -10.17
CA LYS A 79 8.72 -2.92 -9.60
C LYS A 79 9.57 -2.28 -8.52
N GLY A 80 8.88 -1.77 -7.52
CA GLY A 80 9.51 -1.22 -6.36
C GLY A 80 9.41 -2.12 -5.15
N LYS A 81 9.65 -1.53 -4.00
CA LYS A 81 9.47 -2.17 -2.71
C LYS A 81 8.45 -1.36 -1.93
N LEU A 82 7.77 -2.00 -1.00
CA LEU A 82 6.73 -1.32 -0.25
C LEU A 82 7.15 -1.12 1.20
N THR A 83 6.99 0.10 1.68
CA THR A 83 7.30 0.45 3.06
C THR A 83 6.06 0.97 3.77
N LEU A 84 5.70 0.33 4.86
CA LEU A 84 4.60 0.78 5.68
C LEU A 84 5.11 1.65 6.82
N LEU A 85 4.97 2.96 6.69
CA LEU A 85 5.38 3.88 7.74
C LEU A 85 4.39 3.83 8.89
N GLN A 86 4.84 4.05 10.10
CA GLN A 86 3.92 4.17 11.22
C GLN A 86 4.11 5.50 11.92
N HIS A 87 2.98 6.12 12.24
CA HIS A 87 2.92 7.48 12.79
C HIS A 87 1.49 7.97 12.66
N PHE A 88 0.89 7.67 11.51
CA PHE A 88 -0.49 7.98 11.22
C PHE A 88 -1.44 7.37 12.25
N ASP A 89 -0.98 6.35 12.96
CA ASP A 89 -1.80 5.62 13.92
C ASP A 89 -2.26 6.52 15.07
N SER A 90 -1.58 7.64 15.25
CA SER A 90 -1.95 8.60 16.27
C SER A 90 -3.19 9.40 15.82
N SER A 91 -3.40 9.45 14.52
CA SER A 91 -4.50 10.21 13.95
C SER A 91 -5.57 9.26 13.39
N PHE A 92 -5.12 8.13 12.87
CA PHE A 92 -6.01 7.16 12.26
C PHE A 92 -6.51 6.14 13.27
N PRO A 93 -7.82 5.85 13.21
CA PRO A 93 -8.41 4.74 13.95
C PRO A 93 -8.25 3.44 13.18
N ILE A 94 -7.37 3.46 12.18
CA ILE A 94 -7.14 2.31 11.33
C ILE A 94 -5.73 1.80 11.50
N LYS A 95 -5.62 0.61 12.04
CA LYS A 95 -4.34 -0.05 12.19
C LYS A 95 -4.42 -1.42 11.50
N VAL A 96 -3.47 -1.70 10.64
CA VAL A 96 -3.58 -2.82 9.71
C VAL A 96 -2.24 -3.50 9.45
N ASP A 97 -2.30 -4.67 8.84
CA ASP A 97 -1.10 -5.42 8.48
C ASP A 97 -1.15 -5.83 7.02
N LEU A 98 -0.07 -5.57 6.31
CA LEU A 98 0.01 -5.81 4.89
C LEU A 98 0.70 -7.14 4.59
N TYR A 99 0.14 -7.89 3.65
CA TYR A 99 0.70 -9.19 3.26
C TYR A 99 0.84 -9.29 1.75
N PHE A 100 1.91 -9.94 1.30
CA PHE A 100 2.11 -10.22 -0.11
C PHE A 100 1.97 -11.71 -0.37
N LEU A 101 1.60 -12.04 -1.59
CA LEU A 101 1.53 -13.42 -2.03
C LEU A 101 2.61 -13.64 -3.09
N LYS A 102 3.52 -14.57 -2.85
CA LYS A 102 4.52 -14.94 -3.85
C LYS A 102 4.40 -16.41 -4.21
N GLY A 103 3.79 -16.70 -5.36
CA GLY A 103 3.56 -18.07 -5.75
C GLY A 103 2.49 -18.71 -4.90
N SER A 104 2.92 -19.45 -3.89
CA SER A 104 2.01 -19.93 -2.87
C SER A 104 2.50 -19.48 -1.49
N LYS A 105 3.62 -18.78 -1.48
CA LYS A 105 4.27 -18.36 -0.24
C LYS A 105 3.78 -16.97 0.16
N VAL A 106 3.18 -16.87 1.33
CA VAL A 106 2.72 -15.59 1.86
C VAL A 106 3.85 -14.88 2.60
N MET A 107 3.95 -13.57 2.40
CA MET A 107 5.00 -12.77 3.04
C MET A 107 4.43 -11.47 3.59
N PRO A 108 4.42 -11.31 4.93
CA PRO A 108 3.91 -10.11 5.58
C PRO A 108 4.90 -8.94 5.56
N LEU A 109 4.36 -7.73 5.61
CA LEU A 109 5.16 -6.50 5.53
C LEU A 109 5.72 -6.14 6.90
N ASN A 110 6.93 -5.61 6.90
CA ASN A 110 7.55 -5.11 8.11
C ASN A 110 7.43 -3.59 8.16
N THR A 111 6.99 -3.07 9.29
CA THR A 111 6.78 -1.63 9.44
C THR A 111 8.08 -0.83 9.18
N GLY A 112 7.98 0.12 8.26
CA GLY A 112 9.10 0.98 7.91
C GLY A 112 10.23 0.25 7.21
N GLU A 113 9.91 -0.88 6.63
CA GLU A 113 10.90 -1.66 5.90
C GLU A 113 10.46 -1.81 4.45
N PRO A 114 11.28 -1.34 3.51
CA PRO A 114 11.04 -1.55 2.08
C PRO A 114 11.09 -3.03 1.76
N PHE A 115 9.93 -3.58 1.40
CA PHE A 115 9.78 -5.01 1.23
C PHE A 115 9.39 -5.32 -0.22
N VAL A 116 9.94 -6.40 -0.75
CA VAL A 116 9.78 -6.75 -2.15
C VAL A 116 8.31 -6.97 -2.53
N VAL A 117 7.83 -6.12 -3.42
CA VAL A 117 6.45 -6.16 -3.91
C VAL A 117 6.43 -6.33 -5.43
N GLN A 118 7.58 -6.07 -6.04
CA GLN A 118 7.70 -6.08 -7.49
C GLN A 118 7.24 -7.41 -8.10
N ASP A 119 7.58 -8.50 -7.45
CA ASP A 119 7.27 -9.82 -7.98
C ASP A 119 6.34 -10.55 -7.03
N ILE A 120 5.07 -10.15 -7.04
CA ILE A 120 4.06 -10.79 -6.23
C ILE A 120 2.92 -11.30 -7.09
N ASP A 121 2.19 -12.25 -6.55
CA ASP A 121 1.00 -12.79 -7.18
C ASP A 121 -0.20 -11.97 -6.74
N ALA A 122 -0.17 -11.56 -5.49
CA ALA A 122 -1.23 -10.74 -4.94
C ALA A 122 -0.75 -10.04 -3.67
N MET A 123 -1.57 -9.11 -3.18
CA MET A 123 -1.30 -8.40 -1.94
C MET A 123 -2.63 -8.09 -1.26
N SER A 124 -2.64 -7.98 0.06
CA SER A 124 -3.87 -7.71 0.80
C SER A 124 -3.60 -6.93 2.07
N VAL A 125 -4.64 -6.26 2.58
CA VAL A 125 -4.54 -5.50 3.81
C VAL A 125 -5.59 -5.98 4.80
N LEU A 126 -5.15 -6.65 5.86
CA LEU A 126 -6.07 -7.07 6.91
C LEU A 126 -5.87 -6.18 8.12
N PRO A 127 -6.95 -5.77 8.79
CA PRO A 127 -6.83 -4.93 9.98
C PRO A 127 -6.54 -5.73 11.23
N LYS A 128 -5.37 -5.46 11.82
CA LYS A 128 -4.86 -6.14 13.01
C LYS A 128 -4.86 -7.68 12.93
N GLY A 129 -6.04 -8.27 12.76
CA GLY A 129 -6.14 -9.71 12.62
C GLY A 129 -5.63 -10.17 11.28
N SER A 130 -4.31 -10.25 11.17
CA SER A 130 -3.66 -10.66 9.94
C SER A 130 -3.70 -12.17 9.77
N SER A 131 -4.21 -12.86 10.79
CA SER A 131 -4.31 -14.32 10.78
C SER A 131 -5.11 -14.84 9.58
N SER A 132 -5.89 -13.96 8.96
CA SER A 132 -6.61 -14.29 7.75
C SER A 132 -5.67 -14.88 6.70
N LEU A 133 -4.54 -14.23 6.52
CA LEU A 133 -3.56 -14.66 5.54
C LEU A 133 -2.24 -15.04 6.19
N LYS A 134 -2.27 -15.34 7.49
CA LYS A 134 -1.05 -15.61 8.25
C LYS A 134 -0.73 -17.09 8.26
N VAL A 135 -0.35 -17.61 7.10
CA VAL A 135 0.09 -18.99 6.97
C VAL A 135 1.25 -19.03 5.98
N LYS A 136 2.22 -19.90 6.22
CA LYS A 136 3.41 -20.00 5.37
C LYS A 136 3.03 -20.03 3.90
N THR A 137 2.05 -20.86 3.60
CA THR A 137 1.62 -21.08 2.23
C THR A 137 0.12 -20.91 2.09
N MET A 138 -0.30 -20.44 0.93
CA MET A 138 -1.70 -20.12 0.70
C MET A 138 -2.03 -20.05 -0.78
N ALA A 139 -3.32 -20.10 -1.09
CA ALA A 139 -3.82 -19.99 -2.45
C ALA A 139 -4.05 -18.55 -2.83
N LYS A 140 -3.63 -18.20 -4.04
CA LYS A 140 -3.82 -16.85 -4.58
C LYS A 140 -5.31 -16.50 -4.68
N ASP A 141 -6.12 -17.51 -4.91
CA ASP A 141 -7.57 -17.33 -5.03
C ASP A 141 -8.15 -16.95 -3.67
N MET A 142 -7.64 -17.63 -2.66
CA MET A 142 -8.05 -17.37 -1.29
C MET A 142 -7.50 -16.04 -0.82
N PHE A 143 -6.27 -15.74 -1.19
CA PHE A 143 -5.57 -14.54 -0.72
C PHE A 143 -6.39 -13.29 -0.98
N VAL A 144 -6.77 -13.08 -2.23
CA VAL A 144 -7.57 -11.92 -2.58
C VAL A 144 -8.95 -11.96 -1.92
N SER A 145 -9.60 -13.11 -1.97
CA SER A 145 -10.93 -13.25 -1.39
C SER A 145 -10.90 -13.00 0.12
N ARG A 146 -9.81 -13.41 0.76
CA ARG A 146 -9.59 -13.16 2.18
C ARG A 146 -9.37 -11.69 2.46
N GLY A 147 -8.52 -11.06 1.67
CA GLY A 147 -8.20 -9.67 1.90
C GLY A 147 -9.32 -8.74 1.51
N ASN A 148 -9.94 -9.02 0.39
CA ASN A 148 -11.01 -8.17 -0.14
C ASN A 148 -12.24 -8.21 0.76
N THR A 149 -12.43 -9.30 1.49
CA THR A 149 -13.53 -9.38 2.45
C THR A 149 -13.18 -8.61 3.72
N GLU A 150 -11.88 -8.45 3.96
CA GLU A 150 -11.41 -7.57 5.03
C GLU A 150 -11.36 -6.14 4.51
N GLY A 151 -11.68 -6.00 3.23
CA GLY A 151 -11.87 -4.71 2.62
C GLY A 151 -10.76 -4.30 1.68
N ALA A 152 -9.61 -4.98 1.70
CA ALA A 152 -8.59 -4.68 0.71
C ALA A 152 -7.83 -5.90 0.23
N SER A 153 -7.81 -6.09 -1.07
CA SER A 153 -6.90 -7.03 -1.69
C SER A 153 -6.63 -6.61 -3.11
N ILE A 154 -5.61 -7.21 -3.67
CA ILE A 154 -5.16 -6.88 -4.99
C ILE A 154 -4.38 -8.06 -5.57
N SER A 155 -4.86 -8.64 -6.64
CA SER A 155 -4.23 -9.83 -7.20
C SER A 155 -3.83 -9.59 -8.65
N PHE A 156 -2.57 -9.85 -8.95
CA PHE A 156 -2.01 -9.52 -10.23
C PHE A 156 -1.18 -10.67 -10.79
N GLU A 1 15.25 5.57 0.81
CA GLU A 1 14.26 6.05 1.78
C GLU A 1 13.54 7.31 1.27
N GLU A 2 14.29 8.20 0.62
CA GLU A 2 13.75 9.49 0.19
C GLU A 2 13.16 9.40 -1.21
N LYS A 3 13.69 8.49 -2.01
CA LYS A 3 13.27 8.38 -3.40
C LYS A 3 12.20 7.31 -3.55
N GLY A 4 11.02 7.71 -3.98
CA GLY A 4 9.95 6.77 -4.17
C GLY A 4 8.59 7.42 -4.10
N ALA A 5 7.58 6.64 -3.73
CA ALA A 5 6.22 7.14 -3.63
C ALA A 5 5.79 7.23 -2.18
N TYR A 6 5.02 8.25 -1.85
CA TYR A 6 4.58 8.46 -0.47
C TYR A 6 3.06 8.46 -0.36
N LEU A 7 2.54 7.63 0.54
CA LEU A 7 1.11 7.58 0.82
C LEU A 7 0.79 8.62 1.87
N VAL A 8 -0.07 9.54 1.53
CA VAL A 8 -0.40 10.63 2.42
C VAL A 8 -1.90 10.65 2.71
N PHE A 9 -2.25 10.97 3.94
CA PHE A 9 -3.64 11.15 4.31
C PHE A 9 -3.96 12.64 4.26
N ASP A 10 -5.03 12.98 3.57
CA ASP A 10 -5.40 14.38 3.44
C ASP A 10 -6.80 14.61 3.99
N ASN A 11 -7.03 15.84 4.46
CA ASN A 11 -8.30 16.20 5.09
C ASN A 11 -9.36 16.56 4.06
N ALA A 12 -8.98 16.54 2.79
CA ALA A 12 -9.94 16.73 1.70
C ALA A 12 -11.01 15.66 1.75
N SER A 13 -12.27 16.08 1.68
CA SER A 13 -13.41 15.16 1.78
C SER A 13 -13.39 14.44 3.12
N ASN A 14 -12.70 15.04 4.08
CA ASN A 14 -12.54 14.48 5.43
C ASN A 14 -11.86 13.12 5.39
N GLY A 15 -11.04 12.91 4.37
CA GLY A 15 -10.29 11.69 4.26
C GLY A 15 -9.98 11.33 2.82
N THR A 16 -8.75 11.55 2.42
CA THR A 16 -8.30 11.19 1.09
C THR A 16 -6.90 10.58 1.16
N LEU A 17 -6.61 9.66 0.25
CA LEU A 17 -5.28 9.12 0.12
C LEU A 17 -4.58 9.71 -1.08
N PHE A 18 -3.31 9.93 -0.92
CA PHE A 18 -2.51 10.61 -1.90
C PHE A 18 -1.19 9.89 -2.06
N ILE A 19 -0.84 9.56 -3.31
CA ILE A 19 0.44 8.97 -3.61
C ILE A 19 1.28 9.94 -4.41
N VAL A 20 2.32 10.42 -3.78
CA VAL A 20 3.19 11.37 -4.41
C VAL A 20 4.40 10.67 -5.02
N TRP A 21 4.74 11.05 -6.22
CA TRP A 21 5.95 10.55 -6.86
C TRP A 21 7.00 11.64 -6.86
N LYS A 22 8.01 11.46 -6.02
CA LYS A 22 9.07 12.45 -5.90
C LYS A 22 10.33 11.81 -5.34
N LYS A 23 11.39 12.59 -5.33
CA LYS A 23 12.68 12.08 -4.96
C LYS A 23 13.08 12.66 -3.61
N GLU A 24 12.10 13.26 -2.97
CA GLU A 24 12.31 13.90 -1.68
C GLU A 24 11.40 13.27 -0.63
N LYS A 25 11.96 13.02 0.54
CA LYS A 25 11.25 12.35 1.61
C LYS A 25 10.07 13.18 2.11
N VAL A 26 8.88 12.63 1.95
CA VAL A 26 7.67 13.27 2.42
C VAL A 26 7.32 12.75 3.81
N GLU A 27 7.28 13.66 4.77
CA GLU A 27 6.91 13.28 6.11
C GLU A 27 5.40 13.40 6.28
N ASN A 28 4.87 12.84 7.37
CA ASN A 28 3.43 12.73 7.59
C ASN A 28 2.82 11.72 6.62
N ALA A 29 3.68 10.90 6.01
CA ALA A 29 3.23 9.86 5.11
C ALA A 29 2.96 8.59 5.89
N LEU A 30 1.97 7.83 5.45
CA LEU A 30 1.54 6.63 6.13
C LEU A 30 2.26 5.42 5.54
N MET A 31 2.61 5.52 4.26
CA MET A 31 3.27 4.44 3.56
C MET A 31 4.24 4.98 2.52
N PHE A 32 5.07 4.09 1.98
CA PHE A 32 6.11 4.49 1.04
C PHE A 32 6.39 3.36 0.03
N ILE A 33 6.89 3.74 -1.13
CA ILE A 33 7.26 2.79 -2.18
C ILE A 33 8.69 3.05 -2.61
N LYS A 34 9.54 2.05 -2.53
CA LYS A 34 10.94 2.23 -2.90
C LYS A 34 11.21 1.53 -4.22
N PRO A 35 11.43 2.28 -5.30
CA PRO A 35 11.77 1.72 -6.61
C PRO A 35 13.23 1.30 -6.69
N THR A 36 13.45 0.09 -7.20
CA THR A 36 14.80 -0.43 -7.33
C THR A 36 15.48 0.15 -8.57
N LYS A 37 14.68 0.33 -9.60
CA LYS A 37 15.14 0.95 -10.83
C LYS A 37 14.70 2.41 -10.86
N GLU A 38 15.17 3.13 -11.87
CA GLU A 38 14.79 4.52 -12.08
C GLU A 38 13.27 4.62 -12.27
N VAL A 39 12.68 5.59 -11.59
CA VAL A 39 11.24 5.77 -11.60
C VAL A 39 10.79 6.54 -12.83
N PRO A 40 9.56 6.25 -13.30
CA PRO A 40 8.96 6.94 -14.44
C PRO A 40 9.09 8.45 -14.34
N GLU A 41 9.73 9.04 -15.32
CA GLU A 41 10.09 10.43 -15.29
C GLU A 41 8.91 11.33 -15.61
N PHE A 42 8.04 10.89 -16.50
CA PHE A 42 6.96 11.73 -16.96
C PHE A 42 5.85 11.83 -15.93
N LYS A 43 5.78 10.82 -15.06
CA LYS A 43 4.86 10.86 -13.94
C LYS A 43 5.18 12.03 -13.03
N PHE A 44 6.46 12.38 -12.96
CA PHE A 44 6.91 13.51 -12.14
C PHE A 44 6.42 14.84 -12.72
N VAL A 45 6.52 14.98 -14.03
CA VAL A 45 6.22 16.25 -14.68
C VAL A 45 4.75 16.41 -15.02
N ASN A 46 4.14 15.37 -15.59
CA ASN A 46 2.76 15.45 -16.07
C ASN A 46 1.77 15.53 -14.92
N ARG A 47 1.91 14.62 -13.97
CA ARG A 47 1.01 14.58 -12.82
C ARG A 47 1.39 15.65 -11.81
N ASN A 48 2.50 16.35 -12.08
CA ASN A 48 3.06 17.33 -11.16
C ASN A 48 3.61 16.61 -9.93
N GLY A 49 3.68 15.28 -10.04
CA GLY A 49 4.17 14.47 -8.95
C GLY A 49 3.08 14.05 -7.99
N LYS A 50 1.92 14.70 -8.09
CA LYS A 50 0.84 14.46 -7.15
C LYS A 50 -0.28 13.63 -7.78
N ASN A 51 -0.65 12.55 -7.11
CA ASN A 51 -1.72 11.69 -7.57
C ASN A 51 -2.64 11.34 -6.40
N GLU A 52 -3.91 11.69 -6.51
CA GLU A 52 -4.89 11.28 -5.50
C GLU A 52 -5.39 9.88 -5.81
N LEU A 53 -5.41 9.05 -4.78
CA LEU A 53 -5.81 7.66 -4.93
C LEU A 53 -7.29 7.48 -4.67
N ILE A 54 -7.71 7.75 -3.46
CA ILE A 54 -9.06 7.45 -3.03
C ILE A 54 -9.51 8.48 -2.02
N ARG A 55 -10.79 8.83 -2.03
CA ARG A 55 -11.26 9.93 -1.19
C ARG A 55 -12.56 9.57 -0.47
N ASN A 56 -12.96 10.46 0.44
CA ASN A 56 -14.15 10.28 1.27
C ASN A 56 -13.98 9.09 2.20
N LEU A 57 -12.83 9.02 2.86
CA LEU A 57 -12.54 7.96 3.81
C LEU A 57 -13.38 8.16 5.08
N GLN A 58 -13.90 9.37 5.24
CA GLN A 58 -14.79 9.69 6.35
C GLN A 58 -16.03 8.80 6.37
N SER A 59 -16.66 8.67 5.21
CA SER A 59 -17.93 7.96 5.12
C SER A 59 -17.69 6.46 5.20
N ASP A 60 -16.52 6.05 4.76
CA ASP A 60 -16.18 4.64 4.69
C ASP A 60 -14.69 4.45 4.98
N LYS A 61 -14.39 4.03 6.20
CA LYS A 61 -13.01 3.83 6.63
C LYS A 61 -12.33 2.75 5.80
N LYS A 62 -13.12 1.78 5.36
CA LYS A 62 -12.63 0.68 4.55
C LYS A 62 -11.94 1.17 3.27
N LEU A 63 -12.29 2.37 2.84
CA LEU A 63 -11.70 2.95 1.66
C LEU A 63 -10.20 3.21 1.88
N PHE A 64 -9.79 3.45 3.12
CA PHE A 64 -8.37 3.62 3.40
C PHE A 64 -7.65 2.29 3.19
N TYR A 65 -8.35 1.20 3.46
CA TYR A 65 -7.75 -0.12 3.33
C TYR A 65 -7.43 -0.39 1.87
N SER A 66 -8.46 -0.31 1.05
CA SER A 66 -8.31 -0.49 -0.38
C SER A 66 -7.39 0.58 -0.97
N GLY A 67 -7.46 1.80 -0.44
CA GLY A 67 -6.57 2.86 -0.91
C GLY A 67 -5.12 2.46 -0.77
N ILE A 68 -4.82 1.72 0.30
CA ILE A 68 -3.50 1.15 0.50
C ILE A 68 -3.13 0.19 -0.63
N CYS A 69 -4.06 -0.69 -1.00
CA CYS A 69 -3.81 -1.67 -2.05
C CYS A 69 -3.57 -0.94 -3.37
N GLN A 70 -4.31 0.14 -3.57
CA GLN A 70 -4.14 0.99 -4.74
C GLN A 70 -2.75 1.62 -4.75
N PHE A 71 -2.24 1.89 -3.55
CA PHE A 71 -0.92 2.46 -3.38
C PHE A 71 0.15 1.44 -3.73
N VAL A 72 0.08 0.25 -3.13
CA VAL A 72 1.08 -0.78 -3.38
C VAL A 72 0.98 -1.27 -4.82
N LYS A 73 -0.20 -1.11 -5.40
CA LYS A 73 -0.44 -1.42 -6.80
C LYS A 73 0.57 -0.72 -7.69
N GLU A 74 0.86 0.53 -7.35
CA GLU A 74 1.79 1.34 -8.12
C GLU A 74 3.19 0.77 -8.00
N ALA A 75 3.49 0.20 -6.84
CA ALA A 75 4.79 -0.39 -6.59
C ALA A 75 5.00 -1.64 -7.44
N LYS A 76 3.91 -2.35 -7.73
CA LYS A 76 3.99 -3.52 -8.61
C LYS A 76 4.19 -3.07 -10.04
N ASP A 77 3.80 -1.83 -10.32
CA ASP A 77 3.80 -1.29 -11.67
C ASP A 77 5.19 -0.82 -12.08
N ILE A 78 5.85 -0.10 -11.18
CA ILE A 78 7.20 0.40 -11.47
C ILE A 78 8.22 -0.66 -11.08
N LYS A 79 7.69 -1.67 -10.42
CA LYS A 79 8.45 -2.84 -9.98
C LYS A 79 9.43 -2.47 -8.89
N GLY A 80 8.92 -1.91 -7.81
CA GLY A 80 9.76 -1.55 -6.70
C GLY A 80 9.46 -2.35 -5.44
N LYS A 81 9.60 -1.70 -4.31
CA LYS A 81 9.37 -2.30 -3.01
C LYS A 81 8.29 -1.52 -2.27
N LEU A 82 7.68 -2.15 -1.29
CA LEU A 82 6.66 -1.46 -0.50
C LEU A 82 7.15 -1.30 0.94
N THR A 83 6.93 -0.10 1.48
CA THR A 83 7.27 0.19 2.86
C THR A 83 6.06 0.71 3.62
N LEU A 84 5.71 0.01 4.68
CA LEU A 84 4.64 0.45 5.57
C LEU A 84 5.24 1.31 6.67
N LEU A 85 4.99 2.60 6.60
CA LEU A 85 5.48 3.53 7.61
C LEU A 85 4.59 3.45 8.85
N GLN A 86 5.15 3.70 10.02
CA GLN A 86 4.36 3.68 11.23
C GLN A 86 4.44 5.03 11.93
N HIS A 87 3.28 5.49 12.38
CA HIS A 87 3.10 6.84 12.92
C HIS A 87 1.62 7.19 12.84
N PHE A 88 1.05 6.93 11.66
CA PHE A 88 -0.36 7.19 11.41
C PHE A 88 -1.25 6.40 12.36
N ASP A 89 -0.79 5.23 12.76
CA ASP A 89 -1.58 4.33 13.59
C ASP A 89 -1.76 4.89 14.99
N SER A 90 -0.93 5.86 15.36
CA SER A 90 -1.02 6.46 16.68
C SER A 90 -1.93 7.69 16.64
N SER A 91 -2.33 8.10 15.43
CA SER A 91 -3.18 9.28 15.28
C SER A 91 -4.52 8.90 14.64
N PHE A 92 -4.48 7.95 13.71
CA PHE A 92 -5.68 7.49 13.04
C PHE A 92 -6.20 6.22 13.68
N PRO A 93 -7.53 6.03 13.66
CA PRO A 93 -8.18 4.88 14.27
C PRO A 93 -8.06 3.60 13.44
N ILE A 94 -7.49 3.71 12.25
CA ILE A 94 -7.34 2.55 11.38
C ILE A 94 -5.93 1.97 11.53
N LYS A 95 -5.86 0.77 12.07
CA LYS A 95 -4.59 0.07 12.22
C LYS A 95 -4.65 -1.24 11.45
N VAL A 96 -3.71 -1.46 10.55
CA VAL A 96 -3.78 -2.60 9.64
C VAL A 96 -2.43 -3.25 9.43
N ASP A 97 -2.44 -4.43 8.82
CA ASP A 97 -1.22 -5.17 8.50
C ASP A 97 -1.25 -5.61 7.04
N LEU A 98 -0.17 -5.34 6.34
CA LEU A 98 -0.07 -5.64 4.92
C LEU A 98 0.64 -6.97 4.69
N TYR A 99 0.13 -7.76 3.76
CA TYR A 99 0.73 -9.05 3.40
C TYR A 99 0.89 -9.18 1.89
N PHE A 100 1.96 -9.83 1.46
CA PHE A 100 2.16 -10.13 0.05
C PHE A 100 2.08 -11.62 -0.20
N LEU A 101 1.59 -11.97 -1.38
CA LEU A 101 1.55 -13.34 -1.84
C LEU A 101 2.63 -13.50 -2.91
N LYS A 102 3.56 -14.41 -2.70
CA LYS A 102 4.59 -14.70 -3.71
C LYS A 102 4.55 -16.16 -4.09
N GLY A 103 3.97 -16.46 -5.24
CA GLY A 103 3.83 -17.84 -5.67
C GLY A 103 2.82 -18.57 -4.81
N SER A 104 3.33 -19.30 -3.83
CA SER A 104 2.49 -19.94 -2.84
C SER A 104 2.90 -19.48 -1.44
N LYS A 105 3.91 -18.63 -1.39
CA LYS A 105 4.47 -18.18 -0.13
C LYS A 105 3.93 -16.81 0.26
N VAL A 106 3.18 -16.75 1.35
CA VAL A 106 2.66 -15.49 1.86
C VAL A 106 3.58 -14.92 2.93
N MET A 107 3.88 -13.63 2.80
CA MET A 107 4.79 -12.96 3.71
C MET A 107 4.24 -11.61 4.14
N PRO A 108 4.26 -11.32 5.45
CA PRO A 108 3.83 -10.03 6.00
C PRO A 108 4.80 -8.89 5.68
N LEU A 109 4.31 -7.66 5.74
CA LEU A 109 5.13 -6.49 5.50
C LEU A 109 5.85 -6.11 6.79
N ASN A 110 7.13 -5.80 6.67
CA ASN A 110 7.90 -5.33 7.81
C ASN A 110 7.81 -3.81 7.89
N THR A 111 7.43 -3.32 9.06
CA THR A 111 7.22 -1.90 9.27
C THR A 111 8.47 -1.07 8.94
N GLY A 112 8.32 -0.16 8.00
CA GLY A 112 9.39 0.73 7.60
C GLY A 112 10.47 0.05 6.78
N GLU A 113 10.17 -1.14 6.30
CA GLU A 113 11.12 -1.90 5.50
C GLU A 113 10.60 -2.03 4.07
N PRO A 114 11.44 -1.69 3.09
CA PRO A 114 11.14 -1.96 1.69
C PRO A 114 11.06 -3.45 1.43
N PHE A 115 9.88 -3.92 1.11
CA PHE A 115 9.63 -5.34 0.93
C PHE A 115 9.21 -5.61 -0.51
N VAL A 116 9.63 -6.76 -1.04
CA VAL A 116 9.42 -7.10 -2.45
C VAL A 116 7.95 -7.13 -2.84
N VAL A 117 7.57 -6.19 -3.69
CA VAL A 117 6.23 -6.12 -4.24
C VAL A 117 6.26 -6.29 -5.75
N GLN A 118 7.43 -6.05 -6.32
CA GLN A 118 7.60 -6.06 -7.76
C GLN A 118 7.17 -7.38 -8.38
N ASP A 119 7.44 -8.48 -7.68
CA ASP A 119 7.13 -9.79 -8.20
C ASP A 119 6.28 -10.56 -7.21
N ILE A 120 5.07 -10.07 -6.99
CA ILE A 120 4.11 -10.77 -6.13
C ILE A 120 2.99 -11.36 -6.99
N ASP A 121 2.16 -12.16 -6.36
CA ASP A 121 0.98 -12.71 -6.99
C ASP A 121 -0.23 -11.89 -6.57
N ALA A 122 -0.25 -11.52 -5.30
CA ALA A 122 -1.35 -10.75 -4.76
C ALA A 122 -0.90 -10.03 -3.49
N MET A 123 -1.67 -9.04 -3.09
CA MET A 123 -1.42 -8.28 -1.88
C MET A 123 -2.75 -8.01 -1.17
N SER A 124 -2.72 -7.91 0.16
CA SER A 124 -3.94 -7.65 0.92
C SER A 124 -3.66 -6.86 2.19
N VAL A 125 -4.69 -6.18 2.68
CA VAL A 125 -4.58 -5.41 3.91
C VAL A 125 -5.59 -5.92 4.92
N LEU A 126 -5.11 -6.56 5.99
CA LEU A 126 -6.02 -7.02 7.03
C LEU A 126 -5.91 -6.09 8.24
N PRO A 127 -7.05 -5.66 8.79
CA PRO A 127 -7.06 -4.82 9.98
C PRO A 127 -6.93 -5.64 11.26
N LYS A 128 -5.88 -5.35 12.02
CA LYS A 128 -5.54 -6.01 13.30
C LYS A 128 -6.11 -7.42 13.37
N GLY A 129 -5.75 -8.17 12.36
CA GLY A 129 -6.21 -9.54 12.21
C GLY A 129 -5.56 -10.15 11.00
N SER A 130 -4.24 -10.05 10.97
CA SER A 130 -3.46 -10.47 9.81
C SER A 130 -3.36 -11.99 9.72
N SER A 131 -3.87 -12.67 10.75
CA SER A 131 -3.82 -14.12 10.79
C SER A 131 -4.66 -14.76 9.68
N SER A 132 -5.48 -13.94 9.03
CA SER A 132 -6.24 -14.37 7.86
C SER A 132 -5.31 -14.97 6.81
N LEU A 133 -4.20 -14.29 6.58
CA LEU A 133 -3.27 -14.67 5.54
C LEU A 133 -1.91 -15.04 6.13
N LYS A 134 -1.84 -15.15 7.45
CA LYS A 134 -0.58 -15.39 8.13
C LYS A 134 -0.31 -16.89 8.26
N VAL A 135 0.14 -17.50 7.18
CA VAL A 135 0.46 -18.90 7.19
C VAL A 135 1.76 -19.13 6.39
N LYS A 136 2.36 -20.30 6.52
CA LYS A 136 3.55 -20.63 5.74
C LYS A 136 3.28 -20.44 4.27
N THR A 137 2.23 -21.08 3.79
CA THR A 137 1.91 -21.09 2.36
C THR A 137 0.44 -20.82 2.12
N MET A 138 0.14 -20.19 1.00
CA MET A 138 -1.21 -19.73 0.71
C MET A 138 -1.49 -19.72 -0.80
N ALA A 139 -2.79 -19.78 -1.13
CA ALA A 139 -3.25 -19.64 -2.50
C ALA A 139 -3.51 -18.18 -2.84
N LYS A 140 -3.19 -17.80 -4.08
CA LYS A 140 -3.44 -16.45 -4.56
C LYS A 140 -4.93 -16.16 -4.60
N ASP A 141 -5.72 -17.20 -4.84
CA ASP A 141 -7.17 -17.08 -4.94
C ASP A 141 -7.77 -16.80 -3.57
N MET A 142 -7.28 -17.54 -2.59
CA MET A 142 -7.71 -17.35 -1.22
C MET A 142 -7.21 -16.01 -0.71
N PHE A 143 -5.99 -15.65 -1.10
CA PHE A 143 -5.35 -14.43 -0.61
C PHE A 143 -6.23 -13.21 -0.88
N VAL A 144 -6.63 -13.04 -2.13
CA VAL A 144 -7.47 -11.92 -2.49
C VAL A 144 -8.84 -12.02 -1.83
N SER A 145 -9.45 -13.19 -1.87
CA SER A 145 -10.77 -13.37 -1.28
C SER A 145 -10.73 -13.10 0.23
N ARG A 146 -9.65 -13.53 0.87
CA ARG A 146 -9.41 -13.30 2.29
C ARG A 146 -9.26 -11.81 2.58
N GLY A 147 -8.39 -11.16 1.84
CA GLY A 147 -8.16 -9.75 2.04
C GLY A 147 -9.38 -8.94 1.69
N ASN A 148 -10.03 -9.33 0.61
CA ASN A 148 -11.24 -8.67 0.14
C ASN A 148 -12.33 -8.65 1.23
N THR A 149 -12.48 -9.76 1.95
CA THR A 149 -13.49 -9.85 3.01
C THR A 149 -13.03 -9.06 4.24
N GLU A 150 -11.71 -8.93 4.42
CA GLU A 150 -11.15 -8.05 5.43
C GLU A 150 -11.24 -6.59 4.97
N GLY A 151 -11.60 -6.42 3.71
CA GLY A 151 -11.90 -5.11 3.17
C GLY A 151 -10.85 -4.58 2.19
N ALA A 152 -9.68 -5.18 2.11
CA ALA A 152 -8.75 -4.81 1.05
C ALA A 152 -7.94 -5.98 0.51
N SER A 153 -8.00 -6.18 -0.79
CA SER A 153 -7.07 -7.05 -1.47
C SER A 153 -6.85 -6.58 -2.89
N ILE A 154 -5.79 -7.10 -3.49
CA ILE A 154 -5.39 -6.73 -4.83
C ILE A 154 -4.52 -7.84 -5.42
N SER A 155 -4.96 -8.44 -6.51
CA SER A 155 -4.24 -9.57 -7.08
C SER A 155 -3.84 -9.31 -8.52
N PHE A 156 -2.67 -9.83 -8.90
CA PHE A 156 -2.15 -9.73 -10.26
C PHE A 156 -3.20 -10.18 -11.27
N GLU A 1 14.81 6.34 -0.02
CA GLU A 1 13.94 7.30 0.70
C GLU A 1 13.61 8.49 -0.18
N GLU A 2 14.64 9.13 -0.73
CA GLU A 2 14.44 10.27 -1.61
C GLU A 2 13.64 9.88 -2.85
N LYS A 3 14.13 8.90 -3.60
CA LYS A 3 13.39 8.43 -4.75
C LYS A 3 12.35 7.42 -4.32
N GLY A 4 11.11 7.65 -4.70
CA GLY A 4 10.06 6.71 -4.38
C GLY A 4 8.72 7.38 -4.22
N ALA A 5 7.79 6.67 -3.60
CA ALA A 5 6.43 7.17 -3.43
C ALA A 5 6.05 7.23 -1.96
N TYR A 6 5.14 8.13 -1.63
CA TYR A 6 4.67 8.28 -0.26
C TYR A 6 3.14 8.28 -0.23
N LEU A 7 2.57 7.48 0.68
CA LEU A 7 1.13 7.45 0.88
C LEU A 7 0.78 8.52 1.89
N VAL A 8 -0.06 9.47 1.48
CA VAL A 8 -0.38 10.60 2.32
C VAL A 8 -1.87 10.67 2.59
N PHE A 9 -2.23 11.04 3.80
CA PHE A 9 -3.62 11.26 4.16
C PHE A 9 -3.94 12.75 4.11
N ASP A 10 -5.00 13.09 3.40
CA ASP A 10 -5.44 14.47 3.31
C ASP A 10 -6.86 14.57 3.83
N ASN A 11 -7.22 15.74 4.35
CA ASN A 11 -8.53 15.92 4.96
C ASN A 11 -9.58 16.30 3.90
N ALA A 12 -9.15 16.33 2.64
CA ALA A 12 -10.07 16.53 1.53
C ALA A 12 -11.13 15.45 1.52
N SER A 13 -12.39 15.85 1.33
CA SER A 13 -13.52 14.93 1.36
C SER A 13 -13.56 14.19 2.68
N ASN A 14 -13.01 14.83 3.71
CA ASN A 14 -12.95 14.27 5.05
C ASN A 14 -12.08 13.03 5.09
N GLY A 15 -11.12 12.95 4.18
CA GLY A 15 -10.22 11.82 4.15
C GLY A 15 -9.92 11.36 2.74
N THR A 16 -8.71 11.61 2.28
CA THR A 16 -8.28 11.17 0.96
C THR A 16 -6.87 10.57 1.05
N LEU A 17 -6.57 9.63 0.16
CA LEU A 17 -5.22 9.08 0.07
C LEU A 17 -4.51 9.64 -1.13
N PHE A 18 -3.21 9.74 -1.01
CA PHE A 18 -2.39 10.37 -1.99
C PHE A 18 -1.06 9.63 -2.10
N ILE A 19 -0.68 9.25 -3.30
CA ILE A 19 0.62 8.65 -3.54
C ILE A 19 1.48 9.61 -4.34
N VAL A 20 2.50 10.13 -3.69
CA VAL A 20 3.35 11.15 -4.28
C VAL A 20 4.54 10.54 -5.01
N TRP A 21 4.70 10.90 -6.27
CA TRP A 21 5.87 10.50 -7.02
C TRP A 21 6.87 11.63 -7.09
N LYS A 22 7.98 11.46 -6.40
CA LYS A 22 8.98 12.51 -6.24
C LYS A 22 10.37 11.89 -6.12
N LYS A 23 11.36 12.76 -6.11
CA LYS A 23 12.75 12.36 -6.00
C LYS A 23 13.33 12.94 -4.71
N GLU A 24 12.41 13.34 -3.84
CA GLU A 24 12.75 13.94 -2.56
C GLU A 24 12.00 13.24 -1.44
N LYS A 25 12.24 13.64 -0.21
CA LYS A 25 11.62 12.97 0.93
C LYS A 25 10.35 13.72 1.37
N VAL A 26 9.22 13.03 1.31
CA VAL A 26 7.93 13.58 1.70
C VAL A 26 7.61 13.18 3.13
N GLU A 27 7.20 14.14 3.94
CA GLU A 27 6.86 13.88 5.34
C GLU A 27 5.34 13.80 5.51
N ASN A 28 4.93 13.38 6.71
CA ASN A 28 3.51 13.23 7.06
C ASN A 28 2.85 12.16 6.19
N ALA A 29 3.62 11.13 5.86
CA ALA A 29 3.12 10.04 5.06
C ALA A 29 2.88 8.80 5.91
N LEU A 30 2.01 7.94 5.42
CA LEU A 30 1.59 6.72 6.10
C LEU A 30 2.36 5.52 5.57
N MET A 31 2.69 5.58 4.29
CA MET A 31 3.38 4.46 3.63
C MET A 31 4.36 4.98 2.59
N PHE A 32 5.19 4.10 2.06
CA PHE A 32 6.26 4.48 1.16
C PHE A 32 6.55 3.38 0.13
N ILE A 33 7.06 3.77 -1.02
CA ILE A 33 7.47 2.85 -2.06
C ILE A 33 8.88 3.18 -2.49
N LYS A 34 9.72 2.17 -2.62
CA LYS A 34 11.08 2.39 -3.04
C LYS A 34 11.36 1.59 -4.30
N PRO A 35 11.54 2.26 -5.45
CA PRO A 35 11.79 1.60 -6.72
C PRO A 35 13.23 1.10 -6.85
N THR A 36 13.38 -0.15 -7.27
CA THR A 36 14.68 -0.71 -7.60
C THR A 36 14.93 -0.53 -9.07
N LYS A 37 13.85 -0.62 -9.83
CA LYS A 37 13.88 -0.28 -11.24
C LYS A 37 13.62 1.22 -11.39
N GLU A 38 13.75 1.73 -12.60
CA GLU A 38 13.54 3.14 -12.83
C GLU A 38 12.05 3.44 -12.95
N VAL A 39 11.64 4.55 -12.36
CA VAL A 39 10.24 4.89 -12.24
C VAL A 39 9.73 5.57 -13.51
N PRO A 40 8.54 5.13 -13.98
CA PRO A 40 7.88 5.63 -15.19
C PRO A 40 7.86 7.15 -15.29
N GLU A 41 8.43 7.65 -16.37
CA GLU A 41 8.61 9.07 -16.58
C GLU A 41 7.31 9.82 -16.76
N PHE A 42 6.38 9.25 -17.54
CA PHE A 42 5.16 9.96 -17.88
C PHE A 42 4.24 10.07 -16.68
N LYS A 43 4.39 9.14 -15.74
CA LYS A 43 3.58 9.15 -14.54
C LYS A 43 3.90 10.36 -13.67
N PHE A 44 5.09 10.91 -13.85
CA PHE A 44 5.48 12.12 -13.13
C PHE A 44 4.85 13.35 -13.77
N VAL A 45 4.97 13.45 -15.08
CA VAL A 45 4.54 14.65 -15.80
C VAL A 45 3.02 14.73 -15.94
N ASN A 46 2.39 13.61 -16.26
CA ASN A 46 0.96 13.59 -16.55
C ASN A 46 0.14 13.75 -15.27
N ARG A 47 0.64 13.19 -14.19
CA ARG A 47 -0.04 13.25 -12.90
C ARG A 47 0.37 14.49 -12.11
N ASN A 48 1.38 15.20 -12.62
CA ASN A 48 1.95 16.36 -11.93
C ASN A 48 2.65 15.95 -10.65
N GLY A 49 2.89 14.65 -10.52
CA GLY A 49 3.57 14.11 -9.36
C GLY A 49 2.63 13.83 -8.20
N LYS A 50 1.41 14.36 -8.28
CA LYS A 50 0.43 14.13 -7.23
C LYS A 50 -0.65 13.18 -7.69
N ASN A 51 -0.83 12.09 -6.96
CA ASN A 51 -1.83 11.10 -7.29
C ASN A 51 -2.83 10.98 -6.14
N GLU A 52 -4.08 11.30 -6.40
CA GLU A 52 -5.12 11.06 -5.41
C GLU A 52 -5.75 9.69 -5.63
N LEU A 53 -5.56 8.81 -4.67
CA LEU A 53 -5.93 7.42 -4.80
C LEU A 53 -7.41 7.18 -4.50
N ILE A 54 -7.86 7.63 -3.35
CA ILE A 54 -9.21 7.35 -2.91
C ILE A 54 -9.66 8.42 -1.91
N ARG A 55 -10.95 8.74 -1.89
CA ARG A 55 -11.43 9.82 -1.04
C ARG A 55 -12.67 9.42 -0.23
N ASN A 56 -13.04 10.30 0.71
CA ASN A 56 -14.20 10.13 1.58
C ASN A 56 -13.97 8.97 2.56
N LEU A 57 -12.79 8.95 3.18
CA LEU A 57 -12.41 7.87 4.08
C LEU A 57 -13.12 7.98 5.43
N GLN A 58 -13.52 9.18 5.80
CA GLN A 58 -14.21 9.41 7.08
C GLN A 58 -15.46 8.56 7.18
N SER A 59 -16.23 8.57 6.11
CA SER A 59 -17.53 7.94 6.11
C SER A 59 -17.44 6.45 5.85
N ASP A 60 -16.24 5.96 5.63
CA ASP A 60 -15.99 4.53 5.49
C ASP A 60 -14.51 4.23 5.63
N LYS A 61 -14.14 3.73 6.80
CA LYS A 61 -12.75 3.47 7.12
C LYS A 61 -12.13 2.46 6.17
N LYS A 62 -12.95 1.52 5.71
CA LYS A 62 -12.48 0.44 4.86
C LYS A 62 -11.95 0.94 3.53
N LEU A 63 -12.39 2.13 3.12
CA LEU A 63 -11.85 2.78 1.94
C LEU A 63 -10.35 3.00 2.05
N PHE A 64 -9.87 3.36 3.24
CA PHE A 64 -8.44 3.53 3.47
C PHE A 64 -7.70 2.22 3.21
N TYR A 65 -8.34 1.11 3.56
CA TYR A 65 -7.73 -0.20 3.41
C TYR A 65 -7.40 -0.46 1.94
N SER A 66 -8.42 -0.38 1.10
CA SER A 66 -8.26 -0.57 -0.33
C SER A 66 -7.43 0.56 -0.93
N GLY A 67 -7.50 1.76 -0.36
CA GLY A 67 -6.64 2.82 -0.80
C GLY A 67 -5.18 2.44 -0.67
N ILE A 68 -4.88 1.68 0.38
CA ILE A 68 -3.55 1.13 0.57
C ILE A 68 -3.18 0.16 -0.54
N CYS A 69 -4.11 -0.71 -0.92
CA CYS A 69 -3.83 -1.71 -1.94
C CYS A 69 -3.54 -1.02 -3.27
N GLN A 70 -4.28 0.04 -3.53
CA GLN A 70 -4.06 0.85 -4.72
C GLN A 70 -2.70 1.52 -4.69
N PHE A 71 -2.23 1.79 -3.48
CA PHE A 71 -0.91 2.36 -3.28
C PHE A 71 0.18 1.32 -3.58
N VAL A 72 0.05 0.14 -2.98
CA VAL A 72 1.02 -0.93 -3.21
C VAL A 72 0.97 -1.37 -4.67
N LYS A 73 -0.21 -1.20 -5.27
CA LYS A 73 -0.42 -1.51 -6.68
C LYS A 73 0.65 -0.85 -7.53
N GLU A 74 0.88 0.42 -7.27
CA GLU A 74 1.83 1.22 -8.03
C GLU A 74 3.23 0.64 -7.87
N ALA A 75 3.54 0.18 -6.66
CA ALA A 75 4.83 -0.44 -6.39
C ALA A 75 5.05 -1.69 -7.25
N LYS A 76 3.97 -2.43 -7.54
CA LYS A 76 4.05 -3.61 -8.39
C LYS A 76 4.17 -3.16 -9.85
N ASP A 77 3.74 -1.93 -10.09
CA ASP A 77 3.67 -1.40 -11.44
C ASP A 77 5.00 -0.80 -11.89
N ILE A 78 5.68 -0.11 -10.98
CA ILE A 78 6.98 0.48 -11.31
C ILE A 78 8.09 -0.51 -10.99
N LYS A 79 7.68 -1.55 -10.29
CA LYS A 79 8.55 -2.66 -9.89
C LYS A 79 9.53 -2.22 -8.82
N GLY A 80 8.98 -1.80 -7.70
CA GLY A 80 9.79 -1.38 -6.58
C GLY A 80 9.60 -2.26 -5.36
N LYS A 81 9.79 -1.65 -4.21
CA LYS A 81 9.57 -2.30 -2.93
C LYS A 81 8.54 -1.51 -2.14
N LEU A 82 7.81 -2.18 -1.26
CA LEU A 82 6.79 -1.50 -0.47
C LEU A 82 7.25 -1.33 0.97
N THR A 83 7.07 -0.13 1.50
CA THR A 83 7.41 0.17 2.87
C THR A 83 6.20 0.72 3.62
N LEU A 84 5.88 0.11 4.75
CA LEU A 84 4.82 0.61 5.59
C LEU A 84 5.39 1.49 6.70
N LEU A 85 5.11 2.77 6.62
CA LEU A 85 5.51 3.71 7.67
C LEU A 85 4.57 3.59 8.86
N GLN A 86 5.04 3.90 10.04
CA GLN A 86 4.21 3.81 11.22
C GLN A 86 4.10 5.17 11.87
N HIS A 87 2.87 5.52 12.24
CA HIS A 87 2.53 6.83 12.80
C HIS A 87 1.02 6.98 12.77
N PHE A 88 0.44 6.78 11.59
CA PHE A 88 -0.98 6.91 11.38
C PHE A 88 -1.77 5.91 12.23
N ASP A 89 -1.36 4.64 12.21
CA ASP A 89 -2.01 3.59 13.01
C ASP A 89 -2.03 3.93 14.49
N SER A 90 -1.10 4.78 14.90
CA SER A 90 -0.95 5.12 16.31
C SER A 90 -1.86 6.28 16.69
N SER A 91 -2.38 7.00 15.70
CA SER A 91 -3.21 8.16 15.96
C SER A 91 -4.63 7.99 15.40
N PHE A 92 -4.74 7.32 14.26
CA PHE A 92 -6.03 7.14 13.61
C PHE A 92 -6.62 5.79 14.00
N PRO A 93 -7.95 5.70 14.14
CA PRO A 93 -8.66 4.47 14.52
C PRO A 93 -8.46 3.31 13.55
N ILE A 94 -7.80 3.55 12.43
CA ILE A 94 -7.47 2.47 11.51
C ILE A 94 -6.04 2.00 11.73
N LYS A 95 -5.93 0.80 12.28
CA LYS A 95 -4.65 0.15 12.46
C LYS A 95 -4.68 -1.21 11.78
N VAL A 96 -3.72 -1.49 10.92
CA VAL A 96 -3.82 -2.65 10.03
C VAL A 96 -2.49 -3.36 9.83
N ASP A 97 -2.53 -4.48 9.11
CA ASP A 97 -1.36 -5.27 8.77
C ASP A 97 -1.36 -5.64 7.30
N LEU A 98 -0.22 -5.47 6.65
CA LEU A 98 -0.10 -5.68 5.21
C LEU A 98 0.62 -6.98 4.91
N TYR A 99 0.11 -7.74 3.95
CA TYR A 99 0.71 -9.03 3.55
C TYR A 99 0.85 -9.15 2.04
N PHE A 100 1.91 -9.85 1.61
CA PHE A 100 2.12 -10.15 0.20
C PHE A 100 1.94 -11.63 -0.08
N LEU A 101 1.61 -11.94 -1.32
CA LEU A 101 1.58 -13.31 -1.82
C LEU A 101 2.67 -13.47 -2.86
N LYS A 102 3.67 -14.30 -2.60
CA LYS A 102 4.71 -14.58 -3.58
C LYS A 102 4.75 -16.05 -3.92
N GLY A 103 4.22 -16.40 -5.09
CA GLY A 103 4.15 -17.78 -5.50
C GLY A 103 3.12 -18.53 -4.69
N SER A 104 3.57 -19.25 -3.68
CA SER A 104 2.67 -19.86 -2.73
C SER A 104 2.99 -19.36 -1.33
N LYS A 105 4.04 -18.56 -1.24
CA LYS A 105 4.55 -18.10 0.04
C LYS A 105 3.95 -16.74 0.41
N VAL A 106 3.14 -16.73 1.46
CA VAL A 106 2.60 -15.48 1.96
C VAL A 106 3.48 -14.91 3.07
N MET A 107 3.76 -13.62 2.97
CA MET A 107 4.66 -12.94 3.89
C MET A 107 4.11 -11.58 4.27
N PRO A 108 4.12 -11.25 5.57
CA PRO A 108 3.70 -9.93 6.05
C PRO A 108 4.74 -8.85 5.75
N LEU A 109 4.28 -7.61 5.73
CA LEU A 109 5.16 -6.47 5.48
C LEU A 109 5.81 -6.08 6.80
N ASN A 110 7.09 -5.76 6.74
CA ASN A 110 7.81 -5.31 7.93
C ASN A 110 7.72 -3.80 8.03
N THR A 111 7.43 -3.32 9.23
CA THR A 111 7.23 -1.90 9.47
C THR A 111 8.48 -1.10 9.09
N GLY A 112 8.31 -0.19 8.13
CA GLY A 112 9.40 0.65 7.69
C GLY A 112 10.52 -0.14 7.04
N GLU A 113 10.16 -1.15 6.27
CA GLU A 113 11.14 -1.94 5.55
C GLU A 113 10.71 -2.10 4.11
N PRO A 114 11.60 -1.79 3.15
CA PRO A 114 11.34 -2.05 1.74
C PRO A 114 11.21 -3.55 1.48
N PHE A 115 10.01 -3.97 1.13
CA PHE A 115 9.74 -5.37 0.90
C PHE A 115 9.43 -5.58 -0.58
N VAL A 116 9.97 -6.66 -1.13
CA VAL A 116 9.86 -6.91 -2.56
C VAL A 116 8.41 -7.10 -3.01
N VAL A 117 7.95 -6.18 -3.85
CA VAL A 117 6.58 -6.21 -4.36
C VAL A 117 6.56 -6.35 -5.88
N GLN A 118 7.74 -6.24 -6.48
CA GLN A 118 7.85 -6.19 -7.93
C GLN A 118 7.49 -7.53 -8.59
N ASP A 119 7.42 -8.58 -7.79
CA ASP A 119 7.22 -9.91 -8.33
C ASP A 119 6.26 -10.70 -7.44
N ILE A 120 5.24 -10.03 -6.93
CA ILE A 120 4.24 -10.69 -6.11
C ILE A 120 3.10 -11.20 -6.98
N ASP A 121 2.25 -11.99 -6.36
CA ASP A 121 1.07 -12.52 -7.02
C ASP A 121 -0.14 -11.73 -6.60
N ALA A 122 -0.18 -11.37 -5.32
CA ALA A 122 -1.28 -10.61 -4.78
C ALA A 122 -0.87 -9.93 -3.50
N MET A 123 -1.60 -8.89 -3.13
CA MET A 123 -1.43 -8.22 -1.86
C MET A 123 -2.79 -7.97 -1.23
N SER A 124 -2.83 -7.89 0.09
CA SER A 124 -4.07 -7.61 0.81
C SER A 124 -3.78 -6.92 2.14
N VAL A 125 -4.78 -6.24 2.68
CA VAL A 125 -4.63 -5.49 3.91
C VAL A 125 -5.69 -5.93 4.93
N LEU A 126 -5.27 -6.63 5.97
CA LEU A 126 -6.20 -7.04 7.02
C LEU A 126 -6.03 -6.13 8.22
N PRO A 127 -7.12 -5.76 8.91
CA PRO A 127 -7.00 -4.96 10.12
C PRO A 127 -6.63 -5.80 11.33
N LYS A 128 -5.47 -5.48 11.90
CA LYS A 128 -4.86 -6.20 13.01
C LYS A 128 -4.84 -7.73 12.85
N GLY A 129 -6.01 -8.36 12.95
CA GLY A 129 -6.10 -9.81 12.77
C GLY A 129 -5.76 -10.23 11.36
N SER A 130 -4.47 -10.37 11.11
CA SER A 130 -3.95 -10.69 9.80
C SER A 130 -3.93 -12.19 9.57
N SER A 131 -4.29 -12.95 10.61
CA SER A 131 -4.30 -14.40 10.59
C SER A 131 -5.16 -14.97 9.46
N SER A 132 -5.93 -14.11 8.80
CA SER A 132 -6.66 -14.49 7.60
C SER A 132 -5.68 -14.98 6.52
N LEU A 133 -4.56 -14.29 6.42
CA LEU A 133 -3.57 -14.59 5.39
C LEU A 133 -2.24 -15.03 5.99
N LYS A 134 -2.13 -14.96 7.32
CA LYS A 134 -0.87 -15.27 7.99
C LYS A 134 -0.71 -16.77 8.16
N VAL A 135 -0.23 -17.44 7.12
CA VAL A 135 0.02 -18.86 7.17
C VAL A 135 1.33 -19.16 6.44
N LYS A 136 1.82 -20.39 6.52
CA LYS A 136 3.08 -20.77 5.90
C LYS A 136 3.02 -20.61 4.38
N THR A 137 1.94 -21.11 3.80
CA THR A 137 1.75 -21.08 2.36
C THR A 137 0.29 -20.79 2.03
N MET A 138 0.06 -20.12 0.91
CA MET A 138 -1.27 -19.66 0.57
C MET A 138 -1.51 -19.63 -0.94
N ALA A 139 -2.78 -19.68 -1.30
CA ALA A 139 -3.21 -19.56 -2.68
C ALA A 139 -3.42 -18.10 -3.06
N LYS A 140 -3.01 -17.75 -4.26
CA LYS A 140 -3.20 -16.40 -4.80
C LYS A 140 -4.69 -16.07 -4.92
N ASP A 141 -5.48 -17.11 -5.18
CA ASP A 141 -6.92 -16.98 -5.36
C ASP A 141 -7.60 -16.70 -4.04
N MET A 142 -7.06 -17.31 -3.00
CA MET A 142 -7.57 -17.14 -1.65
C MET A 142 -7.14 -15.80 -1.08
N PHE A 143 -5.90 -15.41 -1.37
CA PHE A 143 -5.31 -14.21 -0.81
C PHE A 143 -6.19 -13.00 -1.05
N VAL A 144 -6.55 -12.77 -2.30
CA VAL A 144 -7.39 -11.65 -2.66
C VAL A 144 -8.79 -11.79 -2.05
N SER A 145 -9.37 -12.97 -2.11
CA SER A 145 -10.72 -13.17 -1.60
C SER A 145 -10.75 -12.99 -0.07
N ARG A 146 -9.67 -13.38 0.59
CA ARG A 146 -9.51 -13.18 2.03
C ARG A 146 -9.39 -11.70 2.36
N GLY A 147 -8.52 -11.01 1.65
CA GLY A 147 -8.32 -9.61 1.90
C GLY A 147 -9.54 -8.79 1.55
N ASN A 148 -10.19 -9.15 0.45
CA ASN A 148 -11.37 -8.45 -0.02
C ASN A 148 -12.46 -8.43 1.04
N THR A 149 -12.71 -9.57 1.68
CA THR A 149 -13.71 -9.64 2.72
C THR A 149 -13.25 -8.90 3.98
N GLU A 150 -11.94 -8.85 4.18
CA GLU A 150 -11.35 -8.05 5.25
C GLU A 150 -11.36 -6.56 4.86
N GLY A 151 -11.69 -6.31 3.60
CA GLY A 151 -11.93 -4.97 3.11
C GLY A 151 -10.86 -4.43 2.16
N ALA A 152 -9.71 -5.08 2.05
CA ALA A 152 -8.75 -4.70 1.02
C ALA A 152 -7.99 -5.90 0.43
N SER A 153 -8.06 -6.04 -0.89
CA SER A 153 -7.18 -6.94 -1.60
C SER A 153 -6.87 -6.43 -2.99
N ILE A 154 -5.78 -6.94 -3.54
CA ILE A 154 -5.35 -6.57 -4.88
C ILE A 154 -4.50 -7.69 -5.47
N SER A 155 -4.95 -8.25 -6.57
CA SER A 155 -4.27 -9.42 -7.14
C SER A 155 -3.82 -9.14 -8.57
N PHE A 156 -2.68 -9.72 -8.94
CA PHE A 156 -2.20 -9.66 -10.32
C PHE A 156 -3.21 -10.33 -11.25
N GLU A 1 18.49 8.72 -1.15
CA GLU A 1 17.54 7.71 -0.64
C GLU A 1 16.13 8.29 -0.58
N GLU A 2 15.96 9.48 -1.12
CA GLU A 2 14.68 10.20 -1.04
C GLU A 2 13.73 9.75 -2.15
N LYS A 3 14.29 9.29 -3.27
CA LYS A 3 13.49 8.95 -4.43
C LYS A 3 12.50 7.82 -4.11
N GLY A 4 11.26 8.02 -4.53
CA GLY A 4 10.24 7.02 -4.32
C GLY A 4 8.87 7.64 -4.20
N ALA A 5 7.94 6.93 -3.57
CA ALA A 5 6.58 7.43 -3.41
C ALA A 5 6.15 7.40 -1.95
N TYR A 6 5.22 8.28 -1.59
CA TYR A 6 4.70 8.33 -0.23
C TYR A 6 3.18 8.36 -0.24
N LEU A 7 2.58 7.60 0.66
CA LEU A 7 1.13 7.56 0.83
C LEU A 7 0.75 8.60 1.86
N VAL A 8 -0.07 9.55 1.48
CA VAL A 8 -0.43 10.63 2.36
C VAL A 8 -1.93 10.64 2.62
N PHE A 9 -2.30 11.01 3.83
CA PHE A 9 -3.71 11.20 4.18
C PHE A 9 -4.05 12.67 4.08
N ASP A 10 -5.10 12.99 3.36
CA ASP A 10 -5.49 14.37 3.17
C ASP A 10 -6.91 14.60 3.70
N ASN A 11 -7.21 15.86 4.03
CA ASN A 11 -8.47 16.20 4.68
C ASN A 11 -9.57 16.41 3.65
N ALA A 12 -9.23 16.32 2.37
CA ALA A 12 -10.22 16.40 1.30
C ALA A 12 -11.26 15.31 1.47
N SER A 13 -12.54 15.68 1.39
CA SER A 13 -13.64 14.73 1.55
C SER A 13 -13.57 14.05 2.93
N ASN A 14 -12.91 14.73 3.87
CA ASN A 14 -12.73 14.21 5.24
C ASN A 14 -12.01 12.86 5.23
N GLY A 15 -11.15 12.68 4.24
CA GLY A 15 -10.41 11.44 4.13
C GLY A 15 -10.05 11.11 2.70
N THR A 16 -8.83 11.40 2.32
CA THR A 16 -8.34 11.05 0.99
C THR A 16 -6.93 10.49 1.07
N LEU A 17 -6.60 9.59 0.15
CA LEU A 17 -5.25 9.08 0.04
C LEU A 17 -4.54 9.71 -1.12
N PHE A 18 -3.25 9.92 -0.95
CA PHE A 18 -2.46 10.63 -1.92
C PHE A 18 -1.12 9.93 -2.08
N ILE A 19 -0.75 9.64 -3.32
CA ILE A 19 0.56 9.10 -3.62
C ILE A 19 1.43 10.17 -4.26
N VAL A 20 2.45 10.56 -3.53
CA VAL A 20 3.34 11.60 -4.00
C VAL A 20 4.51 11.00 -4.77
N TRP A 21 4.63 11.38 -6.03
CA TRP A 21 5.77 11.00 -6.83
C TRP A 21 6.77 12.14 -6.84
N LYS A 22 7.85 11.95 -6.12
CA LYS A 22 8.81 13.01 -5.89
C LYS A 22 10.22 12.43 -5.83
N LYS A 23 11.19 13.33 -5.76
CA LYS A 23 12.59 12.97 -5.80
C LYS A 23 13.22 13.28 -4.45
N GLU A 24 12.35 13.61 -3.51
CA GLU A 24 12.73 14.04 -2.17
C GLU A 24 11.97 13.23 -1.14
N LYS A 25 12.23 13.46 0.13
CA LYS A 25 11.51 12.75 1.18
C LYS A 25 10.24 13.51 1.58
N VAL A 26 9.19 12.78 1.88
CA VAL A 26 7.90 13.35 2.24
C VAL A 26 7.48 12.88 3.63
N GLU A 27 7.06 13.82 4.46
CA GLU A 27 6.57 13.49 5.80
C GLU A 27 5.05 13.50 5.83
N ASN A 28 4.49 13.16 6.98
CA ASN A 28 3.03 13.06 7.17
C ASN A 28 2.47 11.91 6.32
N ALA A 29 3.36 11.00 5.95
CA ALA A 29 2.98 9.89 5.10
C ALA A 29 2.73 8.62 5.91
N LEU A 30 1.84 7.80 5.40
CA LEU A 30 1.42 6.56 6.07
C LEU A 30 2.18 5.38 5.47
N MET A 31 2.52 5.48 4.19
CA MET A 31 3.21 4.40 3.49
C MET A 31 4.24 4.94 2.53
N PHE A 32 5.07 4.05 1.99
CA PHE A 32 6.19 4.46 1.15
C PHE A 32 6.49 3.39 0.10
N ILE A 33 7.04 3.83 -1.02
CA ILE A 33 7.44 2.94 -2.12
C ILE A 33 8.87 3.24 -2.52
N LYS A 34 9.67 2.20 -2.67
CA LYS A 34 11.03 2.36 -3.12
C LYS A 34 11.21 1.72 -4.50
N PRO A 35 11.41 2.52 -5.55
CA PRO A 35 11.67 1.98 -6.88
C PRO A 35 13.11 1.50 -7.02
N THR A 36 13.26 0.26 -7.44
CA THR A 36 14.56 -0.30 -7.74
C THR A 36 14.85 -0.12 -9.21
N LYS A 37 13.79 -0.19 -9.98
CA LYS A 37 13.82 0.14 -11.39
C LYS A 37 13.60 1.63 -11.52
N GLU A 38 14.13 2.24 -12.56
CA GLU A 38 13.95 3.66 -12.76
C GLU A 38 12.47 3.97 -12.94
N VAL A 39 12.03 5.01 -12.25
CA VAL A 39 10.62 5.36 -12.20
C VAL A 39 10.21 6.13 -13.44
N PRO A 40 9.05 5.76 -14.01
CA PRO A 40 8.51 6.36 -15.23
C PRO A 40 8.51 7.88 -15.18
N GLU A 41 9.21 8.49 -16.13
CA GLU A 41 9.40 9.93 -16.15
C GLU A 41 8.13 10.68 -16.50
N PHE A 42 7.35 10.13 -17.42
CA PHE A 42 6.17 10.82 -17.90
C PHE A 42 5.09 10.83 -16.84
N LYS A 43 5.17 9.88 -15.92
CA LYS A 43 4.24 9.80 -14.80
C LYS A 43 4.44 10.97 -13.85
N PHE A 44 5.69 11.34 -13.62
CA PHE A 44 6.01 12.49 -12.77
C PHE A 44 5.41 13.77 -13.33
N VAL A 45 5.62 13.98 -14.62
CA VAL A 45 5.20 15.19 -15.29
C VAL A 45 3.69 15.21 -15.52
N ASN A 46 3.10 14.04 -15.75
CA ASN A 46 1.67 13.94 -16.03
C ASN A 46 0.87 14.12 -14.75
N ARG A 47 1.31 13.49 -13.67
CA ARG A 47 0.62 13.59 -12.39
C ARG A 47 0.98 14.89 -11.68
N ASN A 48 2.05 15.54 -12.14
CA ASN A 48 2.56 16.77 -11.52
C ASN A 48 3.13 16.46 -10.14
N GLY A 49 3.30 15.17 -9.87
CA GLY A 49 3.81 14.70 -8.61
C GLY A 49 2.72 14.53 -7.57
N LYS A 50 1.56 15.11 -7.85
CA LYS A 50 0.42 15.01 -6.94
C LYS A 50 -0.63 14.07 -7.53
N ASN A 51 -1.02 13.06 -6.78
CA ASN A 51 -2.08 12.16 -7.26
C ASN A 51 -2.90 11.61 -6.11
N GLU A 52 -4.19 11.90 -6.14
CA GLU A 52 -5.11 11.39 -5.15
C GLU A 52 -5.62 10.02 -5.57
N LEU A 53 -5.39 9.04 -4.70
CA LEU A 53 -5.72 7.65 -4.98
C LEU A 53 -7.20 7.36 -4.76
N ILE A 54 -7.65 7.60 -3.54
CA ILE A 54 -9.02 7.30 -3.16
C ILE A 54 -9.50 8.36 -2.17
N ARG A 55 -10.80 8.64 -2.12
CA ARG A 55 -11.29 9.71 -1.26
C ARG A 55 -12.58 9.34 -0.55
N ASN A 56 -13.00 10.23 0.34
CA ASN A 56 -14.22 10.07 1.14
C ASN A 56 -14.08 8.87 2.08
N LEU A 57 -12.94 8.80 2.76
CA LEU A 57 -12.65 7.70 3.67
C LEU A 57 -13.43 7.83 4.98
N GLN A 58 -13.96 9.02 5.22
CA GLN A 58 -14.71 9.30 6.44
C GLN A 58 -15.87 8.32 6.67
N SER A 59 -16.66 8.06 5.64
CA SER A 59 -17.86 7.27 5.80
C SER A 59 -17.55 5.79 5.83
N ASP A 60 -16.39 5.43 5.34
CA ASP A 60 -15.99 4.04 5.25
C ASP A 60 -14.49 3.91 5.43
N LYS A 61 -14.08 3.33 6.54
CA LYS A 61 -12.68 3.20 6.87
C LYS A 61 -12.00 2.19 5.95
N LYS A 62 -12.77 1.23 5.49
CA LYS A 62 -12.25 0.17 4.62
C LYS A 62 -11.76 0.72 3.28
N LEU A 63 -12.26 1.88 2.90
CA LEU A 63 -11.78 2.57 1.71
C LEU A 63 -10.28 2.88 1.83
N PHE A 64 -9.83 3.23 3.04
CA PHE A 64 -8.41 3.48 3.26
C PHE A 64 -7.61 2.22 2.96
N TYR A 65 -8.20 1.08 3.29
CA TYR A 65 -7.52 -0.19 3.12
C TYR A 65 -7.22 -0.43 1.64
N SER A 66 -8.25 -0.37 0.81
CA SER A 66 -8.08 -0.58 -0.61
C SER A 66 -7.35 0.58 -1.26
N GLY A 67 -7.46 1.77 -0.70
CA GLY A 67 -6.65 2.88 -1.18
C GLY A 67 -5.18 2.53 -1.08
N ILE A 68 -4.85 1.84 0.00
CA ILE A 68 -3.52 1.29 0.21
C ILE A 68 -3.13 0.32 -0.90
N CYS A 69 -4.01 -0.63 -1.22
CA CYS A 69 -3.67 -1.65 -2.21
C CYS A 69 -3.39 -1.00 -3.55
N GLN A 70 -4.11 0.08 -3.84
CA GLN A 70 -3.87 0.88 -5.03
C GLN A 70 -2.48 1.50 -4.98
N PHE A 71 -2.08 1.94 -3.80
CA PHE A 71 -0.77 2.51 -3.58
C PHE A 71 0.32 1.47 -3.83
N VAL A 72 0.13 0.25 -3.33
CA VAL A 72 1.12 -0.82 -3.51
C VAL A 72 1.15 -1.24 -4.98
N LYS A 73 0.02 -1.08 -5.66
CA LYS A 73 -0.08 -1.37 -7.08
C LYS A 73 0.84 -0.44 -7.88
N GLU A 74 1.02 0.77 -7.38
CA GLU A 74 1.93 1.72 -8.00
C GLU A 74 3.34 1.17 -7.93
N ALA A 75 3.66 0.52 -6.82
CA ALA A 75 4.95 -0.11 -6.64
C ALA A 75 5.07 -1.38 -7.47
N LYS A 76 3.94 -2.07 -7.68
CA LYS A 76 3.94 -3.26 -8.53
C LYS A 76 4.16 -2.86 -9.99
N ASP A 77 3.89 -1.60 -10.31
CA ASP A 77 3.98 -1.13 -11.68
C ASP A 77 5.42 -0.79 -12.05
N ILE A 78 6.07 -0.02 -11.18
CA ILE A 78 7.43 0.42 -11.45
C ILE A 78 8.41 -0.65 -10.99
N LYS A 79 7.86 -1.59 -10.23
CA LYS A 79 8.55 -2.78 -9.79
C LYS A 79 9.60 -2.48 -8.73
N GLY A 80 9.20 -1.82 -7.66
CA GLY A 80 10.12 -1.55 -6.58
C GLY A 80 9.82 -2.34 -5.32
N LYS A 81 9.90 -1.65 -4.19
CA LYS A 81 9.66 -2.23 -2.89
C LYS A 81 8.55 -1.47 -2.18
N LEU A 82 7.88 -2.10 -1.24
CA LEU A 82 6.81 -1.45 -0.50
C LEU A 82 7.19 -1.32 0.98
N THR A 83 6.81 -0.19 1.59
CA THR A 83 7.13 0.09 2.99
C THR A 83 5.90 0.64 3.74
N LEU A 84 5.67 0.16 4.96
CA LEU A 84 4.59 0.68 5.78
C LEU A 84 5.13 1.57 6.87
N LEU A 85 4.86 2.84 6.75
CA LEU A 85 5.25 3.80 7.77
C LEU A 85 4.29 3.72 8.93
N GLN A 86 4.76 4.02 10.13
CA GLN A 86 3.90 3.97 11.28
C GLN A 86 3.82 5.35 11.92
N HIS A 87 2.59 5.76 12.24
CA HIS A 87 2.29 7.10 12.75
C HIS A 87 0.79 7.34 12.68
N PHE A 88 0.22 7.05 11.52
CA PHE A 88 -1.20 7.24 11.26
C PHE A 88 -2.05 6.34 12.13
N ASP A 89 -1.64 5.07 12.25
CA ASP A 89 -2.34 4.08 13.07
C ASP A 89 -2.57 4.59 14.49
N SER A 90 -1.63 5.39 14.97
CA SER A 90 -1.67 5.88 16.33
C SER A 90 -2.78 6.93 16.51
N SER A 91 -3.08 7.68 15.45
CA SER A 91 -4.04 8.77 15.54
C SER A 91 -5.39 8.36 14.97
N PHE A 92 -5.38 7.57 13.92
CA PHE A 92 -6.60 7.19 13.23
C PHE A 92 -7.06 5.82 13.71
N PRO A 93 -8.38 5.57 13.77
CA PRO A 93 -8.96 4.28 14.17
C PRO A 93 -8.74 3.15 13.16
N ILE A 94 -7.72 3.29 12.32
CA ILE A 94 -7.36 2.22 11.39
C ILE A 94 -5.96 1.72 11.68
N LYS A 95 -5.88 0.49 12.17
CA LYS A 95 -4.60 -0.15 12.42
C LYS A 95 -4.57 -1.47 11.65
N VAL A 96 -3.55 -1.68 10.84
CA VAL A 96 -3.55 -2.81 9.90
C VAL A 96 -2.15 -3.38 9.68
N ASP A 97 -2.12 -4.59 9.12
CA ASP A 97 -0.88 -5.22 8.68
C ASP A 97 -1.03 -5.61 7.21
N LEU A 98 0.02 -5.43 6.43
CA LEU A 98 -0.03 -5.70 5.01
C LEU A 98 0.73 -6.99 4.67
N TYR A 99 0.13 -7.82 3.80
CA TYR A 99 0.70 -9.13 3.48
C TYR A 99 0.90 -9.31 1.97
N PHE A 100 1.86 -10.16 1.60
CA PHE A 100 2.15 -10.47 0.20
C PHE A 100 1.98 -11.94 -0.11
N LEU A 101 1.60 -12.22 -1.35
CA LEU A 101 1.51 -13.57 -1.87
C LEU A 101 2.63 -13.79 -2.89
N LYS A 102 3.45 -14.82 -2.68
CA LYS A 102 4.47 -15.20 -3.63
C LYS A 102 4.27 -16.63 -4.09
N GLY A 103 3.77 -16.82 -5.30
CA GLY A 103 3.51 -18.16 -5.79
C GLY A 103 2.40 -18.83 -5.02
N SER A 104 2.77 -19.65 -4.06
CA SER A 104 1.81 -20.28 -3.17
C SER A 104 2.17 -20.00 -1.72
N LYS A 105 3.18 -19.18 -1.50
CA LYS A 105 3.59 -18.85 -0.15
C LYS A 105 3.21 -17.41 0.18
N VAL A 106 2.70 -17.21 1.38
CA VAL A 106 2.33 -15.88 1.81
C VAL A 106 3.35 -15.35 2.82
N MET A 107 3.77 -14.11 2.60
CA MET A 107 4.77 -13.47 3.44
C MET A 107 4.31 -12.07 3.80
N PRO A 108 4.21 -11.75 5.09
CA PRO A 108 3.79 -10.43 5.55
C PRO A 108 4.84 -9.36 5.29
N LEU A 109 4.38 -8.13 5.13
CA LEU A 109 5.25 -6.99 4.91
C LEU A 109 5.74 -6.49 6.27
N ASN A 110 7.01 -6.12 6.35
CA ASN A 110 7.56 -5.62 7.60
C ASN A 110 7.41 -4.11 7.67
N THR A 111 6.90 -3.63 8.80
CA THR A 111 6.64 -2.22 8.98
C THR A 111 7.93 -1.40 8.86
N GLY A 112 7.93 -0.46 7.93
CA GLY A 112 9.06 0.42 7.74
C GLY A 112 10.22 -0.26 7.04
N GLU A 113 9.94 -1.36 6.35
CA GLU A 113 10.98 -2.06 5.61
C GLU A 113 10.58 -2.17 4.15
N PRO A 114 11.44 -1.70 3.23
CA PRO A 114 11.22 -1.88 1.80
C PRO A 114 11.29 -3.36 1.42
N PHE A 115 10.16 -3.91 1.02
CA PHE A 115 10.06 -5.32 0.70
C PHE A 115 9.58 -5.52 -0.72
N VAL A 116 10.13 -6.54 -1.37
CA VAL A 116 9.89 -6.81 -2.78
C VAL A 116 8.40 -6.92 -3.13
N VAL A 117 7.89 -5.90 -3.81
CA VAL A 117 6.51 -5.88 -4.28
C VAL A 117 6.46 -6.19 -5.77
N GLN A 118 7.58 -5.98 -6.43
CA GLN A 118 7.69 -6.26 -7.87
C GLN A 118 7.32 -7.72 -8.16
N ASP A 119 7.90 -8.62 -7.40
CA ASP A 119 7.72 -10.04 -7.64
C ASP A 119 6.77 -10.65 -6.60
N ILE A 120 5.49 -10.31 -6.74
CA ILE A 120 4.45 -10.90 -5.92
C ILE A 120 3.23 -11.20 -6.77
N ASP A 121 2.42 -12.14 -6.31
CA ASP A 121 1.20 -12.51 -7.00
C ASP A 121 0.04 -11.68 -6.54
N ALA A 122 0.00 -11.38 -5.25
CA ALA A 122 -1.09 -10.63 -4.67
C ALA A 122 -0.65 -9.93 -3.40
N MET A 123 -1.37 -8.88 -3.03
CA MET A 123 -1.12 -8.18 -1.77
C MET A 123 -2.46 -7.85 -1.09
N SER A 124 -2.45 -7.79 0.23
CA SER A 124 -3.66 -7.49 0.99
C SER A 124 -3.38 -6.57 2.16
N VAL A 125 -4.45 -6.00 2.70
CA VAL A 125 -4.36 -5.21 3.91
C VAL A 125 -5.39 -5.71 4.92
N LEU A 126 -4.92 -6.38 5.97
CA LEU A 126 -5.80 -6.90 7.01
C LEU A 126 -5.67 -6.07 8.27
N PRO A 127 -6.80 -5.75 8.91
CA PRO A 127 -6.79 -5.03 10.18
C PRO A 127 -6.64 -5.96 11.38
N LYS A 128 -5.55 -5.76 12.11
CA LYS A 128 -5.22 -6.48 13.35
C LYS A 128 -5.27 -8.01 13.23
N GLY A 129 -6.43 -8.56 12.90
CA GLY A 129 -6.54 -9.99 12.66
C GLY A 129 -5.92 -10.37 11.32
N SER A 130 -4.66 -9.99 11.16
CA SER A 130 -3.93 -10.20 9.93
C SER A 130 -3.45 -11.64 9.85
N SER A 131 -3.65 -12.38 10.93
CA SER A 131 -3.30 -13.79 10.98
C SER A 131 -4.16 -14.61 10.02
N SER A 132 -5.23 -13.99 9.51
CA SER A 132 -6.08 -14.60 8.49
C SER A 132 -5.25 -15.06 7.29
N LEU A 133 -4.30 -14.22 6.88
CA LEU A 133 -3.45 -14.53 5.76
C LEU A 133 -2.02 -14.82 6.23
N LYS A 134 -1.86 -15.20 7.48
CA LYS A 134 -0.54 -15.43 8.05
C LYS A 134 -0.31 -16.93 8.26
N VAL A 135 0.04 -17.63 7.19
CA VAL A 135 0.32 -19.05 7.28
C VAL A 135 1.52 -19.38 6.40
N LYS A 136 2.05 -20.58 6.55
CA LYS A 136 3.25 -20.99 5.82
C LYS A 136 3.03 -20.93 4.31
N THR A 137 1.89 -21.44 3.88
CA THR A 137 1.54 -21.44 2.46
C THR A 137 0.07 -21.10 2.29
N MET A 138 -0.26 -20.48 1.17
CA MET A 138 -1.62 -19.99 0.98
C MET A 138 -2.07 -20.09 -0.46
N ALA A 139 -3.37 -20.04 -0.66
CA ALA A 139 -3.97 -19.99 -1.97
C ALA A 139 -4.11 -18.55 -2.43
N LYS A 140 -3.64 -18.28 -3.64
CA LYS A 140 -3.71 -16.93 -4.23
C LYS A 140 -5.16 -16.47 -4.34
N ASP A 141 -6.06 -17.43 -4.44
CA ASP A 141 -7.50 -17.13 -4.54
C ASP A 141 -8.02 -16.70 -3.18
N MET A 142 -7.61 -17.43 -2.17
CA MET A 142 -8.02 -17.16 -0.81
C MET A 142 -7.42 -15.86 -0.33
N PHE A 143 -6.18 -15.61 -0.75
CA PHE A 143 -5.44 -14.43 -0.33
C PHE A 143 -6.23 -13.16 -0.63
N VAL A 144 -6.58 -12.98 -1.90
CA VAL A 144 -7.34 -11.81 -2.31
C VAL A 144 -8.74 -11.81 -1.72
N SER A 145 -9.40 -12.95 -1.73
CA SER A 145 -10.75 -13.03 -1.19
C SER A 145 -10.77 -12.70 0.30
N ARG A 146 -9.80 -13.23 1.04
CA ARG A 146 -9.64 -12.95 2.46
C ARG A 146 -9.37 -11.46 2.69
N GLY A 147 -8.49 -10.91 1.87
CA GLY A 147 -8.18 -9.50 2.01
C GLY A 147 -9.34 -8.63 1.60
N ASN A 148 -10.02 -9.02 0.53
CA ASN A 148 -11.17 -8.28 0.03
C ASN A 148 -12.28 -8.19 1.08
N THR A 149 -12.53 -9.29 1.78
CA THR A 149 -13.54 -9.29 2.83
C THR A 149 -13.02 -8.59 4.09
N GLU A 150 -11.69 -8.54 4.21
CA GLU A 150 -11.04 -7.71 5.22
C GLU A 150 -11.08 -6.25 4.79
N GLY A 151 -11.43 -6.05 3.53
CA GLY A 151 -11.67 -4.72 3.00
C GLY A 151 -10.60 -4.25 2.03
N ALA A 152 -9.45 -4.92 1.96
CA ALA A 152 -8.48 -4.62 0.91
C ALA A 152 -7.71 -5.84 0.44
N SER A 153 -7.72 -6.06 -0.86
CA SER A 153 -6.76 -6.93 -1.48
C SER A 153 -6.56 -6.53 -2.93
N ILE A 154 -5.52 -7.07 -3.52
CA ILE A 154 -5.16 -6.75 -4.87
C ILE A 154 -4.36 -7.91 -5.47
N SER A 155 -4.89 -8.49 -6.53
CA SER A 155 -4.33 -9.71 -7.08
C SER A 155 -3.90 -9.50 -8.52
N PHE A 156 -2.69 -9.93 -8.83
CA PHE A 156 -2.17 -9.85 -10.17
C PHE A 156 -1.70 -11.23 -10.63
N GLU A 1 15.05 7.51 1.25
CA GLU A 1 13.61 7.70 0.96
C GLU A 1 13.39 8.88 0.01
N GLU A 2 14.46 9.38 -0.59
CA GLU A 2 14.36 10.50 -1.51
C GLU A 2 13.60 10.10 -2.77
N LYS A 3 14.14 9.18 -3.54
CA LYS A 3 13.46 8.75 -4.75
C LYS A 3 12.53 7.59 -4.45
N GLY A 4 11.25 7.85 -4.65
CA GLY A 4 10.23 6.87 -4.37
C GLY A 4 8.87 7.51 -4.19
N ALA A 5 7.92 6.77 -3.65
CA ALA A 5 6.57 7.27 -3.46
C ALA A 5 6.17 7.27 -1.99
N TYR A 6 5.24 8.13 -1.63
CA TYR A 6 4.75 8.22 -0.27
C TYR A 6 3.22 8.17 -0.26
N LEU A 7 2.66 7.35 0.61
CA LEU A 7 1.23 7.31 0.82
C LEU A 7 0.88 8.35 1.85
N VAL A 8 0.15 9.35 1.44
CA VAL A 8 -0.11 10.50 2.29
C VAL A 8 -1.57 10.54 2.70
N PHE A 9 -1.79 10.91 3.95
CA PHE A 9 -3.15 11.10 4.44
C PHE A 9 -3.51 12.57 4.35
N ASP A 10 -4.61 12.86 3.69
CA ASP A 10 -5.07 14.22 3.53
C ASP A 10 -6.44 14.36 4.15
N ASN A 11 -6.70 15.53 4.73
CA ASN A 11 -7.94 15.74 5.48
C ASN A 11 -9.08 16.13 4.55
N ALA A 12 -8.83 16.05 3.25
CA ALA A 12 -9.88 16.24 2.26
C ALA A 12 -10.95 15.18 2.44
N SER A 13 -12.21 15.62 2.56
CA SER A 13 -13.33 14.71 2.81
C SER A 13 -13.10 13.96 4.13
N ASN A 14 -12.28 14.57 4.99
CA ASN A 14 -11.87 13.99 6.27
C ASN A 14 -11.17 12.65 6.09
N GLY A 15 -10.57 12.47 4.93
CA GLY A 15 -9.84 11.25 4.67
C GLY A 15 -9.64 11.01 3.19
N THR A 16 -8.45 11.29 2.71
CA THR A 16 -8.08 11.00 1.33
C THR A 16 -6.67 10.42 1.29
N LEU A 17 -6.42 9.54 0.34
CA LEU A 17 -5.10 8.98 0.15
C LEU A 17 -4.43 9.61 -1.05
N PHE A 18 -3.14 9.81 -0.93
CA PHE A 18 -2.37 10.50 -1.93
C PHE A 18 -1.04 9.78 -2.13
N ILE A 19 -0.73 9.46 -3.37
CA ILE A 19 0.56 8.87 -3.71
C ILE A 19 1.44 9.90 -4.38
N VAL A 20 2.46 10.32 -3.67
CA VAL A 20 3.36 11.34 -4.18
C VAL A 20 4.54 10.71 -4.92
N TRP A 21 4.72 11.11 -6.16
CA TRP A 21 5.90 10.74 -6.92
C TRP A 21 6.88 11.89 -6.91
N LYS A 22 7.94 11.72 -6.14
CA LYS A 22 8.89 12.78 -5.89
C LYS A 22 10.29 12.22 -5.70
N LYS A 23 11.29 13.05 -5.92
CA LYS A 23 12.67 12.65 -5.71
C LYS A 23 13.20 13.28 -4.43
N GLU A 24 12.27 13.58 -3.53
CA GLU A 24 12.58 14.19 -2.25
C GLU A 24 11.86 13.40 -1.15
N LYS A 25 12.11 13.75 0.10
CA LYS A 25 11.55 12.99 1.21
C LYS A 25 10.36 13.74 1.81
N VAL A 26 9.16 13.32 1.45
CA VAL A 26 7.94 13.95 1.96
C VAL A 26 7.54 13.31 3.30
N GLU A 27 7.17 14.13 4.26
CA GLU A 27 6.66 13.66 5.54
C GLU A 27 5.13 13.59 5.50
N ASN A 28 4.53 13.26 6.65
CA ASN A 28 3.07 13.17 6.80
C ASN A 28 2.53 11.96 6.02
N ALA A 29 3.40 11.00 5.79
CA ALA A 29 3.05 9.83 5.00
C ALA A 29 2.85 8.60 5.89
N LEU A 30 1.93 7.74 5.47
CA LEU A 30 1.62 6.53 6.22
C LEU A 30 2.36 5.34 5.63
N MET A 31 2.75 5.47 4.37
CA MET A 31 3.43 4.39 3.65
C MET A 31 4.42 4.96 2.63
N PHE A 32 5.25 4.08 2.07
CA PHE A 32 6.32 4.50 1.17
C PHE A 32 6.61 3.43 0.13
N ILE A 33 7.15 3.85 -1.00
CA ILE A 33 7.55 2.94 -2.08
C ILE A 33 8.97 3.27 -2.50
N LYS A 34 9.82 2.26 -2.61
CA LYS A 34 11.16 2.47 -3.09
C LYS A 34 11.38 1.68 -4.38
N PRO A 35 11.48 2.38 -5.51
CA PRO A 35 11.73 1.76 -6.81
C PRO A 35 13.20 1.43 -7.02
N THR A 36 13.47 0.18 -7.37
CA THR A 36 14.81 -0.24 -7.75
C THR A 36 15.01 0.03 -9.23
N LYS A 37 13.89 -0.01 -9.93
CA LYS A 37 13.86 0.33 -11.36
C LYS A 37 13.68 1.84 -11.49
N GLU A 38 14.03 2.37 -12.66
CA GLU A 38 13.88 3.78 -12.90
C GLU A 38 12.41 4.14 -12.99
N VAL A 39 12.03 5.17 -12.26
CA VAL A 39 10.63 5.53 -12.13
C VAL A 39 10.14 6.32 -13.33
N PRO A 40 8.89 6.06 -13.74
CA PRO A 40 8.23 6.75 -14.85
C PRO A 40 8.33 8.28 -14.74
N GLU A 41 8.92 8.89 -15.75
CA GLU A 41 9.17 10.31 -15.75
C GLU A 41 7.89 11.09 -16.04
N PHE A 42 7.01 10.53 -16.87
CA PHE A 42 5.78 11.22 -17.24
C PHE A 42 4.89 11.38 -16.02
N LYS A 43 5.06 10.49 -15.05
CA LYS A 43 4.30 10.56 -13.81
C LYS A 43 4.77 11.74 -12.95
N PHE A 44 5.98 12.21 -13.20
CA PHE A 44 6.51 13.36 -12.50
C PHE A 44 5.99 14.65 -13.12
N VAL A 45 5.91 14.66 -14.45
CA VAL A 45 5.49 15.86 -15.18
C VAL A 45 3.97 15.97 -15.30
N ASN A 46 3.31 14.92 -15.78
CA ASN A 46 1.88 14.98 -16.07
C ASN A 46 1.06 15.02 -14.79
N ARG A 47 1.53 14.31 -13.77
CA ARG A 47 0.87 14.32 -12.47
C ARG A 47 1.38 15.45 -11.59
N ASN A 48 2.52 16.03 -12.02
CA ASN A 48 3.23 17.03 -11.22
C ASN A 48 3.85 16.39 -9.98
N GLY A 49 3.54 15.12 -9.78
CA GLY A 49 3.99 14.41 -8.61
C GLY A 49 2.86 14.10 -7.66
N LYS A 50 1.71 14.75 -7.88
CA LYS A 50 0.57 14.54 -7.02
C LYS A 50 -0.47 13.65 -7.69
N ASN A 51 -0.98 12.68 -6.95
CA ASN A 51 -2.10 11.87 -7.41
C ASN A 51 -2.93 11.42 -6.23
N GLU A 52 -4.20 11.81 -6.23
CA GLU A 52 -5.12 11.42 -5.18
C GLU A 52 -5.76 10.08 -5.52
N LEU A 53 -5.54 9.12 -4.65
CA LEU A 53 -5.95 7.74 -4.87
C LEU A 53 -7.41 7.52 -4.57
N ILE A 54 -7.79 7.72 -3.33
CA ILE A 54 -9.14 7.44 -2.86
C ILE A 54 -9.52 8.43 -1.77
N ARG A 55 -10.80 8.73 -1.62
CA ARG A 55 -11.22 9.76 -0.67
C ARG A 55 -12.46 9.34 0.11
N ASN A 56 -12.80 10.15 1.11
CA ASN A 56 -13.97 9.93 1.97
C ASN A 56 -13.75 8.72 2.89
N LEU A 57 -12.57 8.67 3.49
CA LEU A 57 -12.18 7.56 4.33
C LEU A 57 -12.85 7.64 5.71
N GLN A 58 -13.31 8.83 6.08
CA GLN A 58 -13.93 9.05 7.38
C GLN A 58 -15.16 8.18 7.59
N SER A 59 -16.04 8.15 6.60
CA SER A 59 -17.31 7.43 6.74
C SER A 59 -17.12 5.96 6.41
N ASP A 60 -16.09 5.68 5.63
CA ASP A 60 -15.84 4.33 5.18
C ASP A 60 -14.36 3.98 5.35
N LYS A 61 -14.06 3.33 6.45
CA LYS A 61 -12.68 2.98 6.78
C LYS A 61 -12.06 2.11 5.72
N LYS A 62 -12.84 1.17 5.21
CA LYS A 62 -12.32 0.17 4.29
C LYS A 62 -11.77 0.80 3.01
N LEU A 63 -12.19 2.02 2.73
CA LEU A 63 -11.67 2.75 1.59
C LEU A 63 -10.17 3.01 1.74
N PHE A 64 -9.73 3.26 2.97
CA PHE A 64 -8.31 3.43 3.26
C PHE A 64 -7.57 2.13 2.97
N TYR A 65 -8.22 1.01 3.28
CA TYR A 65 -7.60 -0.30 3.15
C TYR A 65 -7.25 -0.55 1.69
N SER A 66 -8.26 -0.46 0.84
CA SER A 66 -8.09 -0.69 -0.59
C SER A 66 -7.29 0.43 -1.24
N GLY A 67 -7.40 1.64 -0.68
CA GLY A 67 -6.57 2.73 -1.15
C GLY A 67 -5.10 2.40 -1.00
N ILE A 68 -4.78 1.74 0.11
CA ILE A 68 -3.44 1.20 0.33
C ILE A 68 -3.07 0.24 -0.80
N CYS A 69 -4.01 -0.63 -1.15
CA CYS A 69 -3.79 -1.60 -2.21
C CYS A 69 -3.53 -0.90 -3.55
N GLN A 70 -4.24 0.20 -3.79
CA GLN A 70 -4.02 1.00 -4.99
C GLN A 70 -2.65 1.65 -4.95
N PHE A 71 -2.16 1.89 -3.73
CA PHE A 71 -0.84 2.46 -3.53
C PHE A 71 0.24 1.41 -3.82
N VAL A 72 0.06 0.21 -3.28
CA VAL A 72 1.01 -0.88 -3.52
C VAL A 72 0.92 -1.31 -4.98
N LYS A 73 -0.25 -1.09 -5.57
CA LYS A 73 -0.45 -1.34 -6.99
C LYS A 73 0.60 -0.61 -7.81
N GLU A 74 0.82 0.66 -7.49
CA GLU A 74 1.79 1.45 -8.20
C GLU A 74 3.19 0.88 -8.02
N ALA A 75 3.51 0.54 -6.77
CA ALA A 75 4.79 -0.09 -6.45
C ALA A 75 5.01 -1.36 -7.27
N LYS A 76 3.95 -2.13 -7.45
CA LYS A 76 4.03 -3.38 -8.20
C LYS A 76 3.97 -3.09 -9.70
N ASP A 77 3.45 -1.92 -10.04
CA ASP A 77 3.39 -1.47 -11.42
C ASP A 77 4.75 -1.01 -11.92
N ILE A 78 5.45 -0.19 -11.14
CA ILE A 78 6.75 0.33 -11.55
C ILE A 78 7.85 -0.66 -11.18
N LYS A 79 7.45 -1.62 -10.36
CA LYS A 79 8.30 -2.72 -9.91
C LYS A 79 9.31 -2.26 -8.86
N GLY A 80 8.79 -1.71 -7.79
CA GLY A 80 9.62 -1.27 -6.70
C GLY A 80 9.44 -2.12 -5.47
N LYS A 81 9.70 -1.53 -4.32
CA LYS A 81 9.51 -2.19 -3.04
C LYS A 81 8.52 -1.39 -2.22
N LEU A 82 7.78 -2.07 -1.36
CA LEU A 82 6.74 -1.41 -0.58
C LEU A 82 7.17 -1.27 0.88
N THR A 83 6.92 -0.10 1.45
CA THR A 83 7.26 0.18 2.82
C THR A 83 6.04 0.68 3.60
N LEU A 84 5.80 0.08 4.75
CA LEU A 84 4.73 0.50 5.63
C LEU A 84 5.30 1.34 6.77
N LEU A 85 4.98 2.63 6.78
CA LEU A 85 5.42 3.51 7.85
C LEU A 85 4.43 3.42 9.00
N GLN A 86 4.89 3.60 10.22
CA GLN A 86 3.97 3.62 11.34
C GLN A 86 4.09 4.93 12.11
N HIS A 87 2.95 5.45 12.50
CA HIS A 87 2.80 6.69 13.26
C HIS A 87 1.35 7.13 13.12
N PHE A 88 0.83 6.94 11.91
CA PHE A 88 -0.55 7.24 11.58
C PHE A 88 -1.53 6.51 12.50
N ASP A 89 -1.14 5.31 12.93
CA ASP A 89 -2.03 4.44 13.69
C ASP A 89 -2.37 5.03 15.06
N SER A 90 -1.64 6.05 15.46
CA SER A 90 -1.88 6.71 16.75
C SER A 90 -2.81 7.91 16.60
N SER A 91 -3.00 8.37 15.37
CA SER A 91 -3.86 9.53 15.11
C SER A 91 -5.08 9.14 14.27
N PHE A 92 -4.86 8.23 13.34
CA PHE A 92 -5.91 7.77 12.45
C PHE A 92 -6.49 6.48 13.01
N PRO A 93 -7.83 6.40 13.14
CA PRO A 93 -8.51 5.27 13.79
C PRO A 93 -8.51 3.97 12.97
N ILE A 94 -7.60 3.86 12.01
CA ILE A 94 -7.50 2.63 11.23
C ILE A 94 -6.15 1.97 11.44
N LYS A 95 -6.19 0.77 11.99
CA LYS A 95 -4.98 -0.01 12.22
C LYS A 95 -5.04 -1.29 11.40
N VAL A 96 -3.99 -1.55 10.66
CA VAL A 96 -3.99 -2.63 9.68
C VAL A 96 -2.59 -3.20 9.48
N ASP A 97 -2.50 -4.33 8.80
CA ASP A 97 -1.23 -4.95 8.47
C ASP A 97 -1.24 -5.46 7.03
N LEU A 98 -0.14 -5.24 6.34
CA LEU A 98 0.00 -5.60 4.94
C LEU A 98 0.65 -6.96 4.78
N TYR A 99 0.06 -7.79 3.92
CA TYR A 99 0.63 -9.10 3.61
C TYR A 99 0.73 -9.26 2.09
N PHE A 100 1.78 -9.92 1.65
CA PHE A 100 1.96 -10.21 0.23
C PHE A 100 1.86 -11.71 -0.02
N LEU A 101 1.49 -12.06 -1.23
CA LEU A 101 1.46 -13.44 -1.67
C LEU A 101 2.56 -13.63 -2.69
N LYS A 102 3.43 -14.60 -2.49
CA LYS A 102 4.44 -14.92 -3.50
C LYS A 102 4.52 -16.41 -3.74
N GLY A 103 4.05 -16.83 -4.91
CA GLY A 103 4.00 -18.24 -5.24
C GLY A 103 2.99 -18.96 -4.38
N SER A 104 3.49 -19.68 -3.39
CA SER A 104 2.64 -20.32 -2.42
C SER A 104 2.93 -19.78 -1.02
N LYS A 105 3.93 -18.92 -0.92
CA LYS A 105 4.37 -18.40 0.36
C LYS A 105 3.81 -17.00 0.59
N VAL A 106 2.98 -16.88 1.63
CA VAL A 106 2.49 -15.58 2.07
C VAL A 106 3.54 -14.91 2.97
N MET A 107 3.76 -13.64 2.74
CA MET A 107 4.80 -12.89 3.44
C MET A 107 4.28 -11.54 3.91
N PRO A 108 4.30 -11.29 5.22
CA PRO A 108 3.86 -10.01 5.79
C PRO A 108 4.89 -8.90 5.56
N LEU A 109 4.41 -7.65 5.58
CA LEU A 109 5.27 -6.49 5.37
C LEU A 109 5.92 -6.10 6.69
N ASN A 110 7.17 -5.66 6.62
CA ASN A 110 7.87 -5.18 7.79
C ASN A 110 7.75 -3.67 7.89
N THR A 111 7.61 -3.17 9.11
CA THR A 111 7.42 -1.75 9.34
C THR A 111 8.63 -0.93 8.92
N GLY A 112 8.41 0.01 8.00
CA GLY A 112 9.48 0.89 7.55
C GLY A 112 10.55 0.17 6.76
N GLU A 113 10.20 -0.98 6.22
CA GLU A 113 11.15 -1.76 5.44
C GLU A 113 10.65 -1.92 4.02
N PRO A 114 11.49 -1.58 3.04
CA PRO A 114 11.20 -1.84 1.63
C PRO A 114 11.15 -3.34 1.34
N PHE A 115 9.97 -3.82 1.02
CA PHE A 115 9.76 -5.22 0.77
C PHE A 115 9.37 -5.44 -0.69
N VAL A 116 9.94 -6.48 -1.28
CA VAL A 116 9.79 -6.75 -2.70
C VAL A 116 8.32 -6.97 -3.09
N VAL A 117 7.77 -6.01 -3.83
CA VAL A 117 6.39 -6.05 -4.29
C VAL A 117 6.33 -6.25 -5.80
N GLN A 118 7.45 -6.02 -6.46
CA GLN A 118 7.52 -6.06 -7.92
C GLN A 118 7.01 -7.39 -8.47
N ASP A 119 7.37 -8.48 -7.81
CA ASP A 119 7.01 -9.80 -8.29
C ASP A 119 6.22 -10.54 -7.22
N ILE A 120 5.07 -9.99 -6.87
CA ILE A 120 4.17 -10.67 -5.97
C ILE A 120 3.06 -11.33 -6.77
N ASP A 121 2.31 -12.19 -6.12
CA ASP A 121 1.12 -12.79 -6.72
C ASP A 121 -0.09 -11.95 -6.37
N ALA A 122 -0.15 -11.55 -5.12
CA ALA A 122 -1.25 -10.74 -4.63
C ALA A 122 -0.84 -10.00 -3.37
N MET A 123 -1.56 -8.94 -3.06
CA MET A 123 -1.43 -8.25 -1.79
C MET A 123 -2.82 -8.05 -1.18
N SER A 124 -2.89 -7.94 0.15
CA SER A 124 -4.13 -7.66 0.85
C SER A 124 -3.85 -6.95 2.16
N VAL A 125 -4.83 -6.21 2.66
CA VAL A 125 -4.66 -5.44 3.88
C VAL A 125 -5.69 -5.86 4.91
N LEU A 126 -5.25 -6.52 5.99
CA LEU A 126 -6.18 -6.94 7.03
C LEU A 126 -6.04 -6.03 8.25
N PRO A 127 -7.16 -5.62 8.84
CA PRO A 127 -7.14 -4.79 10.06
C PRO A 127 -6.89 -5.60 11.32
N LYS A 128 -5.83 -5.24 12.03
CA LYS A 128 -5.42 -5.92 13.28
C LYS A 128 -5.23 -7.44 13.10
N GLY A 129 -6.34 -8.17 13.08
CA GLY A 129 -6.29 -9.60 12.89
C GLY A 129 -5.87 -9.98 11.49
N SER A 130 -4.57 -10.14 11.31
CA SER A 130 -4.00 -10.51 10.02
C SER A 130 -4.12 -12.00 9.78
N SER A 131 -4.63 -12.70 10.80
CA SER A 131 -4.68 -14.15 10.80
C SER A 131 -5.41 -14.73 9.59
N SER A 132 -6.23 -13.91 8.94
CA SER A 132 -6.88 -14.29 7.69
C SER A 132 -5.87 -14.84 6.70
N LEU A 133 -4.75 -14.14 6.59
CA LEU A 133 -3.71 -14.48 5.63
C LEU A 133 -2.40 -14.85 6.32
N LYS A 134 -2.46 -15.15 7.61
CA LYS A 134 -1.26 -15.48 8.36
C LYS A 134 -1.13 -16.99 8.53
N VAL A 135 -0.60 -17.65 7.50
CA VAL A 135 -0.40 -19.08 7.56
C VAL A 135 0.94 -19.43 6.88
N LYS A 136 1.39 -20.66 7.04
CA LYS A 136 2.68 -21.10 6.48
C LYS A 136 2.72 -20.84 4.98
N THR A 137 1.71 -21.36 4.32
CA THR A 137 1.61 -21.27 2.87
C THR A 137 0.19 -20.92 2.46
N MET A 138 0.03 -20.22 1.36
CA MET A 138 -1.26 -19.69 0.98
C MET A 138 -1.47 -19.68 -0.53
N ALA A 139 -2.74 -19.72 -0.94
CA ALA A 139 -3.12 -19.64 -2.33
C ALA A 139 -3.33 -18.19 -2.76
N LYS A 140 -2.98 -17.88 -4.00
CA LYS A 140 -3.14 -16.55 -4.58
C LYS A 140 -4.62 -16.21 -4.73
N ASP A 141 -5.41 -17.25 -4.99
CA ASP A 141 -6.84 -17.09 -5.19
C ASP A 141 -7.53 -16.80 -3.88
N MET A 142 -7.05 -17.45 -2.83
CA MET A 142 -7.58 -17.26 -1.50
C MET A 142 -7.15 -15.91 -0.94
N PHE A 143 -5.90 -15.54 -1.21
CA PHE A 143 -5.31 -14.33 -0.65
C PHE A 143 -6.21 -13.12 -0.90
N VAL A 144 -6.50 -12.89 -2.16
CA VAL A 144 -7.37 -11.79 -2.56
C VAL A 144 -8.77 -11.95 -1.97
N SER A 145 -9.33 -13.15 -2.06
CA SER A 145 -10.68 -13.40 -1.58
C SER A 145 -10.78 -13.13 -0.07
N ARG A 146 -9.73 -13.50 0.65
CA ARG A 146 -9.62 -13.24 2.08
C ARG A 146 -9.51 -11.75 2.36
N GLY A 147 -8.58 -11.10 1.67
CA GLY A 147 -8.36 -9.69 1.89
C GLY A 147 -9.55 -8.85 1.51
N ASN A 148 -10.18 -9.20 0.39
CA ASN A 148 -11.34 -8.49 -0.10
C ASN A 148 -12.47 -8.44 0.94
N THR A 149 -12.64 -9.53 1.68
CA THR A 149 -13.68 -9.59 2.69
C THR A 149 -13.25 -8.85 3.97
N GLU A 150 -11.93 -8.77 4.18
CA GLU A 150 -11.36 -7.89 5.19
C GLU A 150 -11.43 -6.44 4.70
N GLY A 151 -11.74 -6.30 3.42
CA GLY A 151 -12.00 -5.01 2.83
C GLY A 151 -10.93 -4.52 1.88
N ALA A 152 -9.75 -5.15 1.83
CA ALA A 152 -8.77 -4.78 0.81
C ALA A 152 -8.00 -5.97 0.26
N SER A 153 -8.03 -6.12 -1.05
CA SER A 153 -7.14 -7.03 -1.73
C SER A 153 -6.77 -6.52 -3.12
N ILE A 154 -5.67 -7.03 -3.63
CA ILE A 154 -5.19 -6.69 -4.97
C ILE A 154 -4.35 -7.83 -5.52
N SER A 155 -4.78 -8.40 -6.63
CA SER A 155 -4.16 -9.60 -7.15
C SER A 155 -3.62 -9.39 -8.55
N PHE A 156 -2.50 -10.03 -8.86
CA PHE A 156 -1.97 -10.06 -10.21
C PHE A 156 -2.95 -10.76 -11.15
N GLU A 1 14.75 6.35 0.39
CA GLU A 1 13.82 7.13 1.23
C GLU A 1 13.39 8.41 0.53
N GLU A 2 14.35 9.10 -0.09
CA GLU A 2 14.07 10.35 -0.79
C GLU A 2 13.37 10.07 -2.11
N LYS A 3 13.96 9.24 -2.95
CA LYS A 3 13.33 8.87 -4.20
C LYS A 3 12.36 7.72 -3.98
N GLY A 4 11.13 7.92 -4.40
CA GLY A 4 10.12 6.90 -4.21
C GLY A 4 8.75 7.52 -4.06
N ALA A 5 7.80 6.74 -3.59
CA ALA A 5 6.43 7.22 -3.40
C ALA A 5 6.04 7.23 -1.94
N TYR A 6 5.21 8.18 -1.56
CA TYR A 6 4.73 8.29 -0.18
C TYR A 6 3.21 8.27 -0.14
N LEU A 7 2.65 7.49 0.77
CA LEU A 7 1.20 7.46 0.97
C LEU A 7 0.84 8.53 1.98
N VAL A 8 0.08 9.49 1.54
CA VAL A 8 -0.26 10.63 2.36
C VAL A 8 -1.76 10.74 2.55
N PHE A 9 -2.18 11.19 3.71
CA PHE A 9 -3.57 11.43 3.98
C PHE A 9 -3.89 12.91 3.79
N ASP A 10 -4.98 13.18 3.10
CA ASP A 10 -5.40 14.56 2.87
C ASP A 10 -6.80 14.76 3.45
N ASN A 11 -7.12 15.99 3.81
CA ASN A 11 -8.39 16.30 4.47
C ASN A 11 -9.49 16.56 3.45
N ALA A 12 -9.18 16.42 2.17
CA ALA A 12 -10.21 16.48 1.13
C ALA A 12 -11.23 15.39 1.34
N SER A 13 -12.51 15.74 1.28
CA SER A 13 -13.59 14.79 1.52
C SER A 13 -13.47 14.18 2.92
N ASN A 14 -12.79 14.91 3.80
CA ASN A 14 -12.53 14.47 5.17
C ASN A 14 -11.78 13.14 5.19
N GLY A 15 -10.99 12.90 4.16
CA GLY A 15 -10.21 11.69 4.11
C GLY A 15 -9.89 11.27 2.69
N THR A 16 -8.68 11.54 2.26
CA THR A 16 -8.23 11.11 0.94
C THR A 16 -6.80 10.55 1.04
N LEU A 17 -6.48 9.62 0.15
CA LEU A 17 -5.13 9.09 0.07
C LEU A 17 -4.42 9.68 -1.12
N PHE A 18 -3.13 9.87 -0.95
CA PHE A 18 -2.31 10.54 -1.92
C PHE A 18 -1.00 9.79 -2.08
N ILE A 19 -0.64 9.48 -3.32
CA ILE A 19 0.64 8.86 -3.61
C ILE A 19 1.53 9.86 -4.33
N VAL A 20 2.56 10.31 -3.64
CA VAL A 20 3.44 11.32 -4.16
C VAL A 20 4.62 10.69 -4.91
N TRP A 21 4.78 11.07 -6.16
CA TRP A 21 5.95 10.66 -6.93
C TRP A 21 6.95 11.80 -6.98
N LYS A 22 8.03 11.64 -6.24
CA LYS A 22 8.98 12.71 -6.04
C LYS A 22 10.39 12.15 -5.86
N LYS A 23 11.34 13.06 -5.76
CA LYS A 23 12.74 12.73 -5.55
C LYS A 23 13.18 13.32 -4.23
N GLU A 24 12.19 13.65 -3.42
CA GLU A 24 12.39 14.31 -2.15
C GLU A 24 11.67 13.51 -1.04
N LYS A 25 12.10 13.68 0.18
CA LYS A 25 11.50 12.97 1.30
C LYS A 25 10.31 13.76 1.86
N VAL A 26 9.11 13.44 1.39
CA VAL A 26 7.91 14.08 1.91
C VAL A 26 7.57 13.46 3.26
N GLU A 27 7.08 14.27 4.17
CA GLU A 27 6.79 13.81 5.51
C GLU A 27 5.28 13.69 5.72
N ASN A 28 4.90 13.18 6.88
CA ASN A 28 3.49 12.97 7.25
C ASN A 28 2.84 11.94 6.34
N ALA A 29 3.60 10.90 6.02
CA ALA A 29 3.13 9.82 5.18
C ALA A 29 2.93 8.55 6.01
N LEU A 30 1.99 7.72 5.58
CA LEU A 30 1.66 6.49 6.30
C LEU A 30 2.37 5.30 5.67
N MET A 31 2.70 5.43 4.39
CA MET A 31 3.37 4.36 3.66
C MET A 31 4.35 4.91 2.63
N PHE A 32 5.17 4.04 2.07
CA PHE A 32 6.23 4.44 1.14
C PHE A 32 6.49 3.34 0.10
N ILE A 33 7.00 3.74 -1.05
CA ILE A 33 7.40 2.82 -2.11
C ILE A 33 8.82 3.12 -2.52
N LYS A 34 9.66 2.11 -2.50
CA LYS A 34 11.04 2.28 -2.92
C LYS A 34 11.27 1.51 -4.22
N PRO A 35 11.46 2.20 -5.34
CA PRO A 35 11.68 1.56 -6.63
C PRO A 35 13.06 0.93 -6.74
N THR A 36 13.09 -0.32 -7.16
CA THR A 36 14.34 -0.99 -7.47
C THR A 36 14.79 -0.62 -8.86
N LYS A 37 13.84 -0.65 -9.77
CA LYS A 37 14.07 -0.23 -11.15
C LYS A 37 13.83 1.27 -11.27
N GLU A 38 14.33 1.85 -12.36
CA GLU A 38 14.17 3.27 -12.62
C GLU A 38 12.69 3.65 -12.65
N VAL A 39 12.36 4.76 -12.03
CA VAL A 39 10.98 5.20 -11.90
C VAL A 39 10.52 5.91 -13.15
N PRO A 40 9.30 5.59 -13.60
CA PRO A 40 8.68 6.20 -14.79
C PRO A 40 8.76 7.72 -14.75
N GLU A 41 9.39 8.29 -15.77
CA GLU A 41 9.66 9.71 -15.80
C GLU A 41 8.41 10.51 -16.13
N PHE A 42 7.54 9.96 -16.97
CA PHE A 42 6.36 10.69 -17.39
C PHE A 42 5.38 10.84 -16.24
N LYS A 43 5.44 9.90 -15.31
CA LYS A 43 4.57 9.93 -14.15
C LYS A 43 4.92 11.11 -13.23
N PHE A 44 6.16 11.56 -13.33
CA PHE A 44 6.59 12.72 -12.56
C PHE A 44 6.08 14.01 -13.20
N VAL A 45 6.22 14.10 -14.51
CA VAL A 45 5.91 15.32 -15.24
C VAL A 45 4.40 15.50 -15.46
N ASN A 46 3.71 14.41 -15.78
CA ASN A 46 2.27 14.49 -16.09
C ASN A 46 1.46 14.67 -14.81
N ARG A 47 1.85 13.97 -13.76
CA ARG A 47 1.14 14.05 -12.50
C ARG A 47 1.64 15.20 -11.63
N ASN A 48 2.80 15.74 -12.02
CA ASN A 48 3.43 16.84 -11.28
C ASN A 48 3.85 16.38 -9.89
N GLY A 49 3.81 15.06 -9.68
CA GLY A 49 4.15 14.50 -8.39
C GLY A 49 2.91 14.24 -7.55
N LYS A 50 1.78 14.80 -7.96
CA LYS A 50 0.55 14.66 -7.21
C LYS A 50 -0.41 13.67 -7.86
N ASN A 51 -0.86 12.70 -7.08
CA ASN A 51 -1.89 11.77 -7.54
C ASN A 51 -2.75 11.32 -6.36
N GLU A 52 -4.04 11.61 -6.43
CA GLU A 52 -4.96 11.17 -5.39
C GLU A 52 -5.48 9.78 -5.69
N LEU A 53 -5.43 8.94 -4.68
CA LEU A 53 -5.76 7.53 -4.81
C LEU A 53 -7.24 7.27 -4.57
N ILE A 54 -7.70 7.61 -3.37
CA ILE A 54 -9.07 7.34 -2.97
C ILE A 54 -9.52 8.39 -1.96
N ARG A 55 -10.80 8.76 -2.00
CA ARG A 55 -11.29 9.82 -1.14
C ARG A 55 -12.54 9.40 -0.38
N ASN A 56 -12.95 10.26 0.55
CA ASN A 56 -14.13 10.06 1.38
C ASN A 56 -13.92 8.89 2.35
N LEU A 57 -12.75 8.88 2.97
CA LEU A 57 -12.40 7.84 3.92
C LEU A 57 -13.15 8.02 5.24
N GLN A 58 -13.65 9.22 5.46
CA GLN A 58 -14.46 9.53 6.64
C GLN A 58 -15.63 8.57 6.77
N SER A 59 -16.31 8.38 5.65
CA SER A 59 -17.58 7.70 5.64
C SER A 59 -17.42 6.19 5.49
N ASP A 60 -16.17 5.74 5.40
CA ASP A 60 -15.88 4.31 5.37
C ASP A 60 -14.39 4.06 5.51
N LYS A 61 -14.03 3.31 6.53
CA LYS A 61 -12.63 3.03 6.84
C LYS A 61 -11.99 2.12 5.82
N LYS A 62 -12.76 1.15 5.35
CA LYS A 62 -12.24 0.14 4.44
C LYS A 62 -11.71 0.78 3.16
N LEU A 63 -12.20 1.97 2.85
CA LEU A 63 -11.69 2.73 1.73
C LEU A 63 -10.21 3.04 1.91
N PHE A 64 -9.77 3.33 3.13
CA PHE A 64 -8.35 3.53 3.41
C PHE A 64 -7.60 2.23 3.17
N TYR A 65 -8.23 1.10 3.50
CA TYR A 65 -7.59 -0.20 3.34
C TYR A 65 -7.28 -0.43 1.88
N SER A 66 -8.32 -0.34 1.05
CA SER A 66 -8.20 -0.52 -0.38
C SER A 66 -7.37 0.61 -1.00
N GLY A 67 -7.44 1.80 -0.42
CA GLY A 67 -6.58 2.88 -0.88
C GLY A 67 -5.13 2.51 -0.76
N ILE A 68 -4.81 1.78 0.31
CA ILE A 68 -3.49 1.21 0.48
C ILE A 68 -3.14 0.25 -0.65
N CYS A 69 -4.09 -0.62 -1.01
CA CYS A 69 -3.84 -1.59 -2.07
C CYS A 69 -3.58 -0.88 -3.39
N GLN A 70 -4.32 0.20 -3.59
CA GLN A 70 -4.13 1.07 -4.76
C GLN A 70 -2.75 1.70 -4.74
N PHE A 71 -2.25 1.95 -3.54
CA PHE A 71 -0.92 2.50 -3.36
C PHE A 71 0.15 1.47 -3.71
N VAL A 72 0.02 0.26 -3.16
CA VAL A 72 0.97 -0.81 -3.47
C VAL A 72 0.83 -1.23 -4.92
N LYS A 73 -0.35 -1.01 -5.47
CA LYS A 73 -0.63 -1.28 -6.87
C LYS A 73 0.41 -0.61 -7.75
N GLU A 74 0.70 0.64 -7.42
CA GLU A 74 1.65 1.44 -8.18
C GLU A 74 3.06 0.86 -8.01
N ALA A 75 3.35 0.37 -6.81
CA ALA A 75 4.63 -0.26 -6.54
C ALA A 75 4.85 -1.49 -7.43
N LYS A 76 3.76 -2.22 -7.73
CA LYS A 76 3.85 -3.36 -8.64
C LYS A 76 4.00 -2.85 -10.07
N ASP A 77 3.54 -1.63 -10.30
CA ASP A 77 3.50 -1.04 -11.64
C ASP A 77 4.88 -0.57 -12.07
N ILE A 78 5.59 0.11 -11.18
CA ILE A 78 6.91 0.64 -11.50
C ILE A 78 7.98 -0.39 -11.16
N LYS A 79 7.52 -1.43 -10.47
CA LYS A 79 8.35 -2.54 -10.04
C LYS A 79 9.33 -2.12 -8.96
N GLY A 80 8.76 -1.73 -7.82
CA GLY A 80 9.57 -1.36 -6.69
C GLY A 80 9.36 -2.25 -5.49
N LYS A 81 9.60 -1.70 -4.32
CA LYS A 81 9.37 -2.36 -3.05
C LYS A 81 8.39 -1.55 -2.24
N LEU A 82 7.65 -2.20 -1.36
CA LEU A 82 6.63 -1.52 -0.58
C LEU A 82 7.10 -1.37 0.87
N THR A 83 6.91 -0.19 1.42
CA THR A 83 7.28 0.09 2.79
C THR A 83 6.08 0.59 3.59
N LEU A 84 5.83 -0.04 4.73
CA LEU A 84 4.76 0.38 5.62
C LEU A 84 5.35 1.22 6.74
N LEU A 85 5.04 2.51 6.75
CA LEU A 85 5.46 3.38 7.83
C LEU A 85 4.48 3.23 8.99
N GLN A 86 4.97 3.18 10.21
CA GLN A 86 4.08 3.00 11.33
C GLN A 86 4.21 4.16 12.31
N HIS A 87 3.05 4.63 12.75
CA HIS A 87 2.91 5.83 13.61
C HIS A 87 1.52 6.39 13.41
N PHE A 88 0.97 6.17 12.21
CA PHE A 88 -0.37 6.61 11.88
C PHE A 88 -1.42 5.91 12.73
N ASP A 89 -1.05 4.75 13.26
CA ASP A 89 -1.98 3.89 13.98
C ASP A 89 -2.43 4.50 15.31
N SER A 90 -1.70 5.50 15.79
CA SER A 90 -2.08 6.15 17.03
C SER A 90 -2.95 7.39 16.76
N SER A 91 -2.83 7.97 15.59
CA SER A 91 -3.59 9.16 15.25
C SER A 91 -4.83 8.80 14.43
N PHE A 92 -4.71 7.80 13.59
CA PHE A 92 -5.82 7.33 12.77
C PHE A 92 -6.51 6.16 13.43
N PRO A 93 -7.84 6.11 13.38
CA PRO A 93 -8.62 5.03 13.98
C PRO A 93 -8.60 3.74 13.14
N ILE A 94 -7.60 3.63 12.26
CA ILE A 94 -7.44 2.45 11.43
C ILE A 94 -6.07 1.83 11.66
N LYS A 95 -6.06 0.59 12.12
CA LYS A 95 -4.81 -0.11 12.41
C LYS A 95 -4.78 -1.42 11.63
N VAL A 96 -3.78 -1.59 10.77
CA VAL A 96 -3.78 -2.72 9.84
C VAL A 96 -2.39 -3.30 9.62
N ASP A 97 -2.35 -4.46 8.97
CA ASP A 97 -1.11 -5.11 8.59
C ASP A 97 -1.18 -5.56 7.14
N LEU A 98 -0.12 -5.30 6.40
CA LEU A 98 -0.06 -5.63 4.98
C LEU A 98 0.55 -7.02 4.80
N TYR A 99 -0.06 -7.83 3.94
CA TYR A 99 0.49 -9.14 3.61
C TYR A 99 0.67 -9.29 2.11
N PHE A 100 1.76 -9.94 1.72
CA PHE A 100 2.04 -10.20 0.32
C PHE A 100 1.94 -11.69 0.02
N LEU A 101 1.63 -12.00 -1.22
CA LEU A 101 1.58 -13.37 -1.71
C LEU A 101 2.64 -13.53 -2.80
N LYS A 102 3.58 -14.46 -2.61
CA LYS A 102 4.55 -14.75 -3.66
C LYS A 102 4.67 -16.24 -3.90
N GLY A 103 4.18 -16.68 -5.05
CA GLY A 103 4.19 -18.09 -5.37
C GLY A 103 3.14 -18.82 -4.58
N SER A 104 3.57 -19.49 -3.52
CA SER A 104 2.65 -20.11 -2.59
C SER A 104 2.95 -19.62 -1.18
N LYS A 105 3.96 -18.78 -1.04
CA LYS A 105 4.37 -18.30 0.26
C LYS A 105 3.79 -16.92 0.53
N VAL A 106 2.97 -16.83 1.57
CA VAL A 106 2.46 -15.56 2.03
C VAL A 106 3.44 -14.94 3.02
N MET A 107 3.74 -13.67 2.83
CA MET A 107 4.72 -12.98 3.65
C MET A 107 4.16 -11.64 4.12
N PRO A 108 4.16 -11.38 5.43
CA PRO A 108 3.70 -10.10 5.98
C PRO A 108 4.70 -8.98 5.74
N LEU A 109 4.20 -7.75 5.69
CA LEU A 109 5.05 -6.59 5.49
C LEU A 109 5.65 -6.14 6.81
N ASN A 110 6.92 -5.77 6.76
CA ASN A 110 7.61 -5.35 7.97
C ASN A 110 7.67 -3.82 8.05
N THR A 111 7.52 -3.31 9.26
CA THR A 111 7.45 -1.87 9.50
C THR A 111 8.68 -1.13 8.98
N GLY A 112 8.45 -0.20 8.07
CA GLY A 112 9.51 0.65 7.54
C GLY A 112 10.57 -0.12 6.80
N GLU A 113 10.18 -1.18 6.11
CA GLU A 113 11.10 -1.96 5.32
C GLU A 113 10.60 -2.06 3.89
N PRO A 114 11.45 -1.73 2.91
CA PRO A 114 11.15 -1.96 1.51
C PRO A 114 11.07 -3.45 1.21
N PHE A 115 9.87 -3.90 0.92
CA PHE A 115 9.60 -5.32 0.74
C PHE A 115 9.17 -5.57 -0.70
N VAL A 116 9.70 -6.64 -1.28
CA VAL A 116 9.49 -6.93 -2.70
C VAL A 116 8.01 -7.04 -3.06
N VAL A 117 7.56 -6.16 -3.94
CA VAL A 117 6.18 -6.14 -4.40
C VAL A 117 6.13 -6.30 -5.93
N GLN A 118 7.26 -6.06 -6.57
CA GLN A 118 7.36 -6.03 -8.03
C GLN A 118 6.86 -7.32 -8.68
N ASP A 119 7.28 -8.46 -8.13
CA ASP A 119 6.96 -9.75 -8.74
C ASP A 119 6.12 -10.62 -7.82
N ILE A 120 5.16 -10.02 -7.16
CA ILE A 120 4.30 -10.77 -6.26
C ILE A 120 3.10 -11.36 -7.01
N ASP A 121 2.26 -12.08 -6.30
CA ASP A 121 1.05 -12.63 -6.86
C ASP A 121 -0.14 -11.81 -6.43
N ALA A 122 -0.16 -11.45 -5.16
CA ALA A 122 -1.24 -10.65 -4.62
C ALA A 122 -0.80 -9.93 -3.34
N MET A 123 -1.52 -8.88 -3.00
CA MET A 123 -1.34 -8.22 -1.72
C MET A 123 -2.70 -7.98 -1.06
N SER A 124 -2.72 -7.91 0.27
CA SER A 124 -3.94 -7.58 1.00
C SER A 124 -3.63 -6.66 2.16
N VAL A 125 -4.69 -6.08 2.71
CA VAL A 125 -4.56 -5.30 3.93
C VAL A 125 -5.58 -5.81 4.95
N LEU A 126 -5.10 -6.50 5.98
CA LEU A 126 -5.98 -7.01 7.02
C LEU A 126 -5.83 -6.15 8.27
N PRO A 127 -6.93 -5.81 8.94
CA PRO A 127 -6.88 -5.07 10.19
C PRO A 127 -6.67 -5.97 11.41
N LYS A 128 -5.55 -5.72 12.11
CA LYS A 128 -5.19 -6.38 13.38
C LYS A 128 -5.26 -7.92 13.34
N GLY A 129 -6.44 -8.49 13.19
CA GLY A 129 -6.57 -9.92 13.01
C GLY A 129 -6.09 -10.35 11.63
N SER A 130 -4.86 -9.96 11.32
CA SER A 130 -4.24 -10.20 10.03
C SER A 130 -3.91 -11.67 9.84
N SER A 131 -4.12 -12.45 10.90
CA SER A 131 -3.88 -13.88 10.87
C SER A 131 -4.78 -14.59 9.86
N SER A 132 -5.70 -13.84 9.24
CA SER A 132 -6.47 -14.33 8.10
C SER A 132 -5.54 -14.94 7.06
N LEU A 133 -4.47 -14.23 6.78
CA LEU A 133 -3.55 -14.62 5.73
C LEU A 133 -2.15 -14.91 6.30
N LYS A 134 -2.09 -15.22 7.58
CA LYS A 134 -0.83 -15.51 8.24
C LYS A 134 -0.64 -17.02 8.42
N VAL A 135 -0.20 -17.68 7.36
CA VAL A 135 0.00 -19.12 7.40
C VAL A 135 1.30 -19.49 6.65
N LYS A 136 1.74 -20.73 6.77
CA LYS A 136 2.98 -21.17 6.15
C LYS A 136 2.94 -20.99 4.64
N THR A 137 1.84 -21.42 4.03
CA THR A 137 1.68 -21.34 2.59
C THR A 137 0.24 -21.01 2.23
N MET A 138 0.07 -20.26 1.15
CA MET A 138 -1.23 -19.73 0.78
C MET A 138 -1.43 -19.67 -0.72
N ALA A 139 -2.69 -19.72 -1.13
CA ALA A 139 -3.07 -19.56 -2.52
C ALA A 139 -3.33 -18.10 -2.86
N LYS A 140 -2.92 -17.69 -4.06
CA LYS A 140 -3.18 -16.34 -4.54
C LYS A 140 -4.68 -16.09 -4.67
N ASP A 141 -5.40 -17.16 -5.00
CA ASP A 141 -6.84 -17.08 -5.23
C ASP A 141 -7.56 -16.83 -3.92
N MET A 142 -7.09 -17.50 -2.87
CA MET A 142 -7.61 -17.31 -1.54
C MET A 142 -7.20 -15.95 -1.00
N PHE A 143 -5.94 -15.61 -1.23
CA PHE A 143 -5.35 -14.40 -0.66
C PHE A 143 -6.20 -13.16 -0.95
N VAL A 144 -6.46 -12.93 -2.23
CA VAL A 144 -7.28 -11.78 -2.62
C VAL A 144 -8.69 -11.87 -2.06
N SER A 145 -9.31 -13.03 -2.19
CA SER A 145 -10.68 -13.20 -1.71
C SER A 145 -10.75 -12.99 -0.20
N ARG A 146 -9.71 -13.44 0.49
CA ARG A 146 -9.59 -13.26 1.93
C ARG A 146 -9.42 -11.78 2.27
N GLY A 147 -8.45 -11.14 1.65
CA GLY A 147 -8.20 -9.74 1.92
C GLY A 147 -9.39 -8.89 1.54
N ASN A 148 -10.07 -9.28 0.48
CA ASN A 148 -11.24 -8.56 0.01
C ASN A 148 -12.36 -8.56 1.06
N THR A 149 -12.50 -9.65 1.83
CA THR A 149 -13.52 -9.70 2.86
C THR A 149 -13.04 -8.96 4.12
N GLU A 150 -11.72 -8.86 4.27
CA GLU A 150 -11.12 -7.98 5.27
C GLU A 150 -11.22 -6.53 4.79
N GLY A 151 -11.60 -6.39 3.53
CA GLY A 151 -11.92 -5.11 2.95
C GLY A 151 -10.88 -4.58 1.99
N ALA A 152 -9.68 -5.16 1.97
CA ALA A 152 -8.71 -4.78 0.95
C ALA A 152 -7.87 -5.95 0.46
N SER A 153 -7.89 -6.16 -0.83
CA SER A 153 -6.90 -6.99 -1.48
C SER A 153 -6.68 -6.52 -2.90
N ILE A 154 -5.62 -7.02 -3.49
CA ILE A 154 -5.23 -6.63 -4.83
C ILE A 154 -4.39 -7.75 -5.45
N SER A 155 -4.88 -8.31 -6.53
CA SER A 155 -4.24 -9.48 -7.13
C SER A 155 -3.64 -9.15 -8.49
N PHE A 156 -2.52 -9.79 -8.80
CA PHE A 156 -1.90 -9.67 -10.11
C PHE A 156 -2.89 -10.07 -11.20
N GLU A 1 16.84 7.40 -0.01
CA GLU A 1 16.02 7.98 1.09
C GLU A 1 14.87 8.81 0.53
N GLU A 2 15.15 9.64 -0.46
CA GLU A 2 14.15 10.57 -0.97
C GLU A 2 13.33 9.98 -2.11
N LYS A 3 13.99 9.58 -3.20
CA LYS A 3 13.28 9.12 -4.40
C LYS A 3 12.35 7.95 -4.08
N GLY A 4 11.12 8.06 -4.57
CA GLY A 4 10.14 7.02 -4.34
C GLY A 4 8.73 7.59 -4.30
N ALA A 5 7.81 6.83 -3.74
CA ALA A 5 6.43 7.31 -3.60
C ALA A 5 6.02 7.31 -2.13
N TYR A 6 5.12 8.21 -1.78
CA TYR A 6 4.69 8.36 -0.39
C TYR A 6 3.16 8.35 -0.31
N LEU A 7 2.64 7.55 0.61
CA LEU A 7 1.20 7.49 0.87
C LEU A 7 0.84 8.57 1.88
N VAL A 8 -0.01 9.48 1.48
CA VAL A 8 -0.35 10.62 2.32
C VAL A 8 -1.85 10.66 2.56
N PHE A 9 -2.26 11.21 3.69
CA PHE A 9 -3.66 11.47 3.96
C PHE A 9 -3.98 12.92 3.63
N ASP A 10 -5.08 13.12 2.92
CA ASP A 10 -5.56 14.45 2.64
C ASP A 10 -6.97 14.59 3.19
N ASN A 11 -7.33 15.79 3.64
CA ASN A 11 -8.64 15.98 4.26
C ASN A 11 -9.64 16.51 3.24
N ALA A 12 -9.43 16.15 1.97
CA ALA A 12 -10.28 16.62 0.89
C ALA A 12 -11.72 16.19 1.09
N SER A 13 -12.01 14.94 0.79
CA SER A 13 -13.34 14.40 1.02
C SER A 13 -13.45 13.92 2.46
N ASN A 14 -12.98 14.77 3.38
CA ASN A 14 -12.92 14.46 4.80
C ASN A 14 -12.09 13.21 5.04
N GLY A 15 -11.20 12.92 4.11
CA GLY A 15 -10.38 11.72 4.20
C GLY A 15 -10.09 11.16 2.84
N THR A 16 -8.87 11.36 2.38
CA THR A 16 -8.46 10.89 1.07
C THR A 16 -7.01 10.41 1.13
N LEU A 17 -6.64 9.49 0.25
CA LEU A 17 -5.27 9.04 0.17
C LEU A 17 -4.60 9.66 -1.03
N PHE A 18 -3.31 9.86 -0.89
CA PHE A 18 -2.53 10.55 -1.89
C PHE A 18 -1.20 9.84 -2.08
N ILE A 19 -0.88 9.52 -3.31
CA ILE A 19 0.43 8.97 -3.64
C ILE A 19 1.24 10.00 -4.38
N VAL A 20 2.31 10.44 -3.76
CA VAL A 20 3.17 11.44 -4.34
C VAL A 20 4.27 10.79 -5.17
N TRP A 21 4.41 11.24 -6.41
CA TRP A 21 5.52 10.82 -7.24
C TRP A 21 6.52 11.96 -7.33
N LYS A 22 7.65 11.78 -6.67
CA LYS A 22 8.65 12.83 -6.56
C LYS A 22 10.04 12.22 -6.46
N LYS A 23 11.04 13.08 -6.49
CA LYS A 23 12.43 12.66 -6.40
C LYS A 23 13.00 13.15 -5.08
N GLU A 24 12.13 13.69 -4.26
CA GLU A 24 12.51 14.28 -2.98
C GLU A 24 11.80 13.60 -1.84
N LYS A 25 12.09 14.04 -0.63
CA LYS A 25 11.43 13.51 0.56
C LYS A 25 10.04 14.10 0.73
N VAL A 26 9.08 13.25 1.04
CA VAL A 26 7.74 13.67 1.41
C VAL A 26 7.43 13.19 2.82
N GLU A 27 7.37 14.11 3.75
CA GLU A 27 7.07 13.76 5.13
C GLU A 27 5.56 13.71 5.36
N ASN A 28 5.18 13.34 6.59
CA ASN A 28 3.77 13.27 6.98
C ASN A 28 3.06 12.13 6.25
N ALA A 29 3.83 11.17 5.75
CA ALA A 29 3.29 10.07 5.00
C ALA A 29 3.05 8.85 5.89
N LEU A 30 2.11 8.01 5.46
CA LEU A 30 1.71 6.83 6.22
C LEU A 30 2.43 5.60 5.66
N MET A 31 2.77 5.66 4.38
CA MET A 31 3.45 4.55 3.69
C MET A 31 4.40 5.07 2.63
N PHE A 32 5.22 4.18 2.07
CA PHE A 32 6.27 4.57 1.13
C PHE A 32 6.55 3.46 0.12
N ILE A 33 7.02 3.85 -1.05
CA ILE A 33 7.42 2.90 -2.09
C ILE A 33 8.86 3.17 -2.51
N LYS A 34 9.66 2.12 -2.56
CA LYS A 34 11.04 2.25 -3.01
C LYS A 34 11.20 1.58 -4.37
N PRO A 35 11.38 2.36 -5.44
CA PRO A 35 11.65 1.80 -6.76
C PRO A 35 13.06 1.25 -6.89
N THR A 36 13.18 0.01 -7.33
CA THR A 36 14.48 -0.63 -7.53
C THR A 36 15.09 -0.12 -8.83
N LYS A 37 14.23 0.04 -9.82
CA LYS A 37 14.63 0.57 -11.10
C LYS A 37 14.35 2.06 -11.14
N GLU A 38 14.79 2.74 -12.19
CA GLU A 38 14.47 4.13 -12.37
C GLU A 38 13.00 4.29 -12.71
N VAL A 39 12.36 5.21 -12.03
CA VAL A 39 10.93 5.40 -12.14
C VAL A 39 10.57 6.20 -13.37
N PRO A 40 9.50 5.76 -14.07
CA PRO A 40 9.02 6.40 -15.29
C PRO A 40 8.87 7.91 -15.12
N GLU A 41 9.60 8.65 -15.93
CA GLU A 41 9.71 10.09 -15.79
C GLU A 41 8.41 10.79 -16.14
N PHE A 42 7.72 10.28 -17.14
CA PHE A 42 6.48 10.90 -17.60
C PHE A 42 5.35 10.70 -16.60
N LYS A 43 5.45 9.65 -15.80
CA LYS A 43 4.47 9.40 -14.75
C LYS A 43 4.55 10.45 -13.65
N PHE A 44 5.65 11.18 -13.60
CA PHE A 44 5.80 12.27 -12.66
C PHE A 44 5.08 13.51 -13.17
N VAL A 45 5.39 13.88 -14.40
CA VAL A 45 4.87 15.12 -14.99
C VAL A 45 3.37 15.03 -15.25
N ASN A 46 2.91 13.88 -15.73
CA ASN A 46 1.51 13.72 -16.06
C ASN A 46 0.67 13.63 -14.80
N ARG A 47 1.28 13.14 -13.73
CA ARG A 47 0.61 13.02 -12.45
C ARG A 47 0.68 14.34 -11.71
N ASN A 48 1.65 15.18 -12.11
CA ASN A 48 1.94 16.45 -11.43
C ASN A 48 2.58 16.16 -10.07
N GLY A 49 2.89 14.88 -9.86
CA GLY A 49 3.40 14.43 -8.58
C GLY A 49 2.28 14.23 -7.56
N LYS A 50 1.11 14.75 -7.90
CA LYS A 50 -0.04 14.69 -7.01
C LYS A 50 -1.07 13.70 -7.54
N ASN A 51 -1.44 12.74 -6.73
CA ASN A 51 -2.51 11.82 -7.13
C ASN A 51 -3.32 11.36 -5.93
N GLU A 52 -4.60 11.67 -5.96
CA GLU A 52 -5.52 11.19 -4.95
C GLU A 52 -6.00 9.80 -5.33
N LEU A 53 -5.69 8.86 -4.46
CA LEU A 53 -5.94 7.45 -4.71
C LEU A 53 -7.40 7.10 -4.44
N ILE A 54 -7.79 7.26 -3.20
CA ILE A 54 -9.12 6.88 -2.77
C ILE A 54 -9.63 7.92 -1.78
N ARG A 55 -10.92 8.19 -1.79
CA ARG A 55 -11.44 9.32 -1.03
C ARG A 55 -12.66 8.96 -0.20
N ASN A 56 -13.06 9.91 0.64
CA ASN A 56 -14.23 9.80 1.52
C ASN A 56 -14.01 8.71 2.57
N LEU A 57 -12.80 8.67 3.10
CA LEU A 57 -12.42 7.70 4.13
C LEU A 57 -13.21 7.95 5.41
N GLN A 58 -13.75 9.15 5.52
CA GLN A 58 -14.62 9.53 6.64
C GLN A 58 -15.80 8.59 6.77
N SER A 59 -16.43 8.32 5.64
CA SER A 59 -17.67 7.59 5.61
C SER A 59 -17.43 6.09 5.58
N ASP A 60 -16.19 5.71 5.34
CA ASP A 60 -15.81 4.31 5.31
C ASP A 60 -14.31 4.16 5.50
N LYS A 61 -13.92 3.49 6.57
CA LYS A 61 -12.50 3.33 6.89
C LYS A 61 -11.86 2.30 5.99
N LYS A 62 -12.65 1.33 5.58
CA LYS A 62 -12.17 0.24 4.73
C LYS A 62 -11.62 0.77 3.41
N LEU A 63 -12.10 1.92 3.00
CA LEU A 63 -11.55 2.61 1.85
C LEU A 63 -10.06 2.90 2.01
N PHE A 64 -9.65 3.26 3.23
CA PHE A 64 -8.23 3.49 3.50
C PHE A 64 -7.44 2.20 3.30
N TYR A 65 -8.09 1.07 3.60
CA TYR A 65 -7.46 -0.23 3.46
C TYR A 65 -7.12 -0.47 1.99
N SER A 66 -8.14 -0.38 1.14
CA SER A 66 -7.97 -0.60 -0.27
C SER A 66 -7.09 0.47 -0.89
N GLY A 67 -7.19 1.70 -0.38
CA GLY A 67 -6.32 2.75 -0.85
C GLY A 67 -4.85 2.38 -0.70
N ILE A 68 -4.58 1.60 0.33
CA ILE A 68 -3.25 1.04 0.55
C ILE A 68 -2.86 0.08 -0.58
N CYS A 69 -3.76 -0.84 -0.93
CA CYS A 69 -3.45 -1.83 -1.97
C CYS A 69 -3.25 -1.12 -3.30
N GLN A 70 -4.06 -0.09 -3.52
CA GLN A 70 -3.95 0.74 -4.71
C GLN A 70 -2.60 1.47 -4.71
N PHE A 71 -2.09 1.76 -3.52
CA PHE A 71 -0.78 2.37 -3.35
C PHE A 71 0.33 1.38 -3.67
N VAL A 72 0.25 0.19 -3.08
CA VAL A 72 1.26 -0.86 -3.32
C VAL A 72 1.23 -1.27 -4.79
N LYS A 73 0.08 -1.06 -5.41
CA LYS A 73 -0.12 -1.39 -6.81
C LYS A 73 0.88 -0.67 -7.69
N GLU A 74 1.15 0.58 -7.38
CA GLU A 74 2.14 1.37 -8.12
C GLU A 74 3.53 0.78 -7.92
N ALA A 75 3.77 0.24 -6.74
CA ALA A 75 5.03 -0.39 -6.44
C ALA A 75 5.21 -1.68 -7.24
N LYS A 76 4.10 -2.37 -7.51
CA LYS A 76 4.15 -3.55 -8.37
C LYS A 76 4.35 -3.11 -9.82
N ASP A 77 3.99 -1.86 -10.09
CA ASP A 77 4.02 -1.31 -11.44
C ASP A 77 5.43 -0.92 -11.85
N ILE A 78 6.15 -0.28 -10.96
CA ILE A 78 7.51 0.16 -11.28
C ILE A 78 8.51 -0.89 -10.85
N LYS A 79 7.96 -1.87 -10.12
CA LYS A 79 8.71 -3.02 -9.64
C LYS A 79 9.70 -2.63 -8.55
N GLY A 80 9.20 -2.01 -7.51
CA GLY A 80 10.04 -1.64 -6.40
C GLY A 80 9.78 -2.44 -5.14
N LYS A 81 9.88 -1.75 -4.02
CA LYS A 81 9.63 -2.32 -2.71
C LYS A 81 8.53 -1.52 -2.03
N LEU A 82 7.85 -2.12 -1.08
CA LEU A 82 6.81 -1.42 -0.35
C LEU A 82 7.22 -1.24 1.11
N THR A 83 7.07 -0.02 1.61
CA THR A 83 7.42 0.30 2.98
C THR A 83 6.20 0.82 3.74
N LEU A 84 5.88 0.17 4.84
CA LEU A 84 4.81 0.62 5.71
C LEU A 84 5.38 1.50 6.81
N LEU A 85 5.15 2.79 6.73
CA LEU A 85 5.61 3.72 7.75
C LEU A 85 4.69 3.63 8.96
N GLN A 86 5.22 3.87 10.16
CA GLN A 86 4.39 3.90 11.33
C GLN A 86 4.51 5.25 12.03
N HIS A 87 3.36 5.78 12.45
CA HIS A 87 3.23 7.14 12.97
C HIS A 87 1.77 7.54 12.90
N PHE A 88 1.18 7.36 11.72
CA PHE A 88 -0.23 7.65 11.49
C PHE A 88 -1.14 6.91 12.46
N ASP A 89 -0.74 5.72 12.85
CA ASP A 89 -1.57 4.82 13.65
C ASP A 89 -1.82 5.37 15.06
N SER A 90 -1.02 6.36 15.46
CA SER A 90 -1.19 6.98 16.77
C SER A 90 -2.20 8.13 16.70
N SER A 91 -2.45 8.63 15.49
CA SER A 91 -3.36 9.75 15.30
C SER A 91 -4.63 9.28 14.58
N PHE A 92 -4.46 8.33 13.67
CA PHE A 92 -5.57 7.76 12.93
C PHE A 92 -6.03 6.47 13.59
N PRO A 93 -7.36 6.21 13.58
CA PRO A 93 -7.94 5.03 14.21
C PRO A 93 -7.75 3.76 13.40
N ILE A 94 -7.28 3.88 12.17
CA ILE A 94 -7.14 2.73 11.30
C ILE A 94 -5.78 2.09 11.42
N LYS A 95 -5.75 0.90 11.97
CA LYS A 95 -4.54 0.11 12.04
C LYS A 95 -4.76 -1.24 11.39
N VAL A 96 -3.77 -1.68 10.64
CA VAL A 96 -3.91 -2.82 9.74
C VAL A 96 -2.56 -3.53 9.54
N ASP A 97 -2.59 -4.64 8.82
CA ASP A 97 -1.37 -5.38 8.49
C ASP A 97 -1.36 -5.75 7.01
N LEU A 98 -0.21 -5.57 6.38
CA LEU A 98 -0.04 -5.83 4.95
C LEU A 98 0.57 -7.20 4.70
N TYR A 99 0.01 -7.93 3.77
CA TYR A 99 0.54 -9.25 3.41
C TYR A 99 0.73 -9.36 1.90
N PHE A 100 1.82 -10.00 1.50
CA PHE A 100 2.09 -10.24 0.08
C PHE A 100 1.98 -11.71 -0.26
N LEU A 101 1.55 -11.97 -1.48
CA LEU A 101 1.48 -13.31 -2.03
C LEU A 101 2.59 -13.46 -3.07
N LYS A 102 3.52 -14.37 -2.85
CA LYS A 102 4.52 -14.67 -3.86
C LYS A 102 4.54 -16.17 -4.15
N GLY A 103 4.05 -16.54 -5.32
CA GLY A 103 3.93 -17.94 -5.68
C GLY A 103 2.84 -18.62 -4.88
N SER A 104 3.23 -19.34 -3.85
CA SER A 104 2.28 -19.93 -2.92
C SER A 104 2.65 -19.53 -1.49
N LYS A 105 3.75 -18.80 -1.35
CA LYS A 105 4.23 -18.41 -0.04
C LYS A 105 3.82 -16.97 0.28
N VAL A 106 2.98 -16.82 1.28
CA VAL A 106 2.57 -15.50 1.75
C VAL A 106 3.60 -14.95 2.74
N MET A 107 3.85 -13.64 2.64
CA MET A 107 4.77 -12.96 3.54
C MET A 107 4.21 -11.60 3.95
N PRO A 108 4.08 -11.36 5.27
CA PRO A 108 3.63 -10.07 5.79
C PRO A 108 4.68 -8.97 5.62
N LEU A 109 4.22 -7.73 5.60
CA LEU A 109 5.11 -6.58 5.45
C LEU A 109 5.69 -6.19 6.80
N ASN A 110 6.99 -5.94 6.82
CA ASN A 110 7.66 -5.51 8.03
C ASN A 110 7.64 -3.98 8.09
N THR A 111 7.24 -3.46 9.24
CA THR A 111 7.06 -2.02 9.43
C THR A 111 8.34 -1.24 9.10
N GLY A 112 8.23 -0.33 8.15
CA GLY A 112 9.33 0.55 7.79
C GLY A 112 10.45 -0.15 7.07
N GLU A 113 10.18 -1.34 6.55
CA GLU A 113 11.15 -2.07 5.77
C GLU A 113 10.67 -2.17 4.34
N PRO A 114 11.47 -1.67 3.39
CA PRO A 114 11.18 -1.84 1.98
C PRO A 114 11.20 -3.32 1.62
N PHE A 115 10.04 -3.85 1.32
CA PHE A 115 9.88 -5.28 1.11
C PHE A 115 9.48 -5.56 -0.32
N VAL A 116 9.98 -6.68 -0.85
CA VAL A 116 9.81 -7.03 -2.25
C VAL A 116 8.34 -7.10 -2.67
N VAL A 117 7.93 -6.12 -3.45
CA VAL A 117 6.60 -6.10 -4.03
C VAL A 117 6.71 -6.29 -5.55
N GLN A 118 7.93 -6.22 -6.05
CA GLN A 118 8.16 -6.37 -7.48
C GLN A 118 7.91 -7.81 -7.90
N ASP A 119 6.97 -7.96 -8.82
CA ASP A 119 6.61 -9.28 -9.37
C ASP A 119 6.06 -10.19 -8.27
N ILE A 120 5.26 -9.62 -7.38
CA ILE A 120 4.48 -10.43 -6.46
C ILE A 120 3.30 -11.01 -7.21
N ASP A 121 2.53 -11.83 -6.54
CA ASP A 121 1.32 -12.35 -7.13
C ASP A 121 0.14 -11.49 -6.72
N ALA A 122 0.07 -11.19 -5.44
CA ALA A 122 -1.01 -10.39 -4.93
C ALA A 122 -0.62 -9.74 -3.61
N MET A 123 -1.38 -8.74 -3.19
CA MET A 123 -1.25 -8.16 -1.86
C MET A 123 -2.64 -7.97 -1.25
N SER A 124 -2.74 -8.02 0.07
CA SER A 124 -4.00 -7.79 0.77
C SER A 124 -3.74 -7.10 2.11
N VAL A 125 -4.75 -6.40 2.61
CA VAL A 125 -4.61 -5.66 3.85
C VAL A 125 -5.70 -6.08 4.84
N LEU A 126 -5.31 -6.78 5.90
CA LEU A 126 -6.27 -7.19 6.93
C LEU A 126 -6.08 -6.31 8.16
N PRO A 127 -7.18 -5.92 8.82
CA PRO A 127 -7.10 -5.15 10.05
C PRO A 127 -6.87 -6.04 11.28
N LYS A 128 -5.77 -5.77 11.99
CA LYS A 128 -5.37 -6.48 13.20
C LYS A 128 -5.25 -8.00 13.01
N GLY A 129 -6.37 -8.68 12.87
CA GLY A 129 -6.38 -10.13 12.67
C GLY A 129 -5.88 -10.52 11.30
N SER A 130 -4.58 -10.41 11.10
CA SER A 130 -3.95 -10.72 9.84
C SER A 130 -3.81 -12.23 9.67
N SER A 131 -4.16 -12.97 10.71
CA SER A 131 -4.11 -14.43 10.71
C SER A 131 -4.92 -15.01 9.55
N SER A 132 -5.83 -14.20 9.01
CA SER A 132 -6.59 -14.55 7.82
C SER A 132 -5.67 -15.06 6.72
N LEU A 133 -4.58 -14.35 6.49
CA LEU A 133 -3.65 -14.67 5.43
C LEU A 133 -2.28 -15.05 5.99
N LYS A 134 -2.18 -15.19 7.31
CA LYS A 134 -0.93 -15.58 7.93
C LYS A 134 -0.87 -17.09 8.09
N VAL A 135 -0.50 -17.77 7.01
CA VAL A 135 -0.42 -19.22 7.02
C VAL A 135 0.86 -19.67 6.31
N LYS A 136 1.37 -20.84 6.67
CA LYS A 136 2.61 -21.37 6.10
C LYS A 136 2.66 -21.20 4.57
N THR A 137 1.56 -21.52 3.92
CA THR A 137 1.42 -21.33 2.49
C THR A 137 0.04 -20.81 2.17
N MET A 138 -0.09 -20.03 1.12
CA MET A 138 -1.29 -19.26 0.90
C MET A 138 -1.77 -19.40 -0.54
N ALA A 139 -3.08 -19.51 -0.71
CA ALA A 139 -3.67 -19.60 -2.04
C ALA A 139 -3.95 -18.21 -2.56
N LYS A 140 -3.44 -17.90 -3.74
CA LYS A 140 -3.61 -16.58 -4.33
C LYS A 140 -5.09 -16.27 -4.55
N ASP A 141 -5.88 -17.31 -4.76
CA ASP A 141 -7.30 -17.17 -5.00
C ASP A 141 -8.01 -16.78 -3.71
N MET A 142 -7.58 -17.43 -2.63
CA MET A 142 -8.11 -17.16 -1.31
C MET A 142 -7.53 -15.86 -0.77
N PHE A 143 -6.28 -15.59 -1.13
CA PHE A 143 -5.56 -14.41 -0.65
C PHE A 143 -6.35 -13.14 -0.89
N VAL A 144 -6.72 -12.92 -2.14
CA VAL A 144 -7.51 -11.75 -2.51
C VAL A 144 -8.90 -11.81 -1.88
N SER A 145 -9.53 -12.97 -1.92
CA SER A 145 -10.88 -13.12 -1.38
C SER A 145 -10.89 -12.84 0.14
N ARG A 146 -9.87 -13.34 0.84
CA ARG A 146 -9.72 -13.09 2.27
C ARG A 146 -9.42 -11.63 2.55
N GLY A 147 -8.71 -10.99 1.64
CA GLY A 147 -8.36 -9.60 1.82
C GLY A 147 -9.53 -8.69 1.54
N ASN A 148 -10.21 -8.92 0.43
CA ASN A 148 -11.33 -8.09 0.02
C ASN A 148 -12.46 -8.14 1.06
N THR A 149 -12.61 -9.27 1.73
CA THR A 149 -13.64 -9.41 2.75
C THR A 149 -13.25 -8.62 4.00
N GLU A 150 -11.95 -8.38 4.18
CA GLU A 150 -11.47 -7.52 5.23
C GLU A 150 -11.33 -6.09 4.73
N GLY A 151 -11.65 -5.91 3.47
CA GLY A 151 -11.77 -4.59 2.88
C GLY A 151 -10.65 -4.21 1.92
N ALA A 152 -9.54 -4.93 1.89
CA ALA A 152 -8.53 -4.64 0.89
C ALA A 152 -7.83 -5.87 0.35
N SER A 153 -7.86 -6.01 -0.95
CA SER A 153 -7.02 -6.97 -1.64
C SER A 153 -6.61 -6.44 -3.01
N ILE A 154 -5.59 -7.03 -3.57
CA ILE A 154 -5.14 -6.68 -4.91
C ILE A 154 -4.39 -7.86 -5.52
N SER A 155 -4.92 -8.39 -6.61
CA SER A 155 -4.36 -9.58 -7.24
C SER A 155 -3.94 -9.26 -8.67
N PHE A 156 -2.69 -9.55 -8.99
CA PHE A 156 -2.16 -9.15 -10.26
C PHE A 156 -1.36 -10.28 -10.92
#